data_2D8Z
#
_entry.id   2D8Z
#
loop_
_entity.id
_entity.type
_entity.pdbx_description
1 polymer 'Four and a half LIM domains 2'
2 non-polymer 'ZINC ION'
#
_entity_poly.entity_id   1
_entity_poly.type   'polypeptide(L)'
_entity_poly.pdbx_seq_one_letter_code
;GSSGSSGCVQCKKPITTGGVTYREQPWHKECFVCTACRKQLSGQRFTARDDFAYCLNCFCDLYASGPSSG
;
_entity_poly.pdbx_strand_id   A
#
loop_
_chem_comp.id
_chem_comp.type
_chem_comp.name
_chem_comp.formula
ZN non-polymer 'ZINC ION' 'Zn 2'
#
# COMPACT_ATOMS: atom_id res chain seq x y z
N GLY A 1 -17.42 6.56 24.73
CA GLY A 1 -17.60 7.94 24.30
C GLY A 1 -17.29 8.11 22.82
N SER A 2 -16.86 9.31 22.44
CA SER A 2 -16.54 9.61 21.05
C SER A 2 -15.09 10.05 20.92
N SER A 3 -14.20 9.35 21.62
CA SER A 3 -12.78 9.69 21.58
C SER A 3 -12.02 8.67 20.74
N GLY A 4 -12.06 8.87 19.42
CA GLY A 4 -11.36 7.97 18.52
C GLY A 4 -11.44 8.42 17.07
N SER A 5 -10.31 8.90 16.55
CA SER A 5 -10.24 9.38 15.17
C SER A 5 -9.48 8.41 14.29
N SER A 6 -9.75 8.45 12.99
CA SER A 6 -9.08 7.57 12.04
C SER A 6 -7.69 8.08 11.70
N GLY A 7 -6.67 7.36 12.17
CA GLY A 7 -5.31 7.76 11.91
C GLY A 7 -4.50 6.68 11.22
N CYS A 8 -3.68 7.07 10.26
CA CYS A 8 -2.86 6.13 9.51
C CYS A 8 -2.23 5.09 10.45
N VAL A 9 -2.11 3.87 9.97
CA VAL A 9 -1.52 2.79 10.76
C VAL A 9 -0.04 2.60 10.43
N GLN A 10 0.34 3.00 9.22
CA GLN A 10 1.72 2.88 8.78
C GLN A 10 2.65 3.67 9.69
N CYS A 11 2.54 5.00 9.63
CA CYS A 11 3.37 5.87 10.43
C CYS A 11 2.70 6.17 11.78
N LYS A 12 1.41 5.85 11.87
CA LYS A 12 0.66 6.09 13.10
C LYS A 12 0.36 7.57 13.28
N LYS A 13 -0.13 8.20 12.21
CA LYS A 13 -0.45 9.62 12.26
C LYS A 13 -1.91 9.86 11.84
N PRO A 14 -2.44 11.04 12.20
CA PRO A 14 -3.81 11.42 11.86
C PRO A 14 -4.01 11.66 10.37
N ILE A 15 -5.21 11.36 9.89
CA ILE A 15 -5.52 11.56 8.47
C ILE A 15 -6.63 12.57 8.29
N THR A 16 -6.28 13.75 7.77
CA THR A 16 -7.25 14.81 7.54
C THR A 16 -7.78 14.78 6.12
N THR A 17 -6.87 14.88 5.15
CA THR A 17 -7.24 14.86 3.75
C THR A 17 -6.42 13.85 2.96
N GLY A 18 -6.98 13.35 1.86
CA GLY A 18 -6.27 12.38 1.04
C GLY A 18 -5.86 11.15 1.83
N GLY A 19 -6.80 10.22 2.01
CA GLY A 19 -6.51 9.01 2.75
C GLY A 19 -7.19 7.79 2.16
N VAL A 20 -6.79 6.61 2.62
CA VAL A 20 -7.36 5.36 2.13
C VAL A 20 -7.50 4.34 3.25
N THR A 21 -7.92 3.14 2.90
CA THR A 21 -8.09 2.06 3.87
C THR A 21 -7.63 0.72 3.31
N TYR A 22 -7.23 -0.17 4.20
CA TYR A 22 -6.75 -1.49 3.79
C TYR A 22 -6.84 -2.48 4.95
N ARG A 23 -7.70 -3.49 4.79
CA ARG A 23 -7.89 -4.51 5.82
C ARG A 23 -8.51 -3.89 7.08
N GLU A 24 -9.55 -3.09 6.89
CA GLU A 24 -10.22 -2.44 8.02
C GLU A 24 -9.25 -1.56 8.80
N GLN A 25 -8.33 -0.93 8.08
CA GLN A 25 -7.34 -0.05 8.70
C GLN A 25 -7.03 1.15 7.80
N PRO A 26 -6.86 2.32 8.42
CA PRO A 26 -6.55 3.56 7.69
C PRO A 26 -5.15 3.56 7.11
N TRP A 27 -4.97 4.25 5.99
CA TRP A 27 -3.68 4.32 5.32
C TRP A 27 -3.53 5.65 4.57
N HIS A 28 -2.38 6.29 4.73
CA HIS A 28 -2.11 7.56 4.07
C HIS A 28 -1.91 7.35 2.57
N LYS A 29 -2.32 8.34 1.78
CA LYS A 29 -2.17 8.27 0.33
C LYS A 29 -0.71 8.20 -0.07
N GLU A 30 0.18 8.35 0.91
CA GLU A 30 1.61 8.29 0.66
C GLU A 30 2.26 7.11 1.39
N CYS A 31 1.54 6.56 2.35
CA CYS A 31 2.04 5.43 3.12
C CYS A 31 1.62 4.11 2.49
N PHE A 32 0.45 4.10 1.86
CA PHE A 32 -0.08 2.91 1.21
C PHE A 32 0.63 2.66 -0.13
N VAL A 33 1.97 2.72 -0.09
CA VAL A 33 2.76 2.50 -1.29
C VAL A 33 3.27 1.07 -1.36
N CYS A 34 4.04 0.78 -2.41
CA CYS A 34 4.60 -0.56 -2.59
C CYS A 34 5.57 -0.90 -1.47
N THR A 35 5.94 -2.18 -1.38
CA THR A 35 6.86 -2.64 -0.35
C THR A 35 8.24 -2.89 -0.93
N ALA A 36 8.37 -2.74 -2.25
CA ALA A 36 9.65 -2.96 -2.91
C ALA A 36 10.13 -1.67 -3.59
N CYS A 37 9.19 -0.92 -4.15
CA CYS A 37 9.53 0.33 -4.83
C CYS A 37 8.88 1.52 -4.13
N ARG A 38 8.09 1.24 -3.10
CA ARG A 38 7.40 2.28 -2.34
C ARG A 38 6.65 3.22 -3.28
N LYS A 39 5.86 2.64 -4.18
CA LYS A 39 5.08 3.43 -5.13
C LYS A 39 3.66 3.65 -4.63
N GLN A 40 3.20 4.89 -4.67
CA GLN A 40 1.86 5.23 -4.22
C GLN A 40 0.81 4.39 -4.94
N LEU A 41 0.42 3.28 -4.33
CA LEU A 41 -0.57 2.40 -4.92
C LEU A 41 -1.95 3.07 -4.98
N SER A 42 -2.19 3.96 -4.02
CA SER A 42 -3.46 4.67 -3.95
C SER A 42 -3.82 5.28 -5.30
N GLY A 43 -4.68 4.59 -6.04
CA GLY A 43 -5.10 5.07 -7.35
C GLY A 43 -4.81 4.07 -8.45
N GLN A 44 -3.57 3.63 -8.53
CA GLN A 44 -3.17 2.66 -9.55
C GLN A 44 -3.53 1.24 -9.12
N ARG A 45 -3.22 0.28 -10.00
CA ARG A 45 -3.52 -1.12 -9.71
C ARG A 45 -2.50 -1.71 -8.73
N PHE A 46 -2.97 -2.59 -7.86
CA PHE A 46 -2.11 -3.21 -6.87
C PHE A 46 -2.80 -4.41 -6.22
N THR A 47 -2.01 -5.38 -5.78
CA THR A 47 -2.54 -6.58 -5.15
C THR A 47 -1.56 -7.14 -4.13
N ALA A 48 -2.07 -7.43 -2.93
CA ALA A 48 -1.24 -7.98 -1.86
C ALA A 48 -1.01 -9.47 -2.06
N ARG A 49 0.14 -9.95 -1.59
CA ARG A 49 0.49 -11.36 -1.71
C ARG A 49 0.09 -12.14 -0.46
N ASP A 50 0.56 -11.65 0.70
CA ASP A 50 0.25 -12.29 1.97
C ASP A 50 -0.17 -11.26 3.01
N ASP A 51 0.70 -10.27 3.24
CA ASP A 51 0.42 -9.22 4.21
C ASP A 51 0.74 -7.85 3.63
N PHE A 52 1.86 -7.76 2.93
CA PHE A 52 2.27 -6.50 2.31
C PHE A 52 1.69 -6.35 0.92
N ALA A 53 1.73 -5.12 0.40
CA ALA A 53 1.20 -4.85 -0.93
C ALA A 53 2.33 -4.66 -1.95
N TYR A 54 2.22 -5.37 -3.07
CA TYR A 54 3.23 -5.27 -4.12
C TYR A 54 2.60 -4.94 -5.46
N CYS A 55 2.92 -3.76 -5.99
CA CYS A 55 2.38 -3.32 -7.26
C CYS A 55 2.65 -4.35 -8.36
N LEU A 56 1.68 -4.56 -9.24
CA LEU A 56 1.81 -5.51 -10.33
C LEU A 56 3.26 -5.60 -10.79
N ASN A 57 3.84 -4.46 -11.15
CA ASN A 57 5.22 -4.42 -11.61
C ASN A 57 6.11 -5.30 -10.75
N CYS A 58 6.27 -4.91 -9.48
CA CYS A 58 7.10 -5.66 -8.55
C CYS A 58 6.59 -7.10 -8.40
N PHE A 59 5.28 -7.24 -8.23
CA PHE A 59 4.66 -8.55 -8.08
C PHE A 59 5.15 -9.51 -9.15
N CYS A 60 5.22 -9.02 -10.39
CA CYS A 60 5.67 -9.84 -11.51
C CYS A 60 7.16 -9.66 -11.73
N ASP A 61 7.90 -9.34 -10.68
CA ASP A 61 9.33 -9.14 -10.76
C ASP A 61 10.05 -9.90 -9.64
N LEU A 62 9.55 -9.73 -8.41
CA LEU A 62 10.15 -10.39 -7.25
C LEU A 62 10.00 -11.89 -7.35
N TYR A 63 8.75 -12.36 -7.44
CA TYR A 63 8.46 -13.78 -7.54
C TYR A 63 8.58 -14.27 -8.97
N ALA A 64 7.82 -13.63 -9.87
CA ALA A 64 7.84 -13.98 -11.28
C ALA A 64 9.27 -13.98 -11.84
N SER A 65 9.50 -14.78 -12.86
CA SER A 65 10.82 -14.88 -13.47
C SER A 65 10.73 -15.55 -14.85
N GLY A 66 11.72 -15.26 -15.70
CA GLY A 66 11.74 -15.84 -17.02
C GLY A 66 12.55 -17.12 -17.09
N PRO A 67 12.76 -17.63 -18.31
CA PRO A 67 13.52 -18.86 -18.53
C PRO A 67 15.01 -18.69 -18.23
N SER A 68 15.82 -19.66 -18.66
CA SER A 68 17.26 -19.61 -18.44
C SER A 68 17.91 -18.54 -19.30
N SER A 69 17.90 -18.76 -20.61
CA SER A 69 18.49 -17.81 -21.55
C SER A 69 17.44 -16.85 -22.09
N GLY A 70 16.89 -16.03 -21.20
CA GLY A 70 15.87 -15.07 -21.59
C GLY A 70 15.37 -14.24 -20.43
ZN ZN B . 1.02 7.54 7.36
ZN ZN C . 6.38 -1.95 -6.69
N GLY A 1 -18.50 10.81 22.03
CA GLY A 1 -18.73 9.41 21.69
C GLY A 1 -17.62 8.51 22.17
N SER A 2 -16.44 8.64 21.56
CA SER A 2 -15.29 7.83 21.94
C SER A 2 -13.99 8.49 21.48
N SER A 3 -13.16 8.85 22.45
CA SER A 3 -11.87 9.49 22.15
C SER A 3 -11.10 8.71 21.10
N GLY A 4 -10.77 9.37 20.00
CA GLY A 4 -10.04 8.73 18.92
C GLY A 4 -10.38 9.29 17.56
N SER A 5 -9.62 8.89 16.56
CA SER A 5 -9.83 9.36 15.19
C SER A 5 -9.10 8.49 14.19
N SER A 6 -9.69 8.34 13.00
CA SER A 6 -9.09 7.53 11.94
C SER A 6 -7.70 8.04 11.59
N GLY A 7 -6.68 7.41 12.15
CA GLY A 7 -5.32 7.81 11.88
C GLY A 7 -4.50 6.74 11.19
N CYS A 8 -3.67 7.13 10.24
CA CYS A 8 -2.84 6.18 9.50
C CYS A 8 -2.22 5.15 10.44
N VAL A 9 -2.09 3.92 9.96
CA VAL A 9 -1.51 2.84 10.75
C VAL A 9 -0.05 2.64 10.41
N GLN A 10 0.34 3.04 9.21
CA GLN A 10 1.72 2.89 8.76
C GLN A 10 2.67 3.69 9.65
N CYS A 11 2.54 5.01 9.61
CA CYS A 11 3.38 5.89 10.41
C CYS A 11 2.71 6.22 11.75
N LYS A 12 1.43 5.87 11.86
CA LYS A 12 0.67 6.13 13.07
C LYS A 12 0.40 7.62 13.24
N LYS A 13 -0.12 8.24 12.19
CA LYS A 13 -0.43 9.66 12.22
C LYS A 13 -1.88 9.91 11.81
N PRO A 14 -2.40 11.09 12.17
CA PRO A 14 -3.78 11.48 11.85
C PRO A 14 -3.97 11.73 10.35
N ILE A 15 -5.18 11.46 9.87
CA ILE A 15 -5.50 11.65 8.45
C ILE A 15 -6.61 12.68 8.28
N THR A 16 -6.26 13.84 7.75
CA THR A 16 -7.24 14.90 7.54
C THR A 16 -7.79 14.86 6.11
N THR A 17 -6.90 14.98 5.13
CA THR A 17 -7.30 14.96 3.73
C THR A 17 -6.43 13.98 2.93
N GLY A 18 -7.02 13.38 1.91
CA GLY A 18 -6.28 12.44 1.07
C GLY A 18 -5.84 11.21 1.83
N GLY A 19 -6.76 10.27 2.00
CA GLY A 19 -6.45 9.05 2.72
C GLY A 19 -7.10 7.82 2.11
N VAL A 20 -6.75 6.65 2.63
CA VAL A 20 -7.31 5.40 2.12
C VAL A 20 -7.49 4.38 3.24
N THR A 21 -7.89 3.17 2.88
CA THR A 21 -8.09 2.11 3.86
C THR A 21 -7.58 0.77 3.32
N TYR A 22 -7.25 -0.14 4.23
CA TYR A 22 -6.76 -1.46 3.86
C TYR A 22 -6.85 -2.44 5.02
N ARG A 23 -7.66 -3.48 4.85
CA ARG A 23 -7.84 -4.48 5.89
C ARG A 23 -8.53 -3.88 7.12
N GLU A 24 -9.53 -3.05 6.87
CA GLU A 24 -10.27 -2.41 7.95
C GLU A 24 -9.37 -1.48 8.75
N GLN A 25 -8.42 -0.84 8.06
CA GLN A 25 -7.49 0.08 8.70
C GLN A 25 -7.16 1.25 7.79
N PRO A 26 -6.99 2.44 8.37
CA PRO A 26 -6.67 3.66 7.63
C PRO A 26 -5.25 3.63 7.07
N TRP A 27 -5.02 4.40 6.01
CA TRP A 27 -3.70 4.46 5.39
C TRP A 27 -3.54 5.77 4.60
N HIS A 28 -2.36 6.38 4.72
CA HIS A 28 -2.07 7.63 4.02
C HIS A 28 -1.86 7.38 2.54
N LYS A 29 -2.28 8.33 1.72
CA LYS A 29 -2.13 8.23 0.27
C LYS A 29 -0.67 8.14 -0.12
N GLU A 30 0.21 8.33 0.85
CA GLU A 30 1.65 8.28 0.61
C GLU A 30 2.28 7.10 1.35
N CYS A 31 1.56 6.57 2.33
CA CYS A 31 2.06 5.44 3.11
C CYS A 31 1.64 4.11 2.48
N PHE A 32 0.45 4.10 1.88
CA PHE A 32 -0.07 2.90 1.24
C PHE A 32 0.61 2.66 -0.10
N VAL A 33 1.95 2.70 -0.10
CA VAL A 33 2.73 2.50 -1.32
C VAL A 33 3.28 1.07 -1.37
N CYS A 34 3.99 0.77 -2.45
CA CYS A 34 4.57 -0.56 -2.63
C CYS A 34 5.54 -0.88 -1.50
N THR A 35 5.94 -2.14 -1.42
CA THR A 35 6.88 -2.59 -0.39
C THR A 35 8.26 -2.83 -0.96
N ALA A 36 8.38 -2.74 -2.29
CA ALA A 36 9.65 -2.94 -2.97
C ALA A 36 10.13 -1.66 -3.63
N CYS A 37 9.19 -0.91 -4.19
CA CYS A 37 9.51 0.34 -4.86
C CYS A 37 8.87 1.53 -4.15
N ARG A 38 8.03 1.24 -3.17
CA ARG A 38 7.35 2.28 -2.40
C ARG A 38 6.58 3.22 -3.33
N LYS A 39 5.79 2.64 -4.23
CA LYS A 39 5.01 3.42 -5.16
C LYS A 39 3.55 3.54 -4.70
N GLN A 40 3.03 4.76 -4.68
CA GLN A 40 1.66 5.00 -4.27
C GLN A 40 0.71 3.96 -4.87
N LEU A 41 -0.01 3.25 -4.02
CA LEU A 41 -0.94 2.23 -4.47
C LEU A 41 -2.38 2.67 -4.24
N SER A 42 -2.59 3.98 -4.23
CA SER A 42 -3.93 4.53 -4.02
C SER A 42 -4.67 4.69 -5.35
N GLY A 43 -4.05 5.41 -6.28
CA GLY A 43 -4.67 5.62 -7.57
C GLY A 43 -4.46 4.45 -8.51
N GLN A 44 -3.24 3.93 -8.55
CA GLN A 44 -2.93 2.80 -9.41
C GLN A 44 -3.43 1.49 -8.80
N ARG A 45 -3.40 0.43 -9.60
CA ARG A 45 -3.86 -0.88 -9.14
C ARG A 45 -2.84 -1.51 -8.19
N PHE A 46 -3.34 -2.35 -7.28
CA PHE A 46 -2.47 -3.02 -6.32
C PHE A 46 -3.00 -4.41 -5.99
N THR A 47 -2.13 -5.25 -5.43
CA THR A 47 -2.51 -6.62 -5.07
C THR A 47 -1.54 -7.20 -4.05
N ALA A 48 -2.08 -7.63 -2.91
CA ALA A 48 -1.26 -8.21 -1.85
C ALA A 48 -0.96 -9.68 -2.13
N ARG A 49 0.27 -10.09 -1.85
CA ARG A 49 0.68 -11.47 -2.07
C ARG A 49 0.35 -12.35 -0.86
N ASP A 50 0.82 -11.93 0.31
CA ASP A 50 0.56 -12.67 1.54
C ASP A 50 0.08 -11.74 2.65
N ASP A 51 0.89 -10.73 2.94
CA ASP A 51 0.54 -9.76 3.99
C ASP A 51 0.77 -8.33 3.50
N PHE A 52 1.90 -8.12 2.83
CA PHE A 52 2.24 -6.80 2.32
C PHE A 52 1.62 -6.57 0.94
N ALA A 53 1.73 -5.34 0.44
CA ALA A 53 1.17 -5.00 -0.87
C ALA A 53 2.29 -4.76 -1.87
N TYR A 54 2.14 -5.35 -3.06
CA TYR A 54 3.13 -5.20 -4.12
C TYR A 54 2.47 -4.86 -5.45
N CYS A 55 2.94 -3.79 -6.07
CA CYS A 55 2.40 -3.36 -7.36
C CYS A 55 2.67 -4.40 -8.44
N LEU A 56 1.71 -4.57 -9.35
CA LEU A 56 1.84 -5.53 -10.43
C LEU A 56 3.29 -5.64 -10.90
N ASN A 57 3.90 -4.49 -11.17
CA ASN A 57 5.29 -4.46 -11.62
C ASN A 57 6.17 -5.34 -10.74
N CYS A 58 6.37 -4.91 -9.49
CA CYS A 58 7.19 -5.65 -8.54
C CYS A 58 6.69 -7.09 -8.43
N PHE A 59 5.39 -7.26 -8.29
CA PHE A 59 4.78 -8.58 -8.17
C PHE A 59 5.34 -9.54 -9.21
N CYS A 60 5.42 -9.07 -10.45
CA CYS A 60 5.94 -9.88 -11.54
C CYS A 60 7.45 -9.69 -11.70
N ASP A 61 8.11 -9.36 -10.60
CA ASP A 61 9.55 -9.15 -10.61
C ASP A 61 10.22 -9.89 -9.45
N LEU A 62 9.64 -9.76 -8.27
CA LEU A 62 10.17 -10.41 -7.07
C LEU A 62 9.97 -11.92 -7.14
N TYR A 63 8.74 -12.33 -7.40
CA TYR A 63 8.40 -13.75 -7.50
C TYR A 63 8.57 -14.25 -8.92
N ALA A 64 7.86 -13.62 -9.86
CA ALA A 64 7.93 -14.00 -11.26
C ALA A 64 9.12 -13.35 -11.95
N SER A 65 9.33 -13.69 -13.22
CA SER A 65 10.44 -13.13 -13.99
C SER A 65 9.93 -12.52 -15.29
N GLY A 66 8.85 -11.76 -15.19
CA GLY A 66 8.29 -11.12 -16.36
C GLY A 66 7.73 -12.11 -17.36
N PRO A 67 6.55 -12.67 -17.05
CA PRO A 67 5.89 -13.64 -17.92
C PRO A 67 5.36 -13.02 -19.21
N SER A 68 5.63 -11.73 -19.38
CA SER A 68 5.18 -11.02 -20.57
C SER A 68 5.32 -11.89 -21.82
N SER A 69 6.51 -12.42 -22.03
CA SER A 69 6.78 -13.28 -23.18
C SER A 69 5.93 -14.55 -23.12
N GLY A 70 5.62 -15.10 -24.30
CA GLY A 70 4.81 -16.30 -24.35
C GLY A 70 5.54 -17.44 -25.05
ZN ZN B . 1.04 7.57 7.32
ZN ZN C . 6.37 -1.91 -6.73
N GLY A 1 -15.94 12.35 26.06
CA GLY A 1 -14.68 12.38 26.78
C GLY A 1 -13.53 11.83 25.97
N SER A 2 -13.67 10.59 25.48
CA SER A 2 -12.64 9.96 24.68
C SER A 2 -13.13 9.68 23.27
N SER A 3 -12.26 9.89 22.29
CA SER A 3 -12.61 9.65 20.89
C SER A 3 -11.38 9.21 20.09
N GLY A 4 -11.62 8.36 19.10
CA GLY A 4 -10.51 7.87 18.28
C GLY A 4 -10.76 8.12 16.80
N SER A 5 -10.15 9.18 16.27
CA SER A 5 -10.31 9.52 14.86
C SER A 5 -9.49 8.59 13.98
N SER A 6 -9.94 8.38 12.75
CA SER A 6 -9.24 7.51 11.82
C SER A 6 -7.84 8.03 11.52
N GLY A 7 -6.84 7.36 12.08
CA GLY A 7 -5.46 7.77 11.86
C GLY A 7 -4.62 6.70 11.20
N CYS A 8 -3.78 7.09 10.25
CA CYS A 8 -2.92 6.16 9.54
C CYS A 8 -2.32 5.14 10.50
N VAL A 9 -2.19 3.90 10.03
CA VAL A 9 -1.62 2.84 10.86
C VAL A 9 -0.13 2.64 10.55
N GLN A 10 0.27 3.04 9.34
CA GLN A 10 1.66 2.91 8.93
C GLN A 10 2.58 3.71 9.84
N CYS A 11 2.45 5.04 9.79
CA CYS A 11 3.28 5.92 10.60
C CYS A 11 2.58 6.24 11.92
N LYS A 12 1.30 5.89 12.00
CA LYS A 12 0.52 6.15 13.21
C LYS A 12 0.21 7.63 13.37
N LYS A 13 -0.28 8.25 12.29
CA LYS A 13 -0.61 9.66 12.31
C LYS A 13 -2.05 9.89 11.86
N PRO A 14 -2.60 11.06 12.22
CA PRO A 14 -3.98 11.42 11.86
C PRO A 14 -4.14 11.68 10.37
N ILE A 15 -5.33 11.38 9.84
CA ILE A 15 -5.60 11.59 8.42
C ILE A 15 -6.73 12.60 8.23
N THR A 16 -6.37 13.82 7.82
CA THR A 16 -7.35 14.87 7.59
C THR A 16 -7.79 14.91 6.13
N THR A 17 -6.84 14.67 5.23
CA THR A 17 -7.13 14.67 3.80
C THR A 17 -6.28 13.66 3.06
N GLY A 18 -6.68 13.32 1.84
CA GLY A 18 -5.92 12.37 1.04
C GLY A 18 -5.56 11.13 1.83
N GLY A 19 -6.52 10.21 1.97
CA GLY A 19 -6.28 8.99 2.71
C GLY A 19 -6.97 7.79 2.08
N VAL A 20 -6.68 6.61 2.61
CA VAL A 20 -7.29 5.39 2.10
C VAL A 20 -7.48 4.36 3.22
N THR A 21 -7.93 3.17 2.84
CA THR A 21 -8.16 2.10 3.81
C THR A 21 -7.73 0.75 3.26
N TYR A 22 -7.26 -0.13 4.13
CA TYR A 22 -6.81 -1.46 3.72
C TYR A 22 -6.89 -2.44 4.89
N ARG A 23 -7.72 -3.46 4.74
CA ARG A 23 -7.88 -4.47 5.78
C ARG A 23 -8.52 -3.87 7.03
N GLU A 24 -9.56 -3.07 6.83
CA GLU A 24 -10.26 -2.43 7.94
C GLU A 24 -9.31 -1.54 8.73
N GLN A 25 -8.39 -0.90 8.03
CA GLN A 25 -7.43 -0.01 8.66
C GLN A 25 -7.09 1.17 7.76
N PRO A 26 -6.93 2.35 8.36
CA PRO A 26 -6.60 3.58 7.64
C PRO A 26 -5.19 3.56 7.07
N TRP A 27 -4.98 4.31 5.99
CA TRP A 27 -3.67 4.38 5.36
C TRP A 27 -3.49 5.70 4.60
N HIS A 28 -2.33 6.32 4.77
CA HIS A 28 -2.05 7.59 4.11
C HIS A 28 -1.81 7.37 2.61
N LYS A 29 -2.25 8.33 1.80
CA LYS A 29 -2.08 8.24 0.36
C LYS A 29 -0.60 8.12 0.00
N GLU A 30 0.26 8.35 0.97
CA GLU A 30 1.71 8.26 0.75
C GLU A 30 2.29 7.04 1.46
N CYS A 31 1.61 6.59 2.51
CA CYS A 31 2.07 5.44 3.28
C CYS A 31 1.63 4.13 2.61
N PHE A 32 0.48 4.18 1.92
CA PHE A 32 -0.04 3.00 1.24
C PHE A 32 0.69 2.76 -0.07
N VAL A 33 2.01 2.86 -0.03
CA VAL A 33 2.84 2.65 -1.22
C VAL A 33 3.32 1.21 -1.31
N CYS A 34 4.06 0.91 -2.36
CA CYS A 34 4.59 -0.44 -2.58
C CYS A 34 5.60 -0.80 -1.49
N THR A 35 5.95 -2.08 -1.42
CA THR A 35 6.91 -2.56 -0.43
C THR A 35 8.26 -2.84 -1.06
N ALA A 36 8.33 -2.72 -2.38
CA ALA A 36 9.58 -2.96 -3.11
C ALA A 36 10.06 -1.69 -3.81
N CYS A 37 9.11 -0.89 -4.29
CA CYS A 37 9.43 0.35 -4.98
C CYS A 37 8.84 1.56 -4.25
N ARG A 38 8.01 1.28 -3.25
CA ARG A 38 7.38 2.34 -2.47
C ARG A 38 6.59 3.29 -3.38
N LYS A 39 5.75 2.70 -4.23
CA LYS A 39 4.94 3.48 -5.16
C LYS A 39 3.53 3.67 -4.62
N GLN A 40 3.05 4.91 -4.66
CA GLN A 40 1.72 5.23 -4.17
C GLN A 40 0.67 4.33 -4.82
N LEU A 41 0.34 3.22 -4.16
CA LEU A 41 -0.64 2.28 -4.68
C LEU A 41 -2.04 2.87 -4.62
N SER A 42 -2.15 4.08 -4.06
CA SER A 42 -3.44 4.75 -3.94
C SER A 42 -3.84 5.41 -5.26
N GLY A 43 -3.62 4.69 -6.36
CA GLY A 43 -3.96 5.22 -7.66
C GLY A 43 -3.83 4.19 -8.76
N GLN A 44 -2.89 3.25 -8.59
CA GLN A 44 -2.67 2.20 -9.57
C GLN A 44 -3.11 0.85 -9.03
N ARG A 45 -3.53 -0.03 -9.93
CA ARG A 45 -3.98 -1.37 -9.54
C ARG A 45 -2.88 -2.11 -8.77
N PHE A 46 -3.21 -2.56 -7.57
CA PHE A 46 -2.26 -3.28 -6.74
C PHE A 46 -2.86 -4.59 -6.24
N THR A 47 -2.04 -5.38 -5.55
CA THR A 47 -2.49 -6.66 -5.02
C THR A 47 -1.47 -7.23 -4.03
N ALA A 48 -1.94 -7.58 -2.84
CA ALA A 48 -1.08 -8.13 -1.81
C ALA A 48 -0.89 -9.63 -1.99
N ARG A 49 0.26 -10.14 -1.57
CA ARG A 49 0.57 -11.56 -1.70
C ARG A 49 0.28 -12.29 -0.40
N ASP A 50 0.88 -11.83 0.69
CA ASP A 50 0.69 -12.43 2.00
C ASP A 50 0.16 -11.42 3.01
N ASP A 51 0.97 -10.40 3.28
CA ASP A 51 0.60 -9.36 4.22
C ASP A 51 0.89 -7.97 3.66
N PHE A 52 2.06 -7.85 3.01
CA PHE A 52 2.46 -6.57 2.42
C PHE A 52 1.85 -6.39 1.03
N ALA A 53 1.90 -5.17 0.53
CA ALA A 53 1.35 -4.86 -0.78
C ALA A 53 2.44 -4.77 -1.84
N TYR A 54 2.13 -5.19 -3.05
CA TYR A 54 3.09 -5.17 -4.15
C TYR A 54 2.41 -4.83 -5.48
N CYS A 55 2.82 -3.72 -6.07
CA CYS A 55 2.25 -3.28 -7.35
C CYS A 55 2.49 -4.33 -8.44
N LEU A 56 1.48 -4.51 -9.30
CA LEU A 56 1.59 -5.48 -10.39
C LEU A 56 3.02 -5.58 -10.89
N ASN A 57 3.59 -4.44 -11.27
CA ASN A 57 4.96 -4.39 -11.78
C ASN A 57 5.88 -5.25 -10.92
N CYS A 58 6.03 -4.85 -9.66
CA CYS A 58 6.89 -5.58 -8.73
C CYS A 58 6.44 -7.03 -8.59
N PHE A 59 5.14 -7.22 -8.41
CA PHE A 59 4.58 -8.55 -8.27
C PHE A 59 5.12 -9.49 -9.34
N CYS A 60 5.16 -9.01 -10.58
CA CYS A 60 5.66 -9.80 -11.70
C CYS A 60 7.16 -9.63 -11.87
N ASP A 61 7.84 -9.30 -10.77
CA ASP A 61 9.28 -9.11 -10.80
C ASP A 61 9.95 -9.84 -9.63
N LEU A 62 9.42 -9.65 -8.43
CA LEU A 62 9.96 -10.28 -7.24
C LEU A 62 9.79 -11.80 -7.31
N TYR A 63 8.54 -12.24 -7.35
CA TYR A 63 8.24 -13.67 -7.42
C TYR A 63 8.46 -14.21 -8.83
N ALA A 64 8.03 -13.43 -9.82
CA ALA A 64 8.17 -13.82 -11.21
C ALA A 64 9.63 -13.72 -11.67
N SER A 65 9.87 -14.06 -12.93
CA SER A 65 11.22 -14.01 -13.49
C SER A 65 11.20 -13.47 -14.91
N GLY A 66 12.26 -12.76 -15.28
CA GLY A 66 12.35 -12.20 -16.62
C GLY A 66 13.78 -11.99 -17.06
N PRO A 67 13.97 -11.08 -18.04
CA PRO A 67 15.30 -10.77 -18.57
C PRO A 67 16.16 -10.02 -17.57
N SER A 68 15.63 -9.80 -16.37
CA SER A 68 16.36 -9.09 -15.33
C SER A 68 17.84 -9.40 -15.40
N SER A 69 18.64 -8.39 -15.75
CA SER A 69 20.08 -8.56 -15.87
C SER A 69 20.61 -9.44 -14.74
N GLY A 70 21.45 -10.40 -15.09
CA GLY A 70 22.02 -11.30 -14.11
C GLY A 70 21.25 -12.60 -14.00
ZN ZN B . 0.99 7.59 7.47
ZN ZN C . 6.22 -1.87 -6.72
N GLY A 1 -17.32 3.77 18.58
CA GLY A 1 -18.10 4.67 17.75
C GLY A 1 -17.24 5.62 16.94
N SER A 2 -17.84 6.72 16.49
CA SER A 2 -17.12 7.70 15.69
C SER A 2 -16.58 8.82 16.58
N SER A 3 -16.09 8.45 17.76
CA SER A 3 -15.55 9.42 18.71
C SER A 3 -14.09 9.71 18.41
N GLY A 4 -13.29 8.65 18.29
CA GLY A 4 -11.88 8.82 18.00
C GLY A 4 -11.63 9.55 16.69
N SER A 5 -10.53 9.20 16.03
CA SER A 5 -10.18 9.83 14.76
C SER A 5 -9.34 8.89 13.90
N SER A 6 -9.89 8.52 12.74
CA SER A 6 -9.20 7.61 11.83
C SER A 6 -7.80 8.13 11.51
N GLY A 7 -6.79 7.46 12.07
CA GLY A 7 -5.42 7.87 11.83
C GLY A 7 -4.59 6.77 11.18
N CYS A 8 -3.75 7.16 10.22
CA CYS A 8 -2.91 6.20 9.51
C CYS A 8 -2.28 5.21 10.48
N VAL A 9 -2.13 3.97 10.02
CA VAL A 9 -1.54 2.92 10.85
C VAL A 9 -0.06 2.73 10.53
N GLN A 10 0.32 3.10 9.31
CA GLN A 10 1.71 2.97 8.88
C GLN A 10 2.64 3.79 9.78
N CYS A 11 2.48 5.11 9.74
CA CYS A 11 3.30 6.00 10.54
C CYS A 11 2.60 6.33 11.86
N LYS A 12 1.32 5.97 11.96
CA LYS A 12 0.54 6.23 13.16
C LYS A 12 0.25 7.73 13.30
N LYS A 13 -0.25 8.33 12.24
CA LYS A 13 -0.59 9.74 12.24
C LYS A 13 -2.02 9.97 11.80
N PRO A 14 -2.58 11.14 12.13
CA PRO A 14 -3.95 11.51 11.78
C PRO A 14 -4.12 11.74 10.28
N ILE A 15 -5.31 11.46 9.78
CA ILE A 15 -5.60 11.63 8.36
C ILE A 15 -6.74 12.64 8.16
N THR A 16 -6.39 13.82 7.64
CA THR A 16 -7.37 14.86 7.40
C THR A 16 -7.87 14.82 5.95
N THR A 17 -6.93 14.91 5.01
CA THR A 17 -7.26 14.89 3.59
C THR A 17 -6.39 13.90 2.84
N GLY A 18 -6.95 13.33 1.77
CA GLY A 18 -6.21 12.37 0.97
C GLY A 18 -5.80 11.14 1.77
N GLY A 19 -6.73 10.21 1.93
CA GLY A 19 -6.45 9.00 2.68
C GLY A 19 -7.12 7.77 2.09
N VAL A 20 -6.75 6.60 2.59
CA VAL A 20 -7.32 5.35 2.10
C VAL A 20 -7.48 4.34 3.23
N THR A 21 -7.91 3.13 2.89
CA THR A 21 -8.09 2.07 3.86
C THR A 21 -7.65 0.72 3.32
N TYR A 22 -7.18 -0.15 4.20
CA TYR A 22 -6.72 -1.48 3.81
C TYR A 22 -6.80 -2.46 4.98
N ARG A 23 -7.63 -3.48 4.82
CA ARG A 23 -7.80 -4.49 5.86
C ARG A 23 -8.45 -3.89 7.10
N GLU A 24 -9.48 -3.08 6.88
CA GLU A 24 -10.19 -2.43 7.98
C GLU A 24 -9.26 -1.52 8.78
N GLN A 25 -8.33 -0.88 8.07
CA GLN A 25 -7.37 0.01 8.71
C GLN A 25 -7.05 1.19 7.81
N PRO A 26 -6.88 2.39 8.41
CA PRO A 26 -6.57 3.60 7.68
C PRO A 26 -5.15 3.59 7.10
N TRP A 27 -4.96 4.31 6.00
CA TRP A 27 -3.65 4.38 5.36
C TRP A 27 -3.49 5.68 4.59
N HIS A 28 -2.34 6.32 4.74
CA HIS A 28 -2.07 7.59 4.05
C HIS A 28 -1.83 7.35 2.56
N LYS A 29 -2.28 8.28 1.73
CA LYS A 29 -2.11 8.19 0.29
C LYS A 29 -0.64 8.06 -0.08
N GLU A 30 0.24 8.29 0.89
CA GLU A 30 1.68 8.22 0.67
C GLU A 30 2.28 7.01 1.40
N CYS A 31 1.59 6.56 2.44
CA CYS A 31 2.04 5.42 3.23
C CYS A 31 1.61 4.11 2.58
N PHE A 32 0.47 4.14 1.90
CA PHE A 32 -0.06 2.95 1.24
C PHE A 32 0.67 2.70 -0.08
N VAL A 33 1.98 2.82 -0.06
CA VAL A 33 2.80 2.60 -1.25
C VAL A 33 3.30 1.16 -1.33
N CYS A 34 4.04 0.85 -2.38
CA CYS A 34 4.58 -0.49 -2.57
C CYS A 34 5.55 -0.84 -1.44
N THR A 35 5.92 -2.12 -1.38
CA THR A 35 6.84 -2.59 -0.35
C THR A 35 8.23 -2.84 -0.92
N ALA A 36 8.35 -2.74 -2.25
CA ALA A 36 9.62 -2.95 -2.92
C ALA A 36 10.12 -1.66 -3.58
N CYS A 37 9.19 -0.89 -4.13
CA CYS A 37 9.53 0.36 -4.80
C CYS A 37 8.90 1.54 -4.08
N ARG A 38 8.09 1.25 -3.06
CA ARG A 38 7.42 2.29 -2.29
C ARG A 38 6.68 3.26 -3.22
N LYS A 39 5.89 2.70 -4.13
CA LYS A 39 5.13 3.51 -5.07
C LYS A 39 3.69 3.66 -4.61
N GLN A 40 3.14 4.87 -4.73
CA GLN A 40 1.77 5.15 -4.34
C GLN A 40 0.81 4.18 -5.01
N LEU A 41 0.37 3.18 -4.26
CA LEU A 41 -0.57 2.18 -4.78
C LEU A 41 -1.98 2.74 -4.83
N SER A 42 -2.21 3.85 -4.13
CA SER A 42 -3.52 4.47 -4.10
C SER A 42 -3.99 4.83 -5.51
N GLY A 43 -3.10 5.43 -6.28
CA GLY A 43 -3.44 5.81 -7.65
C GLY A 43 -3.09 4.74 -8.66
N GLN A 44 -3.40 3.49 -8.32
CA GLN A 44 -3.12 2.36 -9.20
C GLN A 44 -3.68 1.07 -8.64
N ARG A 45 -3.44 -0.04 -9.33
CA ARG A 45 -3.93 -1.34 -8.90
C ARG A 45 -2.83 -2.12 -8.20
N PHE A 46 -3.15 -2.67 -7.03
CA PHE A 46 -2.18 -3.44 -6.26
C PHE A 46 -2.74 -4.81 -5.90
N THR A 47 -1.85 -5.74 -5.55
CA THR A 47 -2.25 -7.09 -5.20
C THR A 47 -1.36 -7.66 -4.10
N ALA A 48 -1.95 -7.89 -2.92
CA ALA A 48 -1.20 -8.44 -1.80
C ALA A 48 -0.90 -9.92 -2.00
N ARG A 49 0.35 -10.30 -1.74
CA ARG A 49 0.77 -11.68 -1.90
C ARG A 49 0.46 -12.49 -0.65
N ASP A 50 0.95 -12.01 0.50
CA ASP A 50 0.73 -12.68 1.77
C ASP A 50 0.13 -11.73 2.80
N ASP A 51 0.88 -10.68 3.12
CA ASP A 51 0.42 -9.69 4.10
C ASP A 51 0.64 -8.27 3.57
N PHE A 52 1.79 -8.04 2.96
CA PHE A 52 2.12 -6.73 2.40
C PHE A 52 1.60 -6.59 0.97
N ALA A 53 1.66 -5.37 0.45
CA ALA A 53 1.19 -5.11 -0.91
C ALA A 53 2.37 -4.99 -1.88
N TYR A 54 2.09 -5.22 -3.16
CA TYR A 54 3.13 -5.13 -4.19
C TYR A 54 2.52 -4.76 -5.53
N CYS A 55 2.83 -3.55 -6.00
CA CYS A 55 2.32 -3.07 -7.28
C CYS A 55 2.58 -4.09 -8.38
N LEU A 56 1.59 -4.26 -9.26
CA LEU A 56 1.70 -5.21 -10.36
C LEU A 56 3.15 -5.33 -10.84
N ASN A 57 3.74 -4.20 -11.20
CA ASN A 57 5.13 -4.17 -11.67
C ASN A 57 6.00 -5.09 -10.81
N CYS A 58 6.10 -4.77 -9.53
CA CYS A 58 6.90 -5.56 -8.60
C CYS A 58 6.37 -6.99 -8.50
N PHE A 59 5.05 -7.11 -8.39
CA PHE A 59 4.41 -8.41 -8.28
C PHE A 59 4.92 -9.37 -9.35
N CYS A 60 5.08 -8.85 -10.56
CA CYS A 60 5.56 -9.65 -11.69
C CYS A 60 7.06 -9.47 -11.88
N ASP A 61 7.76 -9.15 -10.78
CA ASP A 61 9.20 -8.96 -10.83
C ASP A 61 9.89 -9.72 -9.70
N LEU A 62 9.34 -9.63 -8.50
CA LEU A 62 9.90 -10.30 -7.35
C LEU A 62 9.69 -11.82 -7.46
N TYR A 63 8.44 -12.24 -7.53
CA TYR A 63 8.11 -13.66 -7.64
C TYR A 63 8.16 -14.12 -9.10
N ALA A 64 7.49 -13.37 -9.97
CA ALA A 64 7.46 -13.70 -11.39
C ALA A 64 8.67 -13.13 -12.11
N SER A 65 9.73 -13.93 -12.21
CA SER A 65 10.95 -13.50 -12.87
C SER A 65 11.26 -14.38 -14.08
N GLY A 66 10.24 -14.65 -14.88
CA GLY A 66 10.43 -15.48 -16.06
C GLY A 66 10.82 -16.90 -15.70
N PRO A 67 11.62 -17.53 -16.58
CA PRO A 67 12.09 -18.90 -16.39
C PRO A 67 13.10 -19.00 -15.25
N SER A 68 13.57 -20.22 -14.99
CA SER A 68 14.55 -20.45 -13.94
C SER A 68 15.96 -20.38 -14.48
N SER A 69 16.22 -19.40 -15.33
CA SER A 69 17.53 -19.22 -15.93
C SER A 69 18.20 -17.94 -15.43
N GLY A 70 19.52 -17.99 -15.27
CA GLY A 70 20.25 -16.83 -14.80
C GLY A 70 21.66 -16.75 -15.37
ZN ZN B . 0.99 7.61 7.39
ZN ZN C . 6.36 -1.88 -6.66
N GLY A 1 -9.75 17.75 11.07
CA GLY A 1 -10.94 18.45 11.53
C GLY A 1 -11.83 17.59 12.41
N SER A 2 -13.14 17.69 12.21
CA SER A 2 -14.08 16.92 13.00
C SER A 2 -13.85 15.42 12.82
N SER A 3 -14.24 14.64 13.82
CA SER A 3 -14.07 13.19 13.78
C SER A 3 -12.70 12.82 13.21
N GLY A 4 -11.68 13.56 13.64
CA GLY A 4 -10.33 13.28 13.18
C GLY A 4 -9.68 12.13 13.91
N SER A 5 -10.46 11.09 14.17
CA SER A 5 -9.95 9.91 14.87
C SER A 5 -9.14 9.02 13.93
N SER A 6 -9.82 8.42 12.96
CA SER A 6 -9.16 7.53 12.00
C SER A 6 -7.75 8.03 11.68
N GLY A 7 -6.76 7.28 12.15
CA GLY A 7 -5.37 7.66 11.91
C GLY A 7 -4.59 6.57 11.19
N CYS A 8 -3.73 6.97 10.28
CA CYS A 8 -2.91 6.02 9.52
C CYS A 8 -2.32 4.97 10.45
N VAL A 9 -2.21 3.74 9.94
CA VAL A 9 -1.66 2.64 10.72
C VAL A 9 -0.19 2.42 10.39
N GLN A 10 0.21 2.82 9.18
CA GLN A 10 1.59 2.66 8.75
C GLN A 10 2.54 3.42 9.67
N CYS A 11 2.44 4.74 9.67
CA CYS A 11 3.29 5.58 10.51
C CYS A 11 2.61 5.88 11.84
N LYS A 12 1.32 5.56 11.94
CA LYS A 12 0.56 5.80 13.15
C LYS A 12 0.31 7.28 13.36
N LYS A 13 -0.18 7.95 12.31
CA LYS A 13 -0.47 9.37 12.38
C LYS A 13 -1.90 9.66 11.96
N PRO A 14 -2.41 10.84 12.33
CA PRO A 14 -3.77 11.26 12.00
C PRO A 14 -3.94 11.55 10.52
N ILE A 15 -5.14 11.33 10.00
CA ILE A 15 -5.44 11.56 8.59
C ILE A 15 -6.53 12.62 8.42
N THR A 16 -6.14 13.77 7.90
CA THR A 16 -7.08 14.86 7.69
C THR A 16 -7.61 14.87 6.26
N THR A 17 -6.70 14.99 5.30
CA THR A 17 -7.07 15.01 3.89
C THR A 17 -6.21 14.04 3.08
N GLY A 18 -6.78 13.53 1.99
CA GLY A 18 -6.05 12.59 1.15
C GLY A 18 -5.67 11.32 1.90
N GLY A 19 -6.63 10.42 2.06
CA GLY A 19 -6.37 9.18 2.77
C GLY A 19 -7.07 8.00 2.13
N VAL A 20 -6.71 6.79 2.54
CA VAL A 20 -7.30 5.57 2.00
C VAL A 20 -7.50 4.53 3.09
N THR A 21 -7.95 3.34 2.70
CA THR A 21 -8.17 2.26 3.64
C THR A 21 -7.73 0.92 3.06
N TYR A 22 -7.41 -0.02 3.93
CA TYR A 22 -6.98 -1.35 3.50
C TYR A 22 -7.09 -2.36 4.64
N ARG A 23 -7.93 -3.37 4.45
CA ARG A 23 -8.12 -4.40 5.46
C ARG A 23 -8.78 -3.82 6.71
N GLU A 24 -9.77 -2.96 6.52
CA GLU A 24 -10.47 -2.33 7.63
C GLU A 24 -9.53 -1.47 8.44
N GLN A 25 -8.57 -0.83 7.76
CA GLN A 25 -7.60 0.02 8.44
C GLN A 25 -7.23 1.21 7.57
N PRO A 26 -7.05 2.39 8.20
CA PRO A 26 -6.69 3.62 7.50
C PRO A 26 -5.27 3.58 6.95
N TRP A 27 -5.04 4.35 5.88
CA TRP A 27 -3.73 4.40 5.26
C TRP A 27 -3.53 5.72 4.53
N HIS A 28 -2.36 6.34 4.73
CA HIS A 28 -2.05 7.61 4.09
C HIS A 28 -1.81 7.43 2.60
N LYS A 29 -2.16 8.45 1.82
CA LYS A 29 -1.99 8.40 0.37
C LYS A 29 -0.52 8.30 0.01
N GLU A 30 0.35 8.38 1.01
CA GLU A 30 1.79 8.31 0.79
C GLU A 30 2.38 7.11 1.53
N CYS A 31 1.59 6.50 2.40
CA CYS A 31 2.05 5.35 3.17
C CYS A 31 1.61 4.05 2.50
N PHE A 32 0.46 4.08 1.83
CA PHE A 32 -0.07 2.91 1.15
C PHE A 32 0.67 2.67 -0.17
N VAL A 33 2.00 2.74 -0.12
CA VAL A 33 2.81 2.53 -1.31
C VAL A 33 3.32 1.09 -1.39
N CYS A 34 4.13 0.82 -2.40
CA CYS A 34 4.69 -0.53 -2.59
C CYS A 34 5.68 -0.86 -1.47
N THR A 35 6.09 -2.13 -1.42
CA THR A 35 7.04 -2.57 -0.41
C THR A 35 8.41 -2.84 -1.01
N ALA A 36 8.48 -2.80 -2.34
CA ALA A 36 9.74 -3.02 -3.04
C ALA A 36 10.22 -1.76 -3.75
N CYS A 37 9.27 -0.97 -4.23
CA CYS A 37 9.59 0.28 -4.92
C CYS A 37 8.95 1.48 -4.22
N ARG A 38 8.19 1.20 -3.16
CA ARG A 38 7.51 2.26 -2.41
C ARG A 38 6.77 3.20 -3.35
N LYS A 39 5.98 2.63 -4.25
CA LYS A 39 5.22 3.42 -5.21
C LYS A 39 3.80 3.67 -4.70
N GLN A 40 3.32 4.89 -4.87
CA GLN A 40 1.98 5.26 -4.43
C GLN A 40 0.92 4.46 -5.18
N LEU A 41 0.51 3.34 -4.58
CA LEU A 41 -0.50 2.48 -5.20
C LEU A 41 -1.87 3.15 -5.18
N SER A 42 -2.07 4.05 -4.21
CA SER A 42 -3.34 4.75 -4.08
C SER A 42 -3.78 5.34 -5.42
N GLY A 43 -4.54 4.55 -6.17
CA GLY A 43 -5.02 5.00 -7.47
C GLY A 43 -4.95 3.92 -8.53
N GLN A 44 -3.83 3.20 -8.56
CA GLN A 44 -3.64 2.13 -9.53
C GLN A 44 -3.90 0.77 -8.90
N ARG A 45 -4.35 -0.18 -9.70
CA ARG A 45 -4.62 -1.53 -9.22
C ARG A 45 -3.44 -2.07 -8.43
N PHE A 46 -3.74 -2.72 -7.31
CA PHE A 46 -2.70 -3.29 -6.45
C PHE A 46 -3.05 -4.72 -6.05
N THR A 47 -2.11 -5.38 -5.38
CA THR A 47 -2.33 -6.76 -4.95
C THR A 47 -1.36 -7.13 -3.83
N ALA A 48 -1.85 -7.90 -2.86
CA ALA A 48 -1.04 -8.34 -1.73
C ALA A 48 -0.87 -9.85 -1.72
N ARG A 49 0.23 -10.31 -1.14
CA ARG A 49 0.50 -11.74 -1.06
C ARG A 49 0.16 -12.28 0.33
N ASP A 50 0.77 -11.69 1.35
CA ASP A 50 0.54 -12.11 2.73
C ASP A 50 0.00 -10.95 3.56
N ASP A 51 0.82 -9.93 3.77
CA ASP A 51 0.43 -8.78 4.55
C ASP A 51 0.79 -7.48 3.83
N PHE A 52 1.94 -7.49 3.15
CA PHE A 52 2.40 -6.32 2.42
C PHE A 52 1.83 -6.31 1.00
N ALA A 53 1.83 -5.13 0.39
CA ALA A 53 1.31 -4.98 -0.98
C ALA A 53 2.44 -4.77 -1.97
N TYR A 54 2.31 -5.38 -3.15
CA TYR A 54 3.33 -5.25 -4.18
C TYR A 54 2.69 -4.93 -5.53
N CYS A 55 2.92 -3.71 -6.00
CA CYS A 55 2.36 -3.26 -7.28
C CYS A 55 2.61 -4.31 -8.37
N LEU A 56 1.63 -4.48 -9.24
CA LEU A 56 1.74 -5.44 -10.33
C LEU A 56 3.18 -5.57 -10.81
N ASN A 57 3.76 -4.45 -11.23
CA ASN A 57 5.14 -4.43 -11.70
C ASN A 57 6.03 -5.30 -10.83
N CYS A 58 6.23 -4.85 -9.59
CA CYS A 58 7.07 -5.58 -8.64
C CYS A 58 6.61 -7.03 -8.53
N PHE A 59 5.30 -7.23 -8.37
CA PHE A 59 4.74 -8.57 -8.24
C PHE A 59 5.26 -9.48 -9.34
N CYS A 60 5.30 -8.96 -10.56
CA CYS A 60 5.78 -9.74 -11.69
C CYS A 60 7.27 -9.52 -11.91
N ASP A 61 7.98 -9.18 -10.85
CA ASP A 61 9.42 -8.95 -10.91
C ASP A 61 10.16 -9.72 -9.83
N LEU A 62 9.78 -9.46 -8.57
CA LEU A 62 10.41 -10.13 -7.44
C LEU A 62 10.23 -11.64 -7.53
N TYR A 63 8.97 -12.09 -7.51
CA TYR A 63 8.67 -13.51 -7.60
C TYR A 63 8.75 -14.01 -9.04
N ALA A 64 8.10 -13.28 -9.95
CA ALA A 64 8.10 -13.64 -11.35
C ALA A 64 9.29 -13.01 -12.08
N SER A 65 10.43 -13.69 -12.06
CA SER A 65 11.64 -13.20 -12.70
C SER A 65 12.05 -14.10 -13.85
N GLY A 66 11.08 -14.51 -14.66
CA GLY A 66 11.36 -15.38 -15.79
C GLY A 66 11.66 -14.60 -17.06
N PRO A 67 11.81 -15.33 -18.18
CA PRO A 67 12.10 -14.73 -19.47
C PRO A 67 10.91 -13.94 -20.02
N SER A 68 11.13 -12.65 -20.26
CA SER A 68 10.07 -11.78 -20.78
C SER A 68 10.40 -11.33 -22.20
N SER A 69 11.57 -10.70 -22.37
CA SER A 69 11.99 -10.21 -23.67
C SER A 69 12.19 -11.37 -24.64
N GLY A 70 11.13 -11.71 -25.38
CA GLY A 70 11.21 -12.79 -26.34
C GLY A 70 10.37 -13.99 -25.92
ZN ZN B . 1.02 7.38 7.44
ZN ZN C . 6.37 -1.96 -6.70
N GLY A 1 -22.73 9.80 17.11
CA GLY A 1 -21.57 10.37 16.43
C GLY A 1 -20.48 9.33 16.18
N SER A 2 -19.23 9.75 16.29
CA SER A 2 -18.10 8.86 16.07
C SER A 2 -16.84 9.41 16.71
N SER A 3 -16.35 8.73 17.74
CA SER A 3 -15.14 9.15 18.45
C SER A 3 -13.90 8.53 17.82
N GLY A 4 -13.93 7.21 17.65
CA GLY A 4 -12.80 6.51 17.07
C GLY A 4 -12.23 7.24 15.87
N SER A 5 -11.11 7.93 16.07
CA SER A 5 -10.46 8.68 15.00
C SER A 5 -9.74 7.74 14.04
N SER A 6 -9.81 8.04 12.75
CA SER A 6 -9.16 7.21 11.74
C SER A 6 -7.77 7.77 11.41
N GLY A 7 -6.75 7.17 12.02
CA GLY A 7 -5.39 7.60 11.77
C GLY A 7 -4.54 6.54 11.09
N CYS A 8 -3.70 6.97 10.16
CA CYS A 8 -2.83 6.04 9.43
C CYS A 8 -2.21 5.02 10.38
N VAL A 9 -2.07 3.79 9.90
CA VAL A 9 -1.47 2.73 10.71
C VAL A 9 0.01 2.54 10.39
N GLN A 10 0.40 2.96 9.18
CA GLN A 10 1.79 2.85 8.75
C GLN A 10 2.70 3.66 9.67
N CYS A 11 2.56 4.98 9.61
CA CYS A 11 3.39 5.87 10.43
C CYS A 11 2.70 6.16 11.76
N LYS A 12 1.42 5.81 11.85
CA LYS A 12 0.65 6.03 13.07
C LYS A 12 0.34 7.51 13.25
N LYS A 13 -0.18 8.13 12.20
CA LYS A 13 -0.53 9.55 12.23
C LYS A 13 -1.98 9.75 11.81
N PRO A 14 -2.55 10.92 12.17
CA PRO A 14 -3.93 11.27 11.84
C PRO A 14 -4.11 11.53 10.34
N ILE A 15 -5.32 11.28 9.85
CA ILE A 15 -5.64 11.48 8.45
C ILE A 15 -6.79 12.46 8.27
N THR A 16 -6.51 13.61 7.68
CA THR A 16 -7.53 14.63 7.46
C THR A 16 -7.99 14.64 6.00
N THR A 17 -7.04 14.79 5.08
CA THR A 17 -7.35 14.82 3.66
C THR A 17 -6.47 13.84 2.89
N GLY A 18 -7.04 13.23 1.85
CA GLY A 18 -6.30 12.29 1.04
C GLY A 18 -5.89 11.06 1.83
N GLY A 19 -6.82 10.13 2.01
CA GLY A 19 -6.53 8.92 2.77
C GLY A 19 -7.16 7.69 2.13
N VAL A 20 -6.73 6.51 2.59
CA VAL A 20 -7.26 5.26 2.06
C VAL A 20 -7.39 4.21 3.15
N THR A 21 -7.76 2.99 2.77
CA THR A 21 -7.93 1.90 3.73
C THR A 21 -7.39 0.59 3.16
N TYR A 22 -7.05 -0.33 4.05
CA TYR A 22 -6.53 -1.62 3.64
C TYR A 22 -6.61 -2.63 4.79
N ARG A 23 -7.41 -3.67 4.59
CA ARG A 23 -7.58 -4.70 5.61
C ARG A 23 -8.25 -4.14 6.85
N GLU A 24 -9.29 -3.34 6.65
CA GLU A 24 -10.03 -2.74 7.76
C GLU A 24 -9.12 -1.82 8.56
N GLN A 25 -8.20 -1.15 7.87
CA GLN A 25 -7.27 -0.24 8.52
C GLN A 25 -6.96 0.96 7.64
N PRO A 26 -6.83 2.14 8.27
CA PRO A 26 -6.53 3.39 7.55
C PRO A 26 -5.12 3.42 6.99
N TRP A 27 -4.93 4.19 5.93
CA TRP A 27 -3.62 4.31 5.29
C TRP A 27 -3.49 5.63 4.55
N HIS A 28 -2.32 6.27 4.69
CA HIS A 28 -2.07 7.54 4.03
C HIS A 28 -1.85 7.35 2.53
N LYS A 29 -2.24 8.35 1.75
CA LYS A 29 -2.09 8.29 0.30
C LYS A 29 -0.61 8.22 -0.09
N GLU A 30 0.26 8.37 0.89
CA GLU A 30 1.70 8.33 0.65
C GLU A 30 2.33 7.15 1.38
N CYS A 31 1.61 6.58 2.35
CA CYS A 31 2.11 5.45 3.11
C CYS A 31 1.70 4.13 2.46
N PHE A 32 0.52 4.13 1.83
CA PHE A 32 0.01 2.93 1.16
C PHE A 32 0.74 2.70 -0.16
N VAL A 33 2.07 2.77 -0.12
CA VAL A 33 2.88 2.56 -1.32
C VAL A 33 3.43 1.13 -1.36
N CYS A 34 4.19 0.84 -2.42
CA CYS A 34 4.77 -0.49 -2.58
C CYS A 34 5.76 -0.80 -1.47
N THR A 35 6.16 -2.06 -1.36
CA THR A 35 7.10 -2.49 -0.33
C THR A 35 8.49 -2.72 -0.92
N ALA A 36 8.59 -2.62 -2.24
CA ALA A 36 9.86 -2.81 -2.92
C ALA A 36 10.34 -1.52 -3.58
N CYS A 37 9.41 -0.79 -4.18
CA CYS A 37 9.73 0.46 -4.86
C CYS A 37 9.10 1.64 -4.12
N ARG A 38 8.25 1.35 -3.14
CA ARG A 38 7.58 2.38 -2.36
C ARG A 38 6.82 3.33 -3.27
N LYS A 39 6.03 2.76 -4.19
CA LYS A 39 5.24 3.56 -5.11
C LYS A 39 3.79 3.64 -4.65
N GLN A 40 3.25 4.86 -4.64
CA GLN A 40 1.87 5.08 -4.23
C GLN A 40 0.93 4.10 -4.91
N LEU A 41 0.18 3.35 -4.12
CA LEU A 41 -0.76 2.36 -4.65
C LEU A 41 -2.20 2.81 -4.41
N SER A 42 -2.42 4.11 -4.37
CA SER A 42 -3.75 4.67 -4.16
C SER A 42 -4.53 4.73 -5.46
N GLY A 43 -3.81 4.77 -6.58
CA GLY A 43 -4.45 4.82 -7.88
C GLY A 43 -4.30 3.53 -8.66
N GLN A 44 -3.08 3.00 -8.68
CA GLN A 44 -2.81 1.76 -9.41
C GLN A 44 -3.23 0.55 -8.59
N ARG A 45 -2.95 -0.64 -9.12
CA ARG A 45 -3.31 -1.88 -8.43
C ARG A 45 -2.13 -2.40 -7.61
N PHE A 46 -2.44 -2.92 -6.41
CA PHE A 46 -1.42 -3.44 -5.53
C PHE A 46 -1.58 -4.96 -5.35
N THR A 47 -2.82 -5.42 -5.45
CA THR A 47 -3.10 -6.85 -5.30
C THR A 47 -2.13 -7.51 -4.33
N ALA A 48 -1.93 -6.88 -3.18
CA ALA A 48 -1.02 -7.41 -2.17
C ALA A 48 -1.04 -8.93 -2.15
N ARG A 49 0.13 -9.52 -1.97
CA ARG A 49 0.25 -10.98 -1.94
C ARG A 49 -0.39 -11.55 -0.66
N ASP A 50 0.13 -11.15 0.48
CA ASP A 50 -0.39 -11.61 1.76
C ASP A 50 -0.64 -10.44 2.71
N ASP A 51 0.44 -9.77 3.10
CA ASP A 51 0.34 -8.63 4.01
C ASP A 51 0.99 -7.38 3.39
N PHE A 52 2.07 -7.59 2.65
CA PHE A 52 2.77 -6.48 2.01
C PHE A 52 2.23 -6.23 0.61
N ALA A 53 1.92 -4.97 0.33
CA ALA A 53 1.38 -4.58 -0.97
C ALA A 53 2.51 -4.36 -1.98
N TYR A 54 2.41 -5.05 -3.12
CA TYR A 54 3.41 -4.93 -4.17
C TYR A 54 2.78 -4.53 -5.49
N CYS A 55 3.05 -3.30 -5.92
CA CYS A 55 2.50 -2.78 -7.17
C CYS A 55 2.58 -3.85 -8.27
N LEU A 56 1.57 -3.87 -9.13
CA LEU A 56 1.52 -4.83 -10.23
C LEU A 56 2.92 -5.15 -10.73
N ASN A 57 3.69 -4.11 -11.05
CA ASN A 57 5.05 -4.28 -11.54
C ASN A 57 5.83 -5.23 -10.64
N CYS A 58 6.21 -4.75 -9.46
CA CYS A 58 6.97 -5.55 -8.50
C CYS A 58 6.34 -6.92 -8.33
N PHE A 59 5.00 -6.96 -8.25
CA PHE A 59 4.28 -8.22 -8.09
C PHE A 59 4.72 -9.24 -9.13
N CYS A 60 4.95 -8.76 -10.36
CA CYS A 60 5.37 -9.64 -11.45
C CYS A 60 6.88 -9.62 -11.59
N ASP A 61 7.58 -9.39 -10.49
CA ASP A 61 9.04 -9.35 -10.50
C ASP A 61 9.61 -10.17 -9.34
N LEU A 62 9.05 -9.98 -8.15
CA LEU A 62 9.50 -10.71 -6.98
C LEU A 62 9.16 -12.18 -7.08
N TYR A 63 7.88 -12.48 -7.26
CA TYR A 63 7.42 -13.86 -7.37
C TYR A 63 7.58 -14.37 -8.81
N ALA A 64 6.95 -13.68 -9.75
CA ALA A 64 7.01 -14.04 -11.15
C ALA A 64 8.35 -13.64 -11.76
N SER A 65 8.83 -14.44 -12.71
CA SER A 65 10.10 -14.16 -13.37
C SER A 65 9.90 -13.20 -14.55
N GLY A 66 10.99 -12.55 -14.95
CA GLY A 66 10.91 -11.61 -16.06
C GLY A 66 11.47 -12.19 -17.34
N PRO A 67 10.94 -11.72 -18.49
CA PRO A 67 11.37 -12.19 -19.81
C PRO A 67 12.79 -11.72 -20.16
N SER A 68 13.04 -10.42 -19.98
CA SER A 68 14.34 -9.86 -20.28
C SER A 68 15.30 -10.03 -19.09
N SER A 69 14.88 -9.54 -17.94
CA SER A 69 15.70 -9.64 -16.74
C SER A 69 15.35 -10.89 -15.94
N GLY A 70 15.95 -12.02 -16.34
CA GLY A 70 15.68 -13.27 -15.65
C GLY A 70 16.91 -13.83 -14.96
ZN ZN B . 1.04 7.54 7.33
ZN ZN C . 6.62 -1.90 -6.64
N GLY A 1 -13.69 5.61 22.09
CA GLY A 1 -12.35 5.77 22.61
C GLY A 1 -11.31 5.05 21.76
N SER A 2 -11.31 3.73 21.82
CA SER A 2 -10.36 2.92 21.06
C SER A 2 -10.67 2.99 19.56
N SER A 3 -9.63 3.16 18.77
CA SER A 3 -9.78 3.24 17.32
C SER A 3 -10.80 4.32 16.94
N GLY A 4 -10.68 5.48 17.59
CA GLY A 4 -11.59 6.58 17.32
C GLY A 4 -11.27 7.29 16.02
N SER A 5 -10.53 8.39 16.11
CA SER A 5 -10.16 9.17 14.94
C SER A 5 -9.37 8.31 13.94
N SER A 6 -9.89 8.22 12.73
CA SER A 6 -9.25 7.43 11.69
C SER A 6 -7.85 7.95 11.40
N GLY A 7 -6.84 7.32 12.00
CA GLY A 7 -5.46 7.73 11.80
C GLY A 7 -4.64 6.67 11.12
N CYS A 8 -3.76 7.08 10.20
CA CYS A 8 -2.90 6.15 9.49
C CYS A 8 -2.32 5.11 10.44
N VAL A 9 -2.19 3.88 9.95
CA VAL A 9 -1.64 2.79 10.75
C VAL A 9 -0.16 2.59 10.46
N GLN A 10 0.27 3.01 9.27
CA GLN A 10 1.66 2.87 8.86
C GLN A 10 2.58 3.65 9.80
N CYS A 11 2.46 4.97 9.77
CA CYS A 11 3.28 5.84 10.62
C CYS A 11 2.58 6.13 11.94
N LYS A 12 1.29 5.83 12.00
CA LYS A 12 0.50 6.05 13.20
C LYS A 12 0.20 7.54 13.38
N LYS A 13 -0.27 8.18 12.32
CA LYS A 13 -0.61 9.60 12.36
C LYS A 13 -2.04 9.84 11.90
N PRO A 14 -2.59 11.01 12.27
CA PRO A 14 -3.95 11.39 11.90
C PRO A 14 -4.10 11.66 10.42
N ILE A 15 -5.31 11.42 9.89
CA ILE A 15 -5.58 11.65 8.48
C ILE A 15 -6.71 12.65 8.28
N THR A 16 -6.38 13.83 7.78
CA THR A 16 -7.37 14.87 7.55
C THR A 16 -7.82 14.89 6.11
N THR A 17 -6.89 15.17 5.19
CA THR A 17 -7.20 15.21 3.77
C THR A 17 -6.31 14.26 2.98
N GLY A 18 -6.91 13.53 2.05
CA GLY A 18 -6.16 12.59 1.24
C GLY A 18 -5.78 11.33 2.02
N GLY A 19 -6.71 10.40 2.11
CA GLY A 19 -6.44 9.16 2.82
C GLY A 19 -7.12 7.96 2.18
N VAL A 20 -6.66 6.77 2.55
CA VAL A 20 -7.23 5.54 2.00
C VAL A 20 -7.41 4.49 3.09
N THR A 21 -7.83 3.29 2.69
CA THR A 21 -8.03 2.19 3.62
C THR A 21 -7.53 0.88 3.06
N TYR A 22 -7.20 -0.07 3.94
CA TYR A 22 -6.70 -1.37 3.53
C TYR A 22 -6.82 -2.38 4.67
N ARG A 23 -7.65 -3.39 4.46
CA ARG A 23 -7.85 -4.44 5.47
C ARG A 23 -8.52 -3.86 6.70
N GLU A 24 -9.53 -3.03 6.50
CA GLU A 24 -10.26 -2.42 7.60
C GLU A 24 -9.35 -1.52 8.43
N GLN A 25 -8.40 -0.88 7.76
CA GLN A 25 -7.46 0.01 8.43
C GLN A 25 -7.10 1.21 7.55
N PRO A 26 -6.95 2.37 8.18
CA PRO A 26 -6.62 3.62 7.48
C PRO A 26 -5.19 3.61 6.95
N TRP A 27 -4.95 4.40 5.89
CA TRP A 27 -3.62 4.47 5.29
C TRP A 27 -3.44 5.80 4.56
N HIS A 28 -2.28 6.41 4.74
CA HIS A 28 -1.98 7.69 4.10
C HIS A 28 -1.73 7.50 2.61
N LYS A 29 -2.13 8.49 1.82
CA LYS A 29 -1.95 8.43 0.37
C LYS A 29 -0.48 8.33 0.01
N GLU A 30 0.39 8.50 1.01
CA GLU A 30 1.83 8.42 0.80
C GLU A 30 2.41 7.20 1.50
N CYS A 31 1.69 6.70 2.51
CA CYS A 31 2.14 5.53 3.26
C CYS A 31 1.71 4.24 2.58
N PHE A 32 0.56 4.29 1.91
CA PHE A 32 0.03 3.11 1.21
C PHE A 32 0.78 2.89 -0.10
N VAL A 33 2.11 2.89 -0.03
CA VAL A 33 2.94 2.69 -1.21
C VAL A 33 3.40 1.23 -1.31
N CYS A 34 4.17 0.93 -2.34
CA CYS A 34 4.67 -0.42 -2.55
C CYS A 34 5.65 -0.82 -1.44
N THR A 35 6.00 -2.09 -1.39
CA THR A 35 6.92 -2.59 -0.37
C THR A 35 8.29 -2.87 -0.97
N ALA A 36 8.40 -2.73 -2.29
CA ALA A 36 9.66 -2.97 -2.98
C ALA A 36 10.15 -1.69 -3.66
N CYS A 37 9.22 -0.88 -4.13
CA CYS A 37 9.56 0.36 -4.80
C CYS A 37 8.92 1.56 -4.10
N ARG A 38 8.24 1.29 -3.00
CA ARG A 38 7.58 2.34 -2.22
C ARG A 38 6.84 3.30 -3.16
N LYS A 39 6.03 2.75 -4.04
CA LYS A 39 5.26 3.57 -4.99
C LYS A 39 3.84 3.78 -4.49
N GLN A 40 3.40 5.04 -4.48
CA GLN A 40 2.05 5.37 -4.03
C GLN A 40 1.01 4.49 -4.70
N LEU A 41 0.40 3.60 -3.92
CA LEU A 41 -0.62 2.69 -4.44
C LEU A 41 -2.01 3.29 -4.27
N SER A 42 -2.09 4.61 -4.31
CA SER A 42 -3.37 5.30 -4.17
C SER A 42 -4.03 5.53 -5.52
N GLY A 43 -3.92 4.54 -6.40
CA GLY A 43 -4.50 4.65 -7.72
C GLY A 43 -4.03 3.57 -8.66
N GLN A 44 -4.07 2.32 -8.20
CA GLN A 44 -3.64 1.19 -9.02
C GLN A 44 -4.21 -0.12 -8.48
N ARG A 45 -4.21 -1.15 -9.32
CA ARG A 45 -4.73 -2.45 -8.93
C ARG A 45 -3.73 -3.18 -8.04
N PHE A 46 -3.22 -2.49 -7.03
CA PHE A 46 -2.25 -3.07 -6.10
C PHE A 46 -2.74 -4.43 -5.60
N THR A 47 -1.89 -5.43 -5.70
CA THR A 47 -2.23 -6.77 -5.26
C THR A 47 -1.26 -7.26 -4.19
N ALA A 48 -1.81 -7.77 -3.09
CA ALA A 48 -0.99 -8.27 -1.99
C ALA A 48 -0.79 -9.78 -2.10
N ARG A 49 0.44 -10.22 -1.83
CA ARG A 49 0.77 -11.64 -1.91
C ARG A 49 0.37 -12.36 -0.62
N ASP A 50 0.94 -11.93 0.50
CA ASP A 50 0.64 -12.53 1.80
C ASP A 50 0.08 -11.49 2.76
N ASP A 51 0.91 -10.51 3.10
CA ASP A 51 0.51 -9.45 4.02
C ASP A 51 0.85 -8.07 3.45
N PHE A 52 1.99 -7.98 2.78
CA PHE A 52 2.43 -6.73 2.18
C PHE A 52 1.85 -6.55 0.79
N ALA A 53 1.80 -5.30 0.34
CA ALA A 53 1.26 -4.99 -0.98
C ALA A 53 2.37 -4.74 -1.99
N TYR A 54 2.23 -5.32 -3.18
CA TYR A 54 3.24 -5.16 -4.23
C TYR A 54 2.58 -4.81 -5.56
N CYS A 55 2.90 -3.62 -6.07
CA CYS A 55 2.35 -3.16 -7.33
C CYS A 55 2.56 -4.19 -8.43
N LEU A 56 1.60 -4.29 -9.34
CA LEU A 56 1.68 -5.23 -10.45
C LEU A 56 3.13 -5.43 -10.89
N ASN A 57 3.82 -4.33 -11.15
CA ASN A 57 5.21 -4.37 -11.59
C ASN A 57 6.02 -5.30 -10.69
N CYS A 58 6.25 -4.87 -9.45
CA CYS A 58 7.01 -5.67 -8.50
C CYS A 58 6.45 -7.08 -8.39
N PHE A 59 5.13 -7.18 -8.26
CA PHE A 59 4.47 -8.47 -8.14
C PHE A 59 4.96 -9.43 -9.23
N CYS A 60 5.08 -8.92 -10.45
CA CYS A 60 5.53 -9.73 -11.57
C CYS A 60 7.03 -9.56 -11.80
N ASP A 61 7.75 -9.24 -10.73
CA ASP A 61 9.19 -9.05 -10.82
C ASP A 61 9.91 -9.83 -9.72
N LEU A 62 9.40 -9.74 -8.50
CA LEU A 62 10.00 -10.44 -7.37
C LEU A 62 9.79 -11.94 -7.49
N TYR A 63 8.53 -12.36 -7.51
CA TYR A 63 8.20 -13.78 -7.64
C TYR A 63 8.15 -14.21 -9.09
N ALA A 64 7.30 -13.54 -9.86
CA ALA A 64 7.15 -13.85 -11.29
C ALA A 64 8.45 -13.60 -12.04
N SER A 65 8.51 -14.08 -13.28
CA SER A 65 9.70 -13.90 -14.11
C SER A 65 9.33 -13.39 -15.50
N GLY A 66 10.35 -13.09 -16.30
CA GLY A 66 10.10 -12.59 -17.63
C GLY A 66 11.04 -11.46 -18.01
N PRO A 67 12.32 -11.78 -18.20
CA PRO A 67 13.35 -10.80 -18.57
C PRO A 67 13.17 -10.27 -19.99
N SER A 68 12.86 -8.99 -20.11
CA SER A 68 12.66 -8.37 -21.41
C SER A 68 13.97 -8.31 -22.19
N SER A 69 14.95 -7.58 -21.63
CA SER A 69 16.25 -7.43 -22.28
C SER A 69 17.22 -6.66 -21.38
N GLY A 70 18.45 -7.17 -21.27
CA GLY A 70 19.45 -6.52 -20.44
C GLY A 70 20.20 -7.51 -19.59
ZN ZN B . 1.04 7.58 7.48
ZN ZN C . 6.36 -1.83 -6.68
N GLY A 1 -14.66 16.54 19.14
CA GLY A 1 -13.61 15.57 18.91
C GLY A 1 -12.38 15.81 19.77
N SER A 2 -12.07 14.88 20.66
CA SER A 2 -10.93 15.00 21.54
C SER A 2 -9.85 13.99 21.19
N SER A 3 -10.21 12.71 21.26
CA SER A 3 -9.27 11.64 20.96
C SER A 3 -10.00 10.42 20.40
N GLY A 4 -9.44 9.83 19.34
CA GLY A 4 -10.05 8.66 18.75
C GLY A 4 -10.56 8.93 17.33
N SER A 5 -9.64 9.29 16.44
CA SER A 5 -10.00 9.58 15.06
C SER A 5 -9.25 8.67 14.09
N SER A 6 -9.79 8.52 12.89
CA SER A 6 -9.18 7.68 11.88
C SER A 6 -7.76 8.16 11.55
N GLY A 7 -6.77 7.46 12.10
CA GLY A 7 -5.38 7.84 11.86
C GLY A 7 -4.60 6.74 11.17
N CYS A 8 -3.73 7.12 10.25
CA CYS A 8 -2.91 6.16 9.52
C CYS A 8 -2.32 5.11 10.46
N VAL A 9 -2.23 3.88 9.99
CA VAL A 9 -1.69 2.80 10.80
C VAL A 9 -0.22 2.56 10.47
N GLN A 10 0.18 2.95 9.27
CA GLN A 10 1.57 2.79 8.84
C GLN A 10 2.53 3.55 9.75
N CYS A 11 2.42 4.87 9.75
CA CYS A 11 3.27 5.71 10.58
C CYS A 11 2.59 6.02 11.91
N LYS A 12 1.30 5.74 11.98
CA LYS A 12 0.54 5.98 13.21
C LYS A 12 0.27 7.47 13.39
N LYS A 13 -0.17 8.13 12.33
CA LYS A 13 -0.47 9.56 12.37
C LYS A 13 -1.91 9.83 11.93
N PRO A 14 -2.41 11.01 12.28
CA PRO A 14 -3.78 11.42 11.94
C PRO A 14 -3.94 11.69 10.44
N ILE A 15 -5.16 11.49 9.94
CA ILE A 15 -5.44 11.71 8.53
C ILE A 15 -6.53 12.75 8.35
N THR A 16 -6.17 13.89 7.76
CA THR A 16 -7.11 14.97 7.53
C THR A 16 -7.61 14.96 6.09
N THR A 17 -6.68 15.14 5.14
CA THR A 17 -7.02 15.15 3.73
C THR A 17 -6.17 14.17 2.95
N GLY A 18 -6.75 13.57 1.92
CA GLY A 18 -6.02 12.61 1.11
C GLY A 18 -5.64 11.36 1.88
N GLY A 19 -6.58 10.43 1.99
CA GLY A 19 -6.31 9.20 2.71
C GLY A 19 -6.97 7.99 2.06
N VAL A 20 -6.68 6.80 2.59
CA VAL A 20 -7.25 5.57 2.06
C VAL A 20 -7.46 4.54 3.16
N THR A 21 -7.88 3.34 2.77
CA THR A 21 -8.12 2.27 3.73
C THR A 21 -7.70 0.92 3.16
N TYR A 22 -7.21 0.04 4.02
CA TYR A 22 -6.78 -1.28 3.61
C TYR A 22 -6.90 -2.29 4.74
N ARG A 23 -7.75 -3.29 4.56
CA ARG A 23 -7.97 -4.32 5.57
C ARG A 23 -8.63 -3.73 6.81
N GLU A 24 -9.68 -2.94 6.59
CA GLU A 24 -10.41 -2.31 7.69
C GLU A 24 -9.47 -1.44 8.52
N GLN A 25 -8.52 -0.78 7.85
CA GLN A 25 -7.57 0.09 8.54
C GLN A 25 -7.22 1.29 7.66
N PRO A 26 -7.04 2.46 8.30
CA PRO A 26 -6.69 3.70 7.60
C PRO A 26 -5.27 3.67 7.05
N TRP A 27 -5.03 4.43 5.99
CA TRP A 27 -3.72 4.49 5.37
C TRP A 27 -3.53 5.81 4.63
N HIS A 28 -2.35 6.40 4.78
CA HIS A 28 -2.04 7.67 4.12
C HIS A 28 -1.81 7.47 2.62
N LYS A 29 -2.16 8.48 1.83
CA LYS A 29 -2.00 8.41 0.39
C LYS A 29 -0.53 8.30 0.01
N GLU A 30 0.35 8.41 1.01
CA GLU A 30 1.78 8.31 0.78
C GLU A 30 2.38 7.11 1.51
N CYS A 31 1.61 6.56 2.45
CA CYS A 31 2.06 5.41 3.23
C CYS A 31 1.63 4.11 2.56
N PHE A 32 0.46 4.13 1.92
CA PHE A 32 -0.06 2.95 1.25
C PHE A 32 0.66 2.72 -0.08
N VAL A 33 1.98 2.72 -0.03
CA VAL A 33 2.79 2.51 -1.23
C VAL A 33 3.34 1.09 -1.28
N CYS A 34 4.04 0.76 -2.36
CA CYS A 34 4.62 -0.56 -2.53
C CYS A 34 5.65 -0.85 -1.44
N THR A 35 6.03 -2.12 -1.31
CA THR A 35 7.00 -2.53 -0.31
C THR A 35 8.36 -2.80 -0.94
N ALA A 36 8.44 -2.67 -2.26
CA ALA A 36 9.68 -2.88 -2.98
C ALA A 36 10.16 -1.60 -3.65
N CYS A 37 9.22 -0.84 -4.19
CA CYS A 37 9.55 0.42 -4.87
C CYS A 37 8.96 1.61 -4.12
N ARG A 38 8.06 1.32 -3.18
CA ARG A 38 7.42 2.37 -2.39
C ARG A 38 6.58 3.28 -3.29
N LYS A 39 5.85 2.68 -4.22
CA LYS A 39 5.01 3.44 -5.14
C LYS A 39 3.60 3.61 -4.58
N GLN A 40 3.11 4.85 -4.61
CA GLN A 40 1.78 5.15 -4.10
C GLN A 40 0.74 4.20 -4.71
N LEU A 41 0.19 3.32 -3.87
CA LEU A 41 -0.81 2.36 -4.32
C LEU A 41 -2.23 2.88 -4.06
N SER A 42 -2.38 4.21 -4.10
CA SER A 42 -3.68 4.83 -3.86
C SER A 42 -4.42 5.07 -5.17
N GLY A 43 -4.46 4.04 -6.00
CA GLY A 43 -5.14 4.16 -7.29
C GLY A 43 -4.79 3.03 -8.24
N GLN A 44 -3.50 2.84 -8.47
CA GLN A 44 -3.03 1.79 -9.37
C GLN A 44 -3.52 0.42 -8.90
N ARG A 45 -3.76 -0.48 -9.84
CA ARG A 45 -4.22 -1.82 -9.52
C ARG A 45 -3.17 -2.58 -8.70
N PHE A 46 -3.30 -2.50 -7.38
CA PHE A 46 -2.38 -3.17 -6.48
C PHE A 46 -2.95 -4.49 -5.97
N THR A 47 -2.07 -5.43 -5.66
CA THR A 47 -2.50 -6.74 -5.17
C THR A 47 -1.49 -7.30 -4.17
N ALA A 48 -1.95 -7.56 -2.95
CA ALA A 48 -1.09 -8.10 -1.91
C ALA A 48 -0.94 -9.62 -2.06
N ARG A 49 0.26 -10.12 -1.78
CA ARG A 49 0.53 -11.55 -1.88
C ARG A 49 0.13 -12.28 -0.60
N ASP A 50 0.61 -11.76 0.53
CA ASP A 50 0.31 -12.37 1.83
C ASP A 50 -0.10 -11.29 2.83
N ASP A 51 0.87 -10.48 3.25
CA ASP A 51 0.61 -9.41 4.20
C ASP A 51 0.93 -8.04 3.61
N PHE A 52 2.06 -7.96 2.92
CA PHE A 52 2.48 -6.71 2.29
C PHE A 52 1.87 -6.56 0.91
N ALA A 53 1.85 -5.33 0.40
CA ALA A 53 1.28 -5.06 -0.91
C ALA A 53 2.38 -4.76 -1.93
N TYR A 54 2.32 -5.41 -3.08
CA TYR A 54 3.31 -5.23 -4.12
C TYR A 54 2.65 -4.87 -5.45
N CYS A 55 3.02 -3.72 -6.00
CA CYS A 55 2.45 -3.26 -7.26
C CYS A 55 2.65 -4.30 -8.36
N LEU A 56 1.66 -4.41 -9.24
CA LEU A 56 1.73 -5.36 -10.33
C LEU A 56 3.16 -5.55 -10.82
N ASN A 57 3.78 -4.44 -11.23
CA ASN A 57 5.15 -4.48 -11.71
C ASN A 57 6.03 -5.34 -10.82
N CYS A 58 6.21 -4.90 -9.58
CA CYS A 58 7.03 -5.63 -8.62
C CYS A 58 6.57 -7.08 -8.49
N PHE A 59 5.26 -7.26 -8.36
CA PHE A 59 4.69 -8.59 -8.22
C PHE A 59 5.22 -9.52 -9.30
N CYS A 60 5.23 -9.04 -10.54
CA CYS A 60 5.72 -9.82 -11.67
C CYS A 60 7.21 -9.60 -11.89
N ASP A 61 7.91 -9.21 -10.83
CA ASP A 61 9.34 -8.96 -10.90
C ASP A 61 10.09 -9.72 -9.81
N LEU A 62 9.70 -9.49 -8.57
CA LEU A 62 10.34 -10.15 -7.43
C LEU A 62 10.21 -11.66 -7.55
N TYR A 63 8.99 -12.15 -7.57
CA TYR A 63 8.73 -13.59 -7.68
C TYR A 63 8.75 -14.02 -9.14
N ALA A 64 7.90 -13.40 -9.95
CA ALA A 64 7.83 -13.72 -11.37
C ALA A 64 9.15 -13.44 -12.08
N SER A 65 10.00 -14.47 -12.18
CA SER A 65 11.29 -14.33 -12.83
C SER A 65 11.64 -15.58 -13.63
N GLY A 66 12.68 -15.48 -14.45
CA GLY A 66 13.10 -16.61 -15.26
C GLY A 66 12.32 -16.70 -16.56
N PRO A 67 12.86 -16.08 -17.62
CA PRO A 67 12.23 -16.08 -18.95
C PRO A 67 12.26 -17.46 -19.60
N SER A 68 13.16 -18.32 -19.13
CA SER A 68 13.29 -19.67 -19.67
C SER A 68 12.80 -20.71 -18.67
N SER A 69 11.68 -20.39 -18.00
CA SER A 69 11.10 -21.30 -17.01
C SER A 69 10.92 -22.69 -17.60
N GLY A 70 11.09 -23.70 -16.76
CA GLY A 70 10.93 -25.07 -17.20
C GLY A 70 12.02 -25.49 -18.17
ZN ZN B . 1.03 7.49 7.46
ZN ZN C . 6.47 -2.01 -6.57
N GLY A 1 -5.56 12.11 20.17
CA GLY A 1 -5.78 11.81 21.58
C GLY A 1 -7.00 10.97 21.82
N SER A 2 -7.72 11.25 22.90
CA SER A 2 -8.93 10.51 23.25
C SER A 2 -9.79 10.29 22.01
N SER A 3 -10.13 11.39 21.32
CA SER A 3 -10.96 11.31 20.13
C SER A 3 -10.46 10.22 19.19
N GLY A 4 -11.25 9.16 19.07
CA GLY A 4 -10.87 8.06 18.19
C GLY A 4 -11.04 8.40 16.73
N SER A 5 -10.14 9.23 16.21
CA SER A 5 -10.18 9.65 14.82
C SER A 5 -9.36 8.71 13.95
N SER A 6 -9.85 8.43 12.74
CA SER A 6 -9.17 7.55 11.81
C SER A 6 -7.77 8.07 11.51
N GLY A 7 -6.75 7.37 12.01
CA GLY A 7 -5.38 7.78 11.77
C GLY A 7 -4.57 6.69 11.11
N CYS A 8 -3.70 7.09 10.17
CA CYS A 8 -2.86 6.15 9.45
C CYS A 8 -2.25 5.12 10.41
N VAL A 9 -2.12 3.89 9.94
CA VAL A 9 -1.54 2.81 10.75
C VAL A 9 -0.06 2.63 10.44
N GLN A 10 0.34 3.00 9.24
CA GLN A 10 1.73 2.88 8.83
C GLN A 10 2.65 3.67 9.74
N CYS A 11 2.53 4.99 9.70
CA CYS A 11 3.35 5.87 10.54
C CYS A 11 2.64 6.18 11.86
N LYS A 12 1.36 5.83 11.93
CA LYS A 12 0.57 6.06 13.14
C LYS A 12 0.29 7.55 13.32
N LYS A 13 -0.22 8.19 12.26
CA LYS A 13 -0.54 9.61 12.29
C LYS A 13 -1.98 9.85 11.87
N PRO A 14 -2.52 11.03 12.22
CA PRO A 14 -3.89 11.41 11.87
C PRO A 14 -4.06 11.67 10.37
N ILE A 15 -5.27 11.44 9.87
CA ILE A 15 -5.56 11.65 8.46
C ILE A 15 -6.69 12.65 8.27
N THR A 16 -6.37 13.81 7.70
CA THR A 16 -7.35 14.85 7.46
C THR A 16 -7.85 14.82 6.02
N THR A 17 -6.93 14.99 5.07
CA THR A 17 -7.27 14.99 3.66
C THR A 17 -6.38 14.02 2.88
N GLY A 18 -6.96 13.36 1.88
CA GLY A 18 -6.21 12.42 1.08
C GLY A 18 -5.81 11.18 1.86
N GLY A 19 -6.75 10.27 2.04
CA GLY A 19 -6.48 9.05 2.78
C GLY A 19 -7.14 7.83 2.15
N VAL A 20 -6.68 6.65 2.54
CA VAL A 20 -7.22 5.40 2.00
C VAL A 20 -7.41 4.37 3.12
N THR A 21 -7.81 3.17 2.73
CA THR A 21 -8.03 2.09 3.69
C THR A 21 -7.57 0.75 3.12
N TYR A 22 -7.06 -0.11 4.00
CA TYR A 22 -6.59 -1.43 3.59
C TYR A 22 -6.68 -2.43 4.75
N ARG A 23 -7.51 -3.45 4.57
CA ARG A 23 -7.69 -4.47 5.59
C ARG A 23 -8.36 -3.89 6.82
N GLU A 24 -9.42 -3.11 6.61
CA GLU A 24 -10.15 -2.50 7.71
C GLU A 24 -9.23 -1.60 8.54
N GLN A 25 -8.30 -0.94 7.86
CA GLN A 25 -7.35 -0.05 8.53
C GLN A 25 -7.02 1.15 7.64
N PRO A 26 -6.88 2.32 8.27
CA PRO A 26 -6.55 3.57 7.56
C PRO A 26 -5.14 3.57 7.02
N TRP A 27 -4.92 4.33 5.95
CA TRP A 27 -3.60 4.43 5.32
C TRP A 27 -3.44 5.74 4.58
N HIS A 28 -2.27 6.36 4.72
CA HIS A 28 -1.99 7.63 4.06
C HIS A 28 -1.75 7.42 2.57
N LYS A 29 -2.16 8.40 1.76
CA LYS A 29 -1.99 8.33 0.32
C LYS A 29 -0.51 8.24 -0.05
N GLU A 30 0.35 8.42 0.94
CA GLU A 30 1.79 8.36 0.72
C GLU A 30 2.40 7.15 1.44
N CYS A 31 1.68 6.64 2.43
CA CYS A 31 2.16 5.50 3.20
C CYS A 31 1.73 4.19 2.54
N PHE A 32 0.57 4.20 1.90
CA PHE A 32 0.05 3.01 1.22
C PHE A 32 0.79 2.78 -0.09
N VAL A 33 2.11 2.79 -0.04
CA VAL A 33 2.94 2.58 -1.22
C VAL A 33 3.46 1.15 -1.26
N CYS A 34 4.14 0.81 -2.36
CA CYS A 34 4.71 -0.53 -2.52
C CYS A 34 5.67 -0.86 -1.38
N THR A 35 6.05 -2.13 -1.29
CA THR A 35 6.97 -2.58 -0.25
C THR A 35 8.35 -2.87 -0.82
N ALA A 36 8.48 -2.73 -2.14
CA ALA A 36 9.76 -2.97 -2.81
C ALA A 36 10.25 -1.72 -3.52
N CYS A 37 9.31 -0.94 -4.05
CA CYS A 37 9.64 0.29 -4.77
C CYS A 37 9.02 1.50 -4.09
N ARG A 38 8.16 1.25 -3.11
CA ARG A 38 7.51 2.32 -2.37
C ARG A 38 6.73 3.23 -3.32
N LYS A 39 5.92 2.63 -4.17
CA LYS A 39 5.12 3.38 -5.14
C LYS A 39 3.69 3.56 -4.62
N GLN A 40 3.21 4.80 -4.66
CA GLN A 40 1.86 5.11 -4.20
C GLN A 40 0.85 4.14 -4.80
N LEU A 41 0.24 3.33 -3.95
CA LEU A 41 -0.74 2.36 -4.39
C LEU A 41 -2.16 2.90 -4.22
N SER A 42 -2.30 4.21 -4.40
CA SER A 42 -3.61 4.86 -4.26
C SER A 42 -4.36 4.86 -5.59
N GLY A 43 -3.63 5.14 -6.67
CA GLY A 43 -4.24 5.17 -7.99
C GLY A 43 -3.83 3.99 -8.84
N GLN A 44 -4.07 2.78 -8.35
CA GLN A 44 -3.72 1.58 -9.07
C GLN A 44 -4.41 0.36 -8.47
N ARG A 45 -4.45 -0.74 -9.24
CA ARG A 45 -5.09 -1.97 -8.78
C ARG A 45 -4.09 -2.84 -8.02
N PHE A 46 -3.38 -2.24 -7.07
CA PHE A 46 -2.39 -2.96 -6.28
C PHE A 46 -2.89 -4.36 -5.94
N THR A 47 -1.96 -5.26 -5.67
CA THR A 47 -2.30 -6.64 -5.33
C THR A 47 -1.34 -7.21 -4.29
N ALA A 48 -1.89 -7.65 -3.17
CA ALA A 48 -1.08 -8.22 -2.09
C ALA A 48 -0.99 -9.74 -2.22
N ARG A 49 0.07 -10.31 -1.66
CA ARG A 49 0.27 -11.75 -1.71
C ARG A 49 -0.16 -12.41 -0.40
N ASP A 50 0.32 -11.87 0.72
CA ASP A 50 0.00 -12.40 2.03
C ASP A 50 -0.41 -11.28 2.98
N ASP A 51 0.49 -10.34 3.21
CA ASP A 51 0.23 -9.22 4.11
C ASP A 51 0.70 -7.91 3.48
N PHE A 52 1.89 -7.93 2.91
CA PHE A 52 2.46 -6.74 2.28
C PHE A 52 1.84 -6.51 0.90
N ALA A 53 1.87 -5.26 0.45
CA ALA A 53 1.31 -4.92 -0.85
C ALA A 53 2.41 -4.66 -1.87
N TYR A 54 2.36 -5.39 -2.99
CA TYR A 54 3.36 -5.24 -4.04
C TYR A 54 2.71 -4.87 -5.36
N CYS A 55 2.97 -3.65 -5.82
CA CYS A 55 2.40 -3.17 -7.08
C CYS A 55 2.56 -4.22 -8.18
N LEU A 56 1.86 -4.02 -9.29
CA LEU A 56 1.92 -4.93 -10.42
C LEU A 56 3.36 -5.20 -10.82
N ASN A 57 4.08 -4.14 -11.17
CA ASN A 57 5.47 -4.27 -11.58
C ASN A 57 6.23 -5.20 -10.65
N CYS A 58 6.52 -4.72 -9.44
CA CYS A 58 7.24 -5.51 -8.45
C CYS A 58 6.65 -6.92 -8.35
N PHE A 59 5.33 -6.99 -8.23
CA PHE A 59 4.64 -8.27 -8.12
C PHE A 59 5.10 -9.24 -9.21
N CYS A 60 5.20 -8.73 -10.43
CA CYS A 60 5.63 -9.53 -11.56
C CYS A 60 7.12 -9.41 -11.79
N ASP A 61 7.86 -9.15 -10.71
CA ASP A 61 9.31 -9.00 -10.79
C ASP A 61 9.99 -9.82 -9.70
N LEU A 62 9.48 -9.71 -8.48
CA LEU A 62 10.05 -10.43 -7.35
C LEU A 62 9.81 -11.94 -7.49
N TYR A 63 8.57 -12.32 -7.73
CA TYR A 63 8.21 -13.72 -7.88
C TYR A 63 8.32 -14.15 -9.35
N ALA A 64 7.39 -13.65 -10.17
CA ALA A 64 7.39 -13.98 -11.58
C ALA A 64 8.61 -13.41 -12.29
N SER A 65 9.21 -14.20 -13.17
CA SER A 65 10.39 -13.77 -13.91
C SER A 65 10.09 -13.63 -15.39
N GLY A 66 10.39 -12.47 -15.95
CA GLY A 66 10.14 -12.23 -17.35
C GLY A 66 10.23 -10.76 -17.72
N PRO A 67 10.63 -10.48 -18.97
CA PRO A 67 10.77 -9.10 -19.46
C PRO A 67 9.42 -8.41 -19.63
N SER A 68 8.98 -7.72 -18.57
CA SER A 68 7.71 -7.03 -18.60
C SER A 68 7.91 -5.55 -18.93
N SER A 69 7.47 -5.14 -20.11
CA SER A 69 7.61 -3.74 -20.54
C SER A 69 6.32 -3.26 -21.20
N GLY A 70 6.19 -1.94 -21.31
CA GLY A 70 5.01 -1.36 -21.92
C GLY A 70 5.33 -0.61 -23.20
ZN ZN B . 1.07 7.56 7.41
ZN ZN C . 6.49 -1.94 -6.60
N GLY A 1 -15.00 14.98 21.90
CA GLY A 1 -14.74 15.66 20.64
C GLY A 1 -15.34 14.94 19.45
N SER A 2 -14.97 15.37 18.25
CA SER A 2 -15.47 14.76 17.03
C SER A 2 -15.28 13.24 17.05
N SER A 3 -16.12 12.53 16.30
CA SER A 3 -16.03 11.08 16.22
C SER A 3 -15.42 10.64 14.90
N GLY A 4 -14.36 9.84 15.00
CA GLY A 4 -13.69 9.35 13.81
C GLY A 4 -12.20 9.60 13.84
N SER A 5 -11.50 8.92 14.74
CA SER A 5 -10.05 9.08 14.87
C SER A 5 -9.31 8.18 13.88
N SER A 6 -9.82 8.13 12.64
CA SER A 6 -9.21 7.31 11.61
C SER A 6 -7.81 7.81 11.28
N GLY A 7 -6.81 7.27 11.98
CA GLY A 7 -5.43 7.67 11.75
C GLY A 7 -4.63 6.58 11.08
N CYS A 8 -3.75 6.98 10.14
CA CYS A 8 -2.91 6.03 9.43
C CYS A 8 -2.32 4.99 10.39
N VAL A 9 -2.20 3.76 9.91
CA VAL A 9 -1.64 2.68 10.72
C VAL A 9 -0.17 2.48 10.43
N GLN A 10 0.26 2.86 9.22
CA GLN A 10 1.64 2.72 8.81
C GLN A 10 2.56 3.50 9.74
N CYS A 11 2.45 4.83 9.70
CA CYS A 11 3.28 5.69 10.53
C CYS A 11 2.57 6.01 11.86
N LYS A 12 1.29 5.68 11.93
CA LYS A 12 0.50 5.92 13.13
C LYS A 12 0.22 7.42 13.31
N LYS A 13 -0.26 8.05 12.25
CA LYS A 13 -0.58 9.47 12.28
C LYS A 13 -2.02 9.72 11.83
N PRO A 14 -2.54 10.91 12.18
CA PRO A 14 -3.91 11.29 11.82
C PRO A 14 -4.07 11.55 10.33
N ILE A 15 -5.28 11.33 9.82
CA ILE A 15 -5.56 11.54 8.40
C ILE A 15 -6.68 12.55 8.20
N THR A 16 -6.33 13.69 7.63
CA THR A 16 -7.31 14.75 7.37
C THR A 16 -7.80 14.72 5.93
N THR A 17 -6.88 14.88 4.99
CA THR A 17 -7.22 14.87 3.57
C THR A 17 -6.34 13.90 2.81
N GLY A 18 -6.93 13.25 1.80
CA GLY A 18 -6.17 12.29 1.00
C GLY A 18 -5.78 11.06 1.80
N GLY A 19 -6.71 10.11 1.93
CA GLY A 19 -6.42 8.90 2.66
C GLY A 19 -7.06 7.68 2.03
N VAL A 20 -6.65 6.50 2.49
CA VAL A 20 -7.19 5.24 1.97
C VAL A 20 -7.40 4.22 3.08
N THR A 21 -7.79 3.01 2.70
CA THR A 21 -8.01 1.95 3.67
C THR A 21 -7.56 0.60 3.11
N TYR A 22 -7.13 -0.29 4.01
CA TYR A 22 -6.67 -1.61 3.61
C TYR A 22 -6.77 -2.59 4.77
N ARG A 23 -7.61 -3.62 4.60
CA ARG A 23 -7.81 -4.63 5.62
C ARG A 23 -8.48 -4.02 6.86
N GLU A 24 -9.51 -3.23 6.63
CA GLU A 24 -10.24 -2.59 7.72
C GLU A 24 -9.32 -1.69 8.54
N GLN A 25 -8.37 -1.05 7.85
CA GLN A 25 -7.43 -0.16 8.51
C GLN A 25 -7.08 1.03 7.61
N PRO A 26 -6.94 2.21 8.24
CA PRO A 26 -6.61 3.45 7.52
C PRO A 26 -5.18 3.44 6.97
N TRP A 27 -4.95 4.22 5.93
CA TRP A 27 -3.63 4.31 5.32
C TRP A 27 -3.46 5.62 4.57
N HIS A 28 -2.28 6.23 4.70
CA HIS A 28 -2.00 7.50 4.04
C HIS A 28 -1.76 7.28 2.54
N LYS A 29 -2.16 8.26 1.74
CA LYS A 29 -1.98 8.17 0.29
C LYS A 29 -0.50 8.08 -0.07
N GLU A 30 0.36 8.26 0.93
CA GLU A 30 1.80 8.20 0.71
C GLU A 30 2.41 7.01 1.44
N CYS A 31 1.67 6.48 2.41
CA CYS A 31 2.14 5.33 3.18
C CYS A 31 1.73 4.02 2.52
N PHE A 32 0.56 4.02 1.88
CA PHE A 32 0.06 2.84 1.20
C PHE A 32 0.78 2.62 -0.12
N VAL A 33 2.10 2.68 -0.09
CA VAL A 33 2.92 2.49 -1.29
C VAL A 33 3.46 1.07 -1.37
N CYS A 34 4.11 0.75 -2.48
CA CYS A 34 4.67 -0.58 -2.68
C CYS A 34 5.71 -0.90 -1.60
N THR A 35 6.09 -2.17 -1.51
CA THR A 35 7.07 -2.60 -0.52
C THR A 35 8.42 -2.88 -1.16
N ALA A 36 8.48 -2.74 -2.48
CA ALA A 36 9.71 -2.98 -3.21
C ALA A 36 10.21 -1.69 -3.88
N CYS A 37 9.27 -0.87 -4.33
CA CYS A 37 9.61 0.39 -4.99
C CYS A 37 9.02 1.57 -4.23
N ARG A 38 8.15 1.27 -3.27
CA ARG A 38 7.51 2.31 -2.47
C ARG A 38 6.70 3.26 -3.36
N LYS A 39 5.92 2.69 -4.25
CA LYS A 39 5.09 3.49 -5.17
C LYS A 39 3.68 3.64 -4.61
N GLN A 40 3.18 4.87 -4.62
CA GLN A 40 1.83 5.15 -4.13
C GLN A 40 0.81 4.21 -4.78
N LEU A 41 0.21 3.35 -3.96
CA LEU A 41 -0.79 2.41 -4.46
C LEU A 41 -2.20 2.92 -4.19
N SER A 42 -2.38 4.23 -4.29
CA SER A 42 -3.68 4.85 -4.06
C SER A 42 -4.44 5.03 -5.37
N GLY A 43 -3.85 5.79 -6.29
CA GLY A 43 -4.49 6.02 -7.57
C GLY A 43 -4.05 5.01 -8.62
N GLN A 44 -3.89 3.77 -8.21
CA GLN A 44 -3.48 2.71 -9.12
C GLN A 44 -3.84 1.33 -8.57
N ARG A 45 -3.78 0.32 -9.42
CA ARG A 45 -4.10 -1.05 -9.01
C ARG A 45 -2.93 -1.67 -8.26
N PHE A 46 -3.24 -2.56 -7.33
CA PHE A 46 -2.21 -3.24 -6.53
C PHE A 46 -2.71 -4.60 -6.07
N THR A 47 -1.83 -5.33 -5.37
CA THR A 47 -2.17 -6.66 -4.87
C THR A 47 -1.18 -7.11 -3.81
N ALA A 48 -1.69 -7.66 -2.71
CA ALA A 48 -0.85 -8.14 -1.62
C ALA A 48 -0.73 -9.66 -1.64
N ARG A 49 0.36 -10.17 -1.11
CA ARG A 49 0.58 -11.62 -1.06
C ARG A 49 0.21 -12.18 0.29
N ASP A 50 0.61 -11.49 1.35
CA ASP A 50 0.31 -11.94 2.71
C ASP A 50 -0.20 -10.78 3.56
N ASP A 51 0.64 -9.76 3.73
CA ASP A 51 0.28 -8.59 4.52
C ASP A 51 0.64 -7.31 3.79
N PHE A 52 1.79 -7.31 3.13
CA PHE A 52 2.27 -6.15 2.39
C PHE A 52 1.78 -6.19 0.94
N ALA A 53 1.73 -5.03 0.30
CA ALA A 53 1.28 -4.92 -1.08
C ALA A 53 2.47 -4.79 -2.03
N TYR A 54 2.24 -5.13 -3.29
CA TYR A 54 3.29 -5.06 -4.31
C TYR A 54 2.70 -4.72 -5.68
N CYS A 55 2.97 -3.51 -6.14
CA CYS A 55 2.47 -3.05 -7.44
C CYS A 55 2.68 -4.13 -8.50
N LEU A 56 1.69 -4.30 -9.37
CA LEU A 56 1.76 -5.29 -10.43
C LEU A 56 3.20 -5.47 -10.91
N ASN A 57 3.81 -4.39 -11.38
CA ASN A 57 5.18 -4.42 -11.87
C ASN A 57 6.05 -5.29 -10.96
N CYS A 58 6.22 -4.85 -9.72
CA CYS A 58 7.02 -5.59 -8.75
C CYS A 58 6.50 -7.01 -8.57
N PHE A 59 5.18 -7.12 -8.34
CA PHE A 59 4.56 -8.42 -8.15
C PHE A 59 5.01 -9.41 -9.22
N CYS A 60 5.04 -8.95 -10.46
CA CYS A 60 5.45 -9.80 -11.58
C CYS A 60 6.96 -9.72 -11.79
N ASP A 61 7.69 -9.43 -10.71
CA ASP A 61 9.14 -9.34 -10.78
C ASP A 61 9.79 -10.11 -9.64
N LEU A 62 9.43 -9.78 -8.42
CA LEU A 62 9.97 -10.45 -7.25
C LEU A 62 9.80 -11.96 -7.35
N TYR A 63 8.56 -12.42 -7.27
CA TYR A 63 8.26 -13.85 -7.36
C TYR A 63 8.18 -14.29 -8.82
N ALA A 64 7.25 -13.69 -9.56
CA ALA A 64 7.07 -14.02 -10.97
C ALA A 64 8.18 -13.42 -11.82
N SER A 65 8.40 -14.03 -12.98
CA SER A 65 9.45 -13.57 -13.89
C SER A 65 8.87 -13.22 -15.26
N GLY A 66 8.91 -11.95 -15.61
CA GLY A 66 8.38 -11.51 -16.90
C GLY A 66 9.48 -11.17 -17.89
N PRO A 67 9.08 -10.64 -19.05
CA PRO A 67 10.02 -10.26 -20.12
C PRO A 67 10.87 -9.06 -19.75
N SER A 68 11.72 -8.63 -20.66
CA SER A 68 12.60 -7.49 -20.43
C SER A 68 13.53 -7.75 -19.25
N SER A 69 14.08 -8.97 -19.19
CA SER A 69 14.99 -9.35 -18.11
C SER A 69 16.33 -8.64 -18.28
N GLY A 70 16.43 -7.43 -17.74
CA GLY A 70 17.65 -6.67 -17.82
C GLY A 70 18.05 -6.05 -16.50
ZN ZN B . 1.04 7.41 7.40
ZN ZN C . 6.51 -1.98 -6.75
N GLY A 1 -19.53 13.87 17.83
CA GLY A 1 -18.99 12.67 18.43
C GLY A 1 -18.00 11.96 17.52
N SER A 2 -16.80 11.69 18.04
CA SER A 2 -15.77 11.02 17.27
C SER A 2 -15.23 9.81 18.02
N SER A 3 -15.33 8.64 17.41
CA SER A 3 -14.86 7.40 18.01
C SER A 3 -13.58 6.92 17.34
N GLY A 4 -12.45 7.12 18.00
CA GLY A 4 -11.17 6.69 17.46
C GLY A 4 -10.89 7.32 16.10
N SER A 5 -10.39 8.55 16.11
CA SER A 5 -10.09 9.25 14.87
C SER A 5 -9.30 8.35 13.92
N SER A 6 -9.82 8.20 12.70
CA SER A 6 -9.17 7.37 11.69
C SER A 6 -7.76 7.88 11.40
N GLY A 7 -6.76 7.22 11.98
CA GLY A 7 -5.38 7.62 11.77
C GLY A 7 -4.57 6.54 11.08
N CYS A 8 -3.72 6.95 10.14
CA CYS A 8 -2.88 6.01 9.41
C CYS A 8 -2.30 4.96 10.34
N VAL A 9 -2.18 3.73 9.85
CA VAL A 9 -1.63 2.63 10.64
C VAL A 9 -0.15 2.42 10.34
N GLN A 10 0.26 2.84 9.15
CA GLN A 10 1.66 2.69 8.74
C GLN A 10 2.58 3.47 9.67
N CYS A 11 2.49 4.78 9.63
CA CYS A 11 3.32 5.64 10.47
C CYS A 11 2.62 5.95 11.80
N LYS A 12 1.34 5.62 11.87
CA LYS A 12 0.55 5.86 13.08
C LYS A 12 0.27 7.35 13.26
N LYS A 13 -0.21 7.99 12.21
CA LYS A 13 -0.52 9.41 12.26
C LYS A 13 -1.96 9.67 11.82
N PRO A 14 -2.49 10.85 12.19
CA PRO A 14 -3.86 11.24 11.84
C PRO A 14 -4.02 11.53 10.35
N ILE A 15 -5.22 11.29 9.84
CA ILE A 15 -5.50 11.52 8.43
C ILE A 15 -6.63 12.53 8.25
N THR A 16 -6.28 13.72 7.79
CA THR A 16 -7.26 14.78 7.57
C THR A 16 -7.75 14.80 6.13
N THR A 17 -6.81 14.82 5.19
CA THR A 17 -7.15 14.83 3.77
C THR A 17 -6.29 13.85 3.00
N GLY A 18 -6.82 13.37 1.87
CA GLY A 18 -6.09 12.42 1.05
C GLY A 18 -5.71 11.17 1.82
N GLY A 19 -6.67 10.26 1.98
CA GLY A 19 -6.41 9.03 2.71
C GLY A 19 -7.10 7.84 2.08
N VAL A 20 -6.69 6.64 2.48
CA VAL A 20 -7.28 5.41 1.96
C VAL A 20 -7.47 4.38 3.06
N THR A 21 -7.90 3.18 2.68
CA THR A 21 -8.12 2.10 3.63
C THR A 21 -7.72 0.76 3.05
N TYR A 22 -7.26 -0.14 3.91
CA TYR A 22 -6.84 -1.47 3.48
C TYR A 22 -6.94 -2.48 4.63
N ARG A 23 -7.81 -3.47 4.46
CA ARG A 23 -8.01 -4.49 5.47
C ARG A 23 -8.63 -3.89 6.73
N GLU A 24 -9.66 -3.08 6.55
CA GLU A 24 -10.34 -2.45 7.67
C GLU A 24 -9.38 -1.59 8.48
N GLN A 25 -8.44 -0.95 7.78
CA GLN A 25 -7.45 -0.09 8.44
C GLN A 25 -7.11 1.10 7.56
N PRO A 26 -6.92 2.27 8.20
CA PRO A 26 -6.58 3.51 7.51
C PRO A 26 -5.18 3.49 6.93
N TRP A 27 -4.97 4.24 5.86
CA TRP A 27 -3.65 4.30 5.22
C TRP A 27 -3.48 5.63 4.49
N HIS A 28 -2.30 6.23 4.67
CA HIS A 28 -2.01 7.51 4.03
C HIS A 28 -1.76 7.33 2.53
N LYS A 29 -2.18 8.32 1.74
CA LYS A 29 -2.02 8.27 0.29
C LYS A 29 -0.55 8.16 -0.08
N GLU A 30 0.32 8.32 0.90
CA GLU A 30 1.76 8.24 0.67
C GLU A 30 2.35 7.02 1.37
N CYS A 31 1.65 6.52 2.38
CA CYS A 31 2.11 5.36 3.12
C CYS A 31 1.66 4.06 2.44
N PHE A 32 0.51 4.11 1.79
CA PHE A 32 -0.02 2.95 1.09
C PHE A 32 0.71 2.72 -0.22
N VAL A 33 2.04 2.73 -0.17
CA VAL A 33 2.86 2.52 -1.35
C VAL A 33 3.39 1.09 -1.41
N CYS A 34 4.12 0.78 -2.48
CA CYS A 34 4.69 -0.55 -2.65
C CYS A 34 5.69 -0.86 -1.54
N THR A 35 6.08 -2.13 -1.45
CA THR A 35 7.03 -2.56 -0.43
C THR A 35 8.40 -2.82 -1.04
N ALA A 36 8.50 -2.65 -2.35
CA ALA A 36 9.76 -2.86 -3.05
C ALA A 36 10.23 -1.58 -3.74
N CYS A 37 9.27 -0.84 -4.31
CA CYS A 37 9.59 0.41 -5.00
C CYS A 37 8.96 1.60 -4.28
N ARG A 38 8.13 1.32 -3.28
CA ARG A 38 7.46 2.36 -2.52
C ARG A 38 6.64 3.27 -3.43
N LYS A 39 5.87 2.66 -4.32
CA LYS A 39 5.03 3.41 -5.25
C LYS A 39 3.60 3.54 -4.72
N GLN A 40 3.08 4.76 -4.75
CA GLN A 40 1.72 5.03 -4.28
C GLN A 40 0.74 4.04 -4.88
N LEU A 41 0.06 3.28 -4.03
CA LEU A 41 -0.92 2.30 -4.48
C LEU A 41 -2.34 2.79 -4.22
N SER A 42 -2.53 4.10 -4.25
CA SER A 42 -3.83 4.70 -4.02
C SER A 42 -4.60 4.86 -5.32
N GLY A 43 -4.03 5.65 -6.23
CA GLY A 43 -4.67 5.88 -7.52
C GLY A 43 -4.18 4.93 -8.59
N GLN A 44 -4.14 3.63 -8.27
CA GLN A 44 -3.68 2.63 -9.21
C GLN A 44 -3.85 1.23 -8.63
N ARG A 45 -3.90 0.23 -9.51
CA ARG A 45 -4.06 -1.16 -9.10
C ARG A 45 -2.87 -1.62 -8.26
N PHE A 46 -3.11 -2.58 -7.38
CA PHE A 46 -2.05 -3.11 -6.53
C PHE A 46 -2.30 -4.59 -6.20
N THR A 47 -1.43 -5.16 -5.39
CA THR A 47 -1.55 -6.56 -5.00
C THR A 47 -1.00 -6.79 -3.59
N ALA A 48 -1.20 -8.00 -3.08
CA ALA A 48 -0.72 -8.35 -1.74
C ALA A 48 -0.64 -9.86 -1.57
N ARG A 49 0.57 -10.36 -1.31
CA ARG A 49 0.77 -11.79 -1.12
C ARG A 49 0.14 -12.26 0.19
N ASP A 50 0.61 -11.71 1.30
CA ASP A 50 0.09 -12.07 2.61
C ASP A 50 -0.35 -10.83 3.39
N ASP A 51 0.60 -9.94 3.64
CA ASP A 51 0.32 -8.71 4.37
C ASP A 51 0.88 -7.50 3.63
N PHE A 52 2.07 -7.65 3.07
CA PHE A 52 2.71 -6.56 2.34
C PHE A 52 1.92 -6.23 1.08
N ALA A 53 2.11 -5.01 0.58
CA ALA A 53 1.43 -4.56 -0.62
C ALA A 53 2.42 -4.26 -1.74
N TYR A 54 2.33 -5.02 -2.83
CA TYR A 54 3.22 -4.84 -3.97
C TYR A 54 2.44 -4.41 -5.20
N CYS A 55 3.13 -3.74 -6.12
CA CYS A 55 2.51 -3.26 -7.35
C CYS A 55 2.67 -4.28 -8.47
N LEU A 56 1.63 -4.43 -9.29
CA LEU A 56 1.66 -5.37 -10.40
C LEU A 56 3.08 -5.57 -10.91
N ASN A 57 3.79 -4.47 -11.10
CA ASN A 57 5.17 -4.52 -11.60
C ASN A 57 6.03 -5.41 -10.71
N CYS A 58 6.26 -4.96 -9.47
CA CYS A 58 7.07 -5.71 -8.52
C CYS A 58 6.51 -7.11 -8.33
N PHE A 59 5.18 -7.20 -8.18
CA PHE A 59 4.52 -8.48 -7.98
C PHE A 59 4.91 -9.48 -9.07
N CYS A 60 5.12 -8.97 -10.28
CA CYS A 60 5.49 -9.80 -11.41
C CYS A 60 6.98 -9.68 -11.70
N ASP A 61 7.74 -9.24 -10.70
CA ASP A 61 9.18 -9.07 -10.85
C ASP A 61 9.93 -9.74 -9.71
N LEU A 62 9.28 -9.84 -8.55
CA LEU A 62 9.88 -10.45 -7.38
C LEU A 62 9.74 -11.98 -7.43
N TYR A 63 8.52 -12.45 -7.60
CA TYR A 63 8.25 -13.88 -7.67
C TYR A 63 8.06 -14.33 -9.11
N ALA A 64 7.30 -13.55 -9.87
CA ALA A 64 7.04 -13.87 -11.28
C ALA A 64 8.21 -13.42 -12.15
N SER A 65 9.39 -13.96 -11.89
CA SER A 65 10.58 -13.62 -12.66
C SER A 65 11.77 -14.47 -12.23
N GLY A 66 12.52 -14.97 -13.22
CA GLY A 66 13.67 -15.80 -12.93
C GLY A 66 14.37 -15.40 -11.65
N PRO A 67 14.04 -16.10 -10.55
CA PRO A 67 14.62 -15.83 -9.23
C PRO A 67 16.10 -16.22 -9.16
N SER A 68 16.88 -15.43 -8.44
CA SER A 68 18.30 -15.71 -8.30
C SER A 68 18.56 -16.83 -7.29
N SER A 69 18.13 -16.60 -6.05
CA SER A 69 18.30 -17.59 -5.00
C SER A 69 17.26 -17.40 -3.89
N GLY A 70 17.26 -18.31 -2.92
CA GLY A 70 16.32 -18.23 -1.83
C GLY A 70 16.01 -16.79 -1.43
ZN ZN B . 1.06 7.40 7.36
ZN ZN C . 6.48 -2.01 -6.71
N GLY A 1 -13.75 11.87 19.04
CA GLY A 1 -13.04 12.81 19.89
C GLY A 1 -11.56 12.49 19.97
N SER A 2 -11.08 12.16 21.17
CA SER A 2 -9.68 11.83 21.38
C SER A 2 -9.37 10.42 20.92
N SER A 3 -10.16 9.46 21.40
CA SER A 3 -9.98 8.06 21.04
C SER A 3 -11.07 7.59 20.08
N GLY A 4 -10.69 7.38 18.82
CA GLY A 4 -11.66 6.93 17.83
C GLY A 4 -11.32 7.42 16.44
N SER A 5 -10.90 8.68 16.33
CA SER A 5 -10.54 9.27 15.05
C SER A 5 -9.79 8.26 14.18
N SER A 6 -9.87 8.45 12.86
CA SER A 6 -9.19 7.56 11.93
C SER A 6 -7.79 8.07 11.61
N GLY A 7 -6.79 7.39 12.13
CA GLY A 7 -5.41 7.79 11.88
C GLY A 7 -4.59 6.70 11.21
N CYS A 8 -3.75 7.09 10.27
CA CYS A 8 -2.91 6.13 9.56
C CYS A 8 -2.30 5.12 10.51
N VAL A 9 -2.17 3.88 10.04
CA VAL A 9 -1.59 2.81 10.85
C VAL A 9 -0.12 2.61 10.53
N GLN A 10 0.28 3.00 9.32
CA GLN A 10 1.67 2.85 8.90
C GLN A 10 2.60 3.65 9.80
N CYS A 11 2.47 4.98 9.75
CA CYS A 11 3.31 5.85 10.56
C CYS A 11 2.62 6.18 11.88
N LYS A 12 1.33 5.86 11.97
CA LYS A 12 0.56 6.12 13.18
C LYS A 12 0.27 7.62 13.34
N LYS A 13 -0.22 8.23 12.27
CA LYS A 13 -0.54 9.65 12.28
C LYS A 13 -1.99 9.88 11.85
N PRO A 14 -2.53 11.07 12.18
CA PRO A 14 -3.91 11.44 11.83
C PRO A 14 -4.09 11.67 10.34
N ILE A 15 -5.28 11.39 9.85
CA ILE A 15 -5.58 11.57 8.43
C ILE A 15 -6.71 12.58 8.23
N THR A 16 -6.36 13.75 7.71
CA THR A 16 -7.35 14.80 7.48
C THR A 16 -7.86 14.76 6.04
N THR A 17 -6.94 14.93 5.10
CA THR A 17 -7.28 14.91 3.68
C THR A 17 -6.41 13.92 2.91
N GLY A 18 -6.99 13.31 1.87
CA GLY A 18 -6.25 12.36 1.07
C GLY A 18 -5.85 11.13 1.86
N GLY A 19 -6.78 10.20 2.02
CA GLY A 19 -6.49 8.98 2.76
C GLY A 19 -7.16 7.76 2.17
N VAL A 20 -6.76 6.59 2.61
CA VAL A 20 -7.33 5.34 2.12
C VAL A 20 -7.50 4.32 3.24
N THR A 21 -7.92 3.11 2.89
CA THR A 21 -8.11 2.05 3.87
C THR A 21 -7.68 0.70 3.32
N TYR A 22 -7.30 -0.20 4.21
CA TYR A 22 -6.85 -1.53 3.81
C TYR A 22 -6.95 -2.52 4.97
N ARG A 23 -7.77 -3.54 4.81
CA ARG A 23 -7.96 -4.54 5.85
C ARG A 23 -8.61 -3.94 7.09
N GLU A 24 -9.60 -3.08 6.87
CA GLU A 24 -10.31 -2.42 7.97
C GLU A 24 -9.37 -1.52 8.76
N GLN A 25 -8.43 -0.90 8.06
CA GLN A 25 -7.46 -0.02 8.70
C GLN A 25 -7.13 1.17 7.80
N PRO A 26 -6.95 2.35 8.41
CA PRO A 26 -6.62 3.57 7.68
C PRO A 26 -5.21 3.54 7.10
N TRP A 27 -5.01 4.27 6.01
CA TRP A 27 -3.70 4.33 5.36
C TRP A 27 -3.53 5.64 4.60
N HIS A 28 -2.38 6.27 4.77
CA HIS A 28 -2.08 7.53 4.09
C HIS A 28 -1.85 7.31 2.60
N LYS A 29 -2.29 8.28 1.79
CA LYS A 29 -2.13 8.18 0.35
C LYS A 29 -0.65 8.08 -0.03
N GLU A 30 0.22 8.27 0.94
CA GLU A 30 1.66 8.20 0.71
C GLU A 30 2.27 6.99 1.42
N CYS A 31 1.57 6.51 2.44
CA CYS A 31 2.04 5.36 3.22
C CYS A 31 1.62 4.05 2.55
N PHE A 32 0.45 4.07 1.92
CA PHE A 32 -0.07 2.88 1.24
C PHE A 32 0.66 2.66 -0.08
N VAL A 33 1.98 2.71 -0.05
CA VAL A 33 2.80 2.51 -1.24
C VAL A 33 3.33 1.08 -1.32
N CYS A 34 3.98 0.76 -2.42
CA CYS A 34 4.53 -0.58 -2.62
C CYS A 34 5.55 -0.91 -1.53
N THR A 35 5.94 -2.18 -1.45
CA THR A 35 6.91 -2.62 -0.46
C THR A 35 8.27 -2.91 -1.10
N ALA A 36 8.31 -2.85 -2.42
CA ALA A 36 9.55 -3.10 -3.16
C ALA A 36 10.06 -1.83 -3.82
N CYS A 37 9.13 -0.98 -4.26
CA CYS A 37 9.49 0.27 -4.92
C CYS A 37 8.90 1.47 -4.16
N ARG A 38 7.99 1.18 -3.24
CA ARG A 38 7.36 2.23 -2.46
C ARG A 38 6.58 3.20 -3.35
N LYS A 39 5.81 2.64 -4.27
CA LYS A 39 5.02 3.45 -5.19
C LYS A 39 3.59 3.64 -4.68
N GLN A 40 3.06 4.84 -4.85
CA GLN A 40 1.71 5.15 -4.39
C GLN A 40 0.68 4.27 -5.12
N LEU A 41 0.28 3.18 -4.47
CA LEU A 41 -0.70 2.27 -5.05
C LEU A 41 -2.10 2.87 -5.01
N SER A 42 -2.27 3.90 -4.17
CA SER A 42 -3.57 4.55 -4.03
C SER A 42 -4.07 5.06 -5.38
N GLY A 43 -3.13 5.39 -6.26
CA GLY A 43 -3.49 5.88 -7.58
C GLY A 43 -3.16 4.91 -8.69
N GLN A 44 -3.26 3.62 -8.39
CA GLN A 44 -2.96 2.58 -9.36
C GLN A 44 -3.38 1.21 -8.85
N ARG A 45 -3.17 0.18 -9.66
CA ARG A 45 -3.53 -1.18 -9.29
C ARG A 45 -2.44 -1.82 -8.44
N PHE A 46 -2.82 -2.83 -7.65
CA PHE A 46 -1.87 -3.52 -6.79
C PHE A 46 -2.46 -4.82 -6.26
N THR A 47 -1.68 -5.55 -5.46
CA THR A 47 -2.13 -6.81 -4.89
C THR A 47 -1.18 -7.29 -3.81
N ALA A 48 -1.76 -7.72 -2.68
CA ALA A 48 -0.95 -8.21 -1.57
C ALA A 48 -0.68 -9.70 -1.70
N ARG A 49 0.57 -10.10 -1.48
CA ARG A 49 0.96 -11.50 -1.57
C ARG A 49 0.68 -12.23 -0.27
N ASP A 50 1.05 -11.62 0.85
CA ASP A 50 0.83 -12.22 2.16
C ASP A 50 0.23 -11.21 3.12
N ASP A 51 0.98 -10.15 3.41
CA ASP A 51 0.51 -9.11 4.32
C ASP A 51 0.73 -7.73 3.73
N PHE A 52 1.85 -7.56 3.03
CA PHE A 52 2.18 -6.28 2.41
C PHE A 52 1.64 -6.21 0.99
N ALA A 53 1.53 -5.01 0.45
CA ALA A 53 1.03 -4.80 -0.90
C ALA A 53 2.17 -4.70 -1.90
N TYR A 54 2.00 -5.35 -3.06
CA TYR A 54 3.00 -5.34 -4.10
C TYR A 54 2.40 -4.96 -5.45
N CYS A 55 2.79 -3.80 -5.96
CA CYS A 55 2.28 -3.33 -7.24
C CYS A 55 2.60 -4.32 -8.36
N LEU A 56 1.64 -4.52 -9.25
CA LEU A 56 1.81 -5.45 -10.37
C LEU A 56 3.25 -5.45 -10.85
N ASN A 57 3.69 -4.32 -11.39
CA ASN A 57 5.05 -4.18 -11.89
C ASN A 57 6.03 -5.01 -11.06
N CYS A 58 5.98 -4.81 -9.74
CA CYS A 58 6.86 -5.53 -8.83
C CYS A 58 6.43 -6.99 -8.70
N PHE A 59 5.17 -7.19 -8.30
CA PHE A 59 4.63 -8.54 -8.14
C PHE A 59 5.04 -9.44 -9.30
N CYS A 60 5.27 -8.82 -10.46
CA CYS A 60 5.65 -9.56 -11.66
C CYS A 60 7.12 -9.98 -11.58
N ASP A 61 7.96 -9.10 -11.06
CA ASP A 61 9.39 -9.38 -10.93
C ASP A 61 9.67 -10.15 -9.64
N LEU A 62 9.24 -9.59 -8.52
CA LEU A 62 9.45 -10.21 -7.21
C LEU A 62 9.43 -11.73 -7.34
N TYR A 63 8.24 -12.28 -7.59
CA TYR A 63 8.09 -13.73 -7.74
C TYR A 63 8.07 -14.13 -9.20
N ALA A 64 7.00 -13.76 -9.89
CA ALA A 64 6.86 -14.09 -11.31
C ALA A 64 8.13 -13.74 -12.08
N SER A 65 8.19 -14.17 -13.34
CA SER A 65 9.35 -13.91 -14.19
C SER A 65 8.91 -13.47 -15.59
N GLY A 66 9.61 -12.47 -16.12
CA GLY A 66 9.28 -11.97 -17.44
C GLY A 66 10.32 -11.00 -17.96
N PRO A 67 9.91 -10.16 -18.94
CA PRO A 67 10.80 -9.16 -19.54
C PRO A 67 11.16 -8.03 -18.57
N SER A 68 12.20 -8.25 -17.77
CA SER A 68 12.63 -7.25 -16.81
C SER A 68 13.25 -6.05 -17.51
N SER A 69 12.39 -5.13 -17.94
CA SER A 69 12.85 -3.92 -18.63
C SER A 69 12.18 -2.68 -18.06
N GLY A 70 12.94 -1.91 -17.28
CA GLY A 70 12.41 -0.70 -16.68
C GLY A 70 12.51 -0.71 -15.17
ZN ZN B . 1.00 7.51 7.43
ZN ZN C . 6.30 -1.98 -6.72
N GLY A 1 -14.99 9.26 15.42
CA GLY A 1 -15.14 9.51 16.85
C GLY A 1 -14.14 10.54 17.35
N SER A 2 -14.64 11.56 18.04
CA SER A 2 -13.81 12.61 18.58
C SER A 2 -12.60 12.02 19.32
N SER A 3 -12.88 11.25 20.36
CA SER A 3 -11.83 10.63 21.16
C SER A 3 -10.77 10.01 20.26
N GLY A 4 -11.18 9.02 19.46
CA GLY A 4 -10.25 8.36 18.56
C GLY A 4 -10.58 8.59 17.11
N SER A 5 -9.75 9.39 16.44
CA SER A 5 -9.98 9.71 15.03
C SER A 5 -9.18 8.77 14.14
N SER A 6 -9.74 8.45 12.97
CA SER A 6 -9.08 7.55 12.03
C SER A 6 -7.69 8.07 11.66
N GLY A 7 -6.67 7.40 12.18
CA GLY A 7 -5.30 7.82 11.89
C GLY A 7 -4.51 6.72 11.20
N CYS A 8 -3.65 7.12 10.26
CA CYS A 8 -2.82 6.17 9.53
C CYS A 8 -2.20 5.15 10.47
N VAL A 9 -2.09 3.91 10.01
CA VAL A 9 -1.51 2.84 10.81
C VAL A 9 -0.04 2.64 10.47
N GLN A 10 0.35 3.03 9.26
CA GLN A 10 1.72 2.89 8.80
C GLN A 10 2.67 3.69 9.70
N CYS A 11 2.55 5.01 9.64
CA CYS A 11 3.40 5.89 10.45
C CYS A 11 2.73 6.20 11.78
N LYS A 12 1.45 5.88 11.90
CA LYS A 12 0.70 6.13 13.12
C LYS A 12 0.41 7.62 13.28
N LYS A 13 -0.08 8.24 12.22
CA LYS A 13 -0.40 9.67 12.25
C LYS A 13 -1.85 9.90 11.85
N PRO A 14 -2.37 11.09 12.19
CA PRO A 14 -3.75 11.48 11.88
C PRO A 14 -3.96 11.70 10.38
N ILE A 15 -5.18 11.45 9.92
CA ILE A 15 -5.52 11.64 8.51
C ILE A 15 -6.63 12.65 8.34
N THR A 16 -6.30 13.82 7.78
CA THR A 16 -7.28 14.87 7.56
C THR A 16 -7.80 14.84 6.14
N THR A 17 -6.90 15.04 5.18
CA THR A 17 -7.27 15.04 3.77
C THR A 17 -6.38 14.08 2.97
N GLY A 18 -6.99 13.40 2.00
CA GLY A 18 -6.25 12.46 1.18
C GLY A 18 -5.82 11.22 1.94
N GLY A 19 -6.73 10.26 2.05
CA GLY A 19 -6.42 9.03 2.77
C GLY A 19 -7.07 7.82 2.15
N VAL A 20 -6.76 6.64 2.68
CA VAL A 20 -7.33 5.40 2.17
C VAL A 20 -7.48 4.36 3.29
N THR A 21 -7.90 3.16 2.92
CA THR A 21 -8.09 2.09 3.89
C THR A 21 -7.61 0.75 3.32
N TYR A 22 -7.20 -0.15 4.21
CA TYR A 22 -6.73 -1.46 3.80
C TYR A 22 -6.81 -2.45 4.96
N ARG A 23 -7.63 -3.48 4.79
CA ARG A 23 -7.80 -4.50 5.82
C ARG A 23 -8.46 -3.92 7.06
N GLU A 24 -9.49 -3.09 6.86
CA GLU A 24 -10.21 -2.47 7.96
C GLU A 24 -9.28 -1.56 8.76
N GLN A 25 -8.34 -0.91 8.06
CA GLN A 25 -7.40 -0.01 8.70
C GLN A 25 -7.07 1.17 7.80
N PRO A 26 -6.91 2.36 8.42
CA PRO A 26 -6.60 3.59 7.69
C PRO A 26 -5.20 3.59 7.12
N TRP A 27 -4.99 4.35 6.05
CA TRP A 27 -3.69 4.44 5.41
C TRP A 27 -3.54 5.75 4.64
N HIS A 28 -2.36 6.36 4.76
CA HIS A 28 -2.09 7.62 4.08
C HIS A 28 -1.89 7.41 2.58
N LYS A 29 -2.31 8.38 1.79
CA LYS A 29 -2.17 8.30 0.34
C LYS A 29 -0.71 8.20 -0.06
N GLU A 30 0.18 8.38 0.90
CA GLU A 30 1.62 8.30 0.64
C GLU A 30 2.24 7.11 1.37
N CYS A 31 1.53 6.58 2.35
CA CYS A 31 2.01 5.45 3.12
C CYS A 31 1.57 4.14 2.48
N PHE A 32 0.39 4.16 1.86
CA PHE A 32 -0.15 2.96 1.20
C PHE A 32 0.55 2.71 -0.12
N VAL A 33 1.88 2.75 -0.09
CA VAL A 33 2.67 2.52 -1.30
C VAL A 33 3.19 1.09 -1.35
N CYS A 34 3.97 0.78 -2.39
CA CYS A 34 4.53 -0.56 -2.56
C CYS A 34 5.49 -0.89 -1.42
N THR A 35 5.88 -2.16 -1.33
CA THR A 35 6.80 -2.60 -0.28
C THR A 35 8.20 -2.83 -0.84
N ALA A 36 8.33 -2.73 -2.16
CA ALA A 36 9.62 -2.93 -2.82
C ALA A 36 10.08 -1.64 -3.49
N CYS A 37 9.14 -0.92 -4.10
CA CYS A 37 9.46 0.33 -4.77
C CYS A 37 8.81 1.52 -4.07
N ARG A 38 8.01 1.23 -3.05
CA ARG A 38 7.32 2.27 -2.30
C ARG A 38 6.57 3.21 -3.23
N LYS A 39 5.78 2.63 -4.14
CA LYS A 39 5.01 3.42 -5.08
C LYS A 39 3.56 3.57 -4.62
N GLN A 40 3.06 4.81 -4.63
CA GLN A 40 1.70 5.09 -4.20
C GLN A 40 0.71 4.14 -4.89
N LEU A 41 0.06 3.30 -4.10
CA LEU A 41 -0.91 2.34 -4.64
C LEU A 41 -2.33 2.86 -4.45
N SER A 42 -2.48 4.18 -4.44
CA SER A 42 -3.79 4.80 -4.27
C SER A 42 -4.55 4.83 -5.59
N GLY A 43 -3.98 5.50 -6.58
CA GLY A 43 -4.62 5.58 -7.89
C GLY A 43 -3.98 4.67 -8.91
N GLN A 44 -3.86 3.39 -8.56
CA GLN A 44 -3.26 2.41 -9.46
C GLN A 44 -3.62 0.99 -9.03
N ARG A 45 -3.36 0.02 -9.91
CA ARG A 45 -3.65 -1.37 -9.62
C ARG A 45 -2.63 -1.97 -8.66
N PHE A 46 -3.11 -2.62 -7.61
CA PHE A 46 -2.23 -3.23 -6.63
C PHE A 46 -2.78 -4.58 -6.16
N THR A 47 -1.91 -5.43 -5.65
CA THR A 47 -2.30 -6.75 -5.16
C THR A 47 -1.34 -7.26 -4.09
N ALA A 48 -1.90 -7.70 -2.98
CA ALA A 48 -1.09 -8.23 -1.88
C ALA A 48 -0.86 -9.73 -2.03
N ARG A 49 0.40 -10.14 -1.96
CA ARG A 49 0.74 -11.56 -2.08
C ARG A 49 0.34 -12.33 -0.84
N ASP A 50 0.74 -11.83 0.32
CA ASP A 50 0.42 -12.47 1.59
C ASP A 50 -0.07 -11.45 2.61
N ASP A 51 0.79 -10.49 2.95
CA ASP A 51 0.44 -9.46 3.91
C ASP A 51 0.86 -8.08 3.41
N PHE A 52 2.01 -8.03 2.75
CA PHE A 52 2.52 -6.77 2.22
C PHE A 52 1.86 -6.43 0.88
N ALA A 53 1.80 -5.14 0.57
CA ALA A 53 1.19 -4.69 -0.68
C ALA A 53 2.24 -4.48 -1.75
N TYR A 54 2.09 -5.18 -2.87
CA TYR A 54 3.04 -5.07 -3.98
C TYR A 54 2.32 -4.65 -5.26
N CYS A 55 3.00 -3.85 -6.07
CA CYS A 55 2.43 -3.37 -7.33
C CYS A 55 2.69 -4.36 -8.45
N LEU A 56 1.70 -4.54 -9.33
CA LEU A 56 1.82 -5.45 -10.45
C LEU A 56 3.27 -5.57 -10.91
N ASN A 57 3.91 -4.42 -11.14
CA ASN A 57 5.29 -4.40 -11.57
C ASN A 57 6.17 -5.29 -10.70
N CYS A 58 6.31 -4.89 -9.44
CA CYS A 58 7.13 -5.66 -8.49
C CYS A 58 6.61 -7.09 -8.37
N PHE A 59 5.30 -7.22 -8.21
CA PHE A 59 4.67 -8.54 -8.08
C PHE A 59 5.19 -9.50 -9.14
N CYS A 60 5.29 -9.00 -10.37
CA CYS A 60 5.76 -9.80 -11.49
C CYS A 60 7.26 -9.63 -11.69
N ASP A 61 7.96 -9.35 -10.60
CA ASP A 61 9.41 -9.16 -10.64
C ASP A 61 10.09 -9.91 -9.50
N LEU A 62 9.50 -9.85 -8.32
CA LEU A 62 10.05 -10.51 -7.15
C LEU A 62 9.85 -12.02 -7.25
N TYR A 63 8.62 -12.45 -7.45
CA TYR A 63 8.30 -13.87 -7.56
C TYR A 63 8.40 -14.33 -9.02
N ALA A 64 7.51 -13.82 -9.86
CA ALA A 64 7.50 -14.18 -11.27
C ALA A 64 8.71 -13.59 -12.00
N SER A 65 9.09 -14.23 -13.09
CA SER A 65 10.24 -13.79 -13.87
C SER A 65 10.13 -14.26 -15.32
N GLY A 66 10.85 -13.58 -16.21
CA GLY A 66 10.82 -13.95 -17.61
C GLY A 66 11.27 -12.81 -18.52
N PRO A 67 10.37 -12.39 -19.42
CA PRO A 67 10.65 -11.30 -20.36
C PRO A 67 10.75 -9.94 -19.68
N SER A 68 11.66 -9.10 -20.17
CA SER A 68 11.85 -7.77 -19.59
C SER A 68 10.73 -6.82 -20.03
N SER A 69 10.23 -6.04 -19.07
CA SER A 69 9.16 -5.09 -19.35
C SER A 69 9.47 -4.27 -20.60
N GLY A 70 8.46 -4.07 -21.44
CA GLY A 70 8.64 -3.30 -22.65
C GLY A 70 7.60 -3.62 -23.70
ZN ZN B . 1.05 7.55 7.36
ZN ZN C . 6.38 -1.99 -6.61
N GLY A 1 -16.71 4.06 23.66
CA GLY A 1 -16.07 5.36 23.60
C GLY A 1 -15.41 5.61 22.25
N SER A 2 -15.89 6.62 21.53
CA SER A 2 -15.33 6.95 20.22
C SER A 2 -14.25 8.01 20.35
N SER A 3 -13.03 7.58 20.60
CA SER A 3 -11.90 8.49 20.74
C SER A 3 -10.80 8.16 19.74
N GLY A 4 -10.15 9.20 19.22
CA GLY A 4 -9.08 9.00 18.26
C GLY A 4 -9.59 8.97 16.83
N SER A 5 -9.47 10.08 16.13
CA SER A 5 -9.92 10.19 14.75
C SER A 5 -9.11 9.26 13.85
N SER A 6 -9.78 8.64 12.88
CA SER A 6 -9.13 7.73 11.95
C SER A 6 -7.71 8.20 11.64
N GLY A 7 -6.74 7.45 12.13
CA GLY A 7 -5.34 7.80 11.90
C GLY A 7 -4.57 6.69 11.20
N CYS A 8 -3.71 7.07 10.26
CA CYS A 8 -2.91 6.10 9.52
C CYS A 8 -2.32 5.05 10.46
N VAL A 9 -2.21 3.82 9.97
CA VAL A 9 -1.66 2.73 10.77
C VAL A 9 -0.19 2.50 10.44
N GLN A 10 0.21 2.87 9.22
CA GLN A 10 1.59 2.72 8.78
C GLN A 10 2.54 3.47 9.70
N CYS A 11 2.43 4.79 9.71
CA CYS A 11 3.29 5.63 10.55
C CYS A 11 2.62 5.94 11.88
N LYS A 12 1.32 5.66 11.95
CA LYS A 12 0.55 5.89 13.18
C LYS A 12 0.30 7.39 13.38
N LYS A 13 -0.15 8.05 12.31
CA LYS A 13 -0.44 9.48 12.37
C LYS A 13 -1.88 9.76 11.94
N PRO A 14 -2.38 10.95 12.31
CA PRO A 14 -3.74 11.36 11.97
C PRO A 14 -3.91 11.64 10.47
N ILE A 15 -5.13 11.44 9.98
CA ILE A 15 -5.42 11.67 8.57
C ILE A 15 -6.52 12.71 8.40
N THR A 16 -6.16 13.85 7.79
CA THR A 16 -7.10 14.93 7.56
C THR A 16 -7.62 14.92 6.13
N THR A 17 -6.69 15.01 5.18
CA THR A 17 -7.05 15.02 3.76
C THR A 17 -6.23 14.00 2.99
N GLY A 18 -6.80 13.48 1.90
CA GLY A 18 -6.11 12.50 1.09
C GLY A 18 -5.73 11.26 1.87
N GLY A 19 -6.68 10.35 2.03
CA GLY A 19 -6.42 9.12 2.75
C GLY A 19 -7.08 7.92 2.13
N VAL A 20 -6.75 6.72 2.63
CA VAL A 20 -7.30 5.49 2.10
C VAL A 20 -7.50 4.46 3.21
N THR A 21 -7.91 3.25 2.82
CA THR A 21 -8.13 2.18 3.79
C THR A 21 -7.68 0.84 3.22
N TYR A 22 -7.28 -0.08 4.11
CA TYR A 22 -6.83 -1.39 3.70
C TYR A 22 -6.95 -2.39 4.85
N ARG A 23 -7.78 -3.40 4.66
CA ARG A 23 -7.99 -4.42 5.68
C ARG A 23 -8.67 -3.84 6.91
N GLU A 24 -9.67 -3.00 6.68
CA GLU A 24 -10.40 -2.36 7.78
C GLU A 24 -9.47 -1.46 8.60
N GLN A 25 -8.52 -0.82 7.93
CA GLN A 25 -7.57 0.05 8.59
C GLN A 25 -7.21 1.24 7.71
N PRO A 26 -7.03 2.42 8.33
CA PRO A 26 -6.69 3.64 7.62
C PRO A 26 -5.27 3.62 7.06
N TRP A 27 -5.04 4.39 6.00
CA TRP A 27 -3.72 4.45 5.38
C TRP A 27 -3.53 5.76 4.63
N HIS A 28 -2.36 6.35 4.77
CA HIS A 28 -2.05 7.62 4.10
C HIS A 28 -1.83 7.40 2.62
N LYS A 29 -2.21 8.39 1.82
CA LYS A 29 -2.05 8.31 0.36
C LYS A 29 -0.58 8.21 -0.01
N GLU A 30 0.29 8.35 0.97
CA GLU A 30 1.73 8.27 0.74
C GLU A 30 2.33 7.06 1.46
N CYS A 31 1.58 6.52 2.42
CA CYS A 31 2.04 5.37 3.18
C CYS A 31 1.60 4.07 2.51
N PHE A 32 0.43 4.09 1.89
CA PHE A 32 -0.10 2.92 1.21
C PHE A 32 0.61 2.70 -0.12
N VAL A 33 1.94 2.74 -0.10
CA VAL A 33 2.73 2.54 -1.30
C VAL A 33 3.26 1.12 -1.39
N CYS A 34 4.04 0.84 -2.43
CA CYS A 34 4.60 -0.49 -2.64
C CYS A 34 5.61 -0.82 -1.53
N THR A 35 6.01 -2.09 -1.48
CA THR A 35 6.97 -2.54 -0.48
C THR A 35 8.35 -2.75 -1.09
N ALA A 36 8.42 -2.67 -2.41
CA ALA A 36 9.68 -2.85 -3.12
C ALA A 36 10.13 -1.55 -3.79
N CYS A 37 9.17 -0.81 -4.32
CA CYS A 37 9.46 0.45 -4.98
C CYS A 37 8.83 1.63 -4.24
N ARG A 38 8.03 1.31 -3.23
CA ARG A 38 7.36 2.33 -2.44
C ARG A 38 6.57 3.29 -3.34
N LYS A 39 5.77 2.71 -4.24
CA LYS A 39 4.97 3.51 -5.16
C LYS A 39 3.54 3.65 -4.64
N GLN A 40 3.05 4.89 -4.59
CA GLN A 40 1.69 5.16 -4.12
C GLN A 40 0.69 4.22 -4.78
N LEU A 41 0.09 3.35 -3.99
CA LEU A 41 -0.89 2.40 -4.50
C LEU A 41 -2.31 2.92 -4.30
N SER A 42 -2.46 4.24 -4.32
CA SER A 42 -3.76 4.87 -4.14
C SER A 42 -4.59 4.78 -5.42
N GLY A 43 -3.97 5.13 -6.54
CA GLY A 43 -4.67 5.09 -7.82
C GLY A 43 -3.93 4.24 -8.85
N GLN A 44 -3.84 2.95 -8.58
CA GLN A 44 -3.15 2.03 -9.49
C GLN A 44 -3.37 0.58 -9.08
N ARG A 45 -3.13 -0.34 -10.01
CA ARG A 45 -3.31 -1.76 -9.75
C ARG A 45 -2.30 -2.25 -8.71
N PHE A 46 -2.77 -3.03 -7.76
CA PHE A 46 -1.91 -3.57 -6.70
C PHE A 46 -2.60 -4.72 -5.97
N THR A 47 -1.80 -5.70 -5.55
CA THR A 47 -2.33 -6.86 -4.85
C THR A 47 -1.36 -7.35 -3.78
N ALA A 48 -1.90 -7.80 -2.65
CA ALA A 48 -1.08 -8.30 -1.55
C ALA A 48 -1.05 -9.82 -1.53
N ARG A 49 0.10 -10.37 -1.16
CA ARG A 49 0.26 -11.82 -1.09
C ARG A 49 -0.15 -12.36 0.28
N ASP A 50 0.46 -11.81 1.32
CA ASP A 50 0.17 -12.22 2.69
C ASP A 50 -0.26 -11.03 3.54
N ASP A 51 0.66 -10.08 3.72
CA ASP A 51 0.36 -8.89 4.51
C ASP A 51 0.80 -7.63 3.77
N PHE A 52 1.96 -7.69 3.13
CA PHE A 52 2.48 -6.55 2.39
C PHE A 52 1.90 -6.51 0.98
N ALA A 53 1.80 -5.31 0.42
CA ALA A 53 1.26 -5.13 -0.92
C ALA A 53 2.38 -4.87 -1.93
N TYR A 54 2.29 -5.53 -3.08
CA TYR A 54 3.30 -5.37 -4.13
C TYR A 54 2.64 -5.03 -5.47
N CYS A 55 2.90 -3.84 -5.96
CA CYS A 55 2.34 -3.38 -7.23
C CYS A 55 2.68 -4.36 -8.35
N LEU A 56 1.72 -4.60 -9.24
CA LEU A 56 1.91 -5.51 -10.35
C LEU A 56 3.36 -5.46 -10.86
N ASN A 57 3.78 -4.28 -11.28
CA ASN A 57 5.14 -4.09 -11.78
C ASN A 57 6.14 -4.92 -10.97
N CYS A 58 6.13 -4.75 -9.66
CA CYS A 58 7.03 -5.49 -8.78
C CYS A 58 6.61 -6.95 -8.68
N PHE A 59 5.33 -7.18 -8.42
CA PHE A 59 4.82 -8.54 -8.30
C PHE A 59 5.25 -9.39 -9.49
N CYS A 60 5.50 -8.74 -10.62
CA CYS A 60 5.91 -9.44 -11.83
C CYS A 60 7.39 -9.80 -11.75
N ASP A 61 8.20 -8.89 -11.23
CA ASP A 61 9.64 -9.12 -11.11
C ASP A 61 9.95 -9.93 -9.86
N LEU A 62 9.57 -9.41 -8.70
CA LEU A 62 9.81 -10.09 -7.43
C LEU A 62 9.71 -11.61 -7.60
N TYR A 63 8.48 -12.09 -7.76
CA TYR A 63 8.24 -13.53 -7.93
C TYR A 63 8.17 -13.90 -9.41
N ALA A 64 7.12 -13.46 -10.08
CA ALA A 64 6.94 -13.74 -11.49
C ALA A 64 8.21 -13.45 -12.28
N SER A 65 8.22 -13.82 -13.55
CA SER A 65 9.37 -13.60 -14.41
C SER A 65 9.40 -12.18 -14.94
N GLY A 66 10.57 -11.74 -15.40
CA GLY A 66 10.72 -10.41 -15.93
C GLY A 66 11.29 -10.38 -17.34
N PRO A 67 10.42 -10.54 -18.34
CA PRO A 67 10.82 -10.56 -19.75
C PRO A 67 11.28 -9.18 -20.23
N SER A 68 11.06 -8.16 -19.40
CA SER A 68 11.44 -6.80 -19.74
C SER A 68 12.90 -6.54 -19.39
N SER A 69 13.40 -5.37 -19.78
CA SER A 69 14.79 -5.00 -19.51
C SER A 69 15.09 -5.10 -18.02
N GLY A 70 16.35 -5.31 -17.69
CA GLY A 70 16.76 -5.42 -16.30
C GLY A 70 16.13 -6.60 -15.60
ZN ZN B . 1.03 7.41 7.44
ZN ZN C . 6.29 -1.85 -6.77
N GLY A 1 -6.09 10.17 21.44
CA GLY A 1 -6.54 9.55 22.68
C GLY A 1 -6.61 8.05 22.57
N SER A 2 -7.43 7.43 23.43
CA SER A 2 -7.58 5.98 23.44
C SER A 2 -7.82 5.45 22.03
N SER A 3 -8.91 5.92 21.41
CA SER A 3 -9.26 5.50 20.06
C SER A 3 -10.44 6.29 19.52
N GLY A 4 -10.56 6.35 18.20
CA GLY A 4 -11.65 7.09 17.59
C GLY A 4 -11.32 7.58 16.19
N SER A 5 -10.87 8.82 16.10
CA SER A 5 -10.51 9.41 14.80
C SER A 5 -9.68 8.43 13.98
N SER A 6 -9.98 8.37 12.68
CA SER A 6 -9.26 7.47 11.78
C SER A 6 -7.85 8.01 11.50
N GLY A 7 -6.85 7.32 12.04
CA GLY A 7 -5.48 7.73 11.83
C GLY A 7 -4.64 6.65 11.16
N CYS A 8 -3.78 7.06 10.24
CA CYS A 8 -2.92 6.13 9.53
C CYS A 8 -2.32 5.10 10.48
N VAL A 9 -2.19 3.86 10.01
CA VAL A 9 -1.62 2.80 10.82
C VAL A 9 -0.15 2.58 10.51
N GLN A 10 0.26 3.00 9.31
CA GLN A 10 1.65 2.86 8.89
C GLN A 10 2.58 3.65 9.80
N CYS A 11 2.44 4.97 9.78
CA CYS A 11 3.27 5.85 10.60
C CYS A 11 2.57 6.16 11.93
N LYS A 12 1.29 5.84 12.01
CA LYS A 12 0.51 6.07 13.21
C LYS A 12 0.21 7.56 13.38
N LYS A 13 -0.28 8.18 12.31
CA LYS A 13 -0.61 9.60 12.33
C LYS A 13 -2.05 9.84 11.88
N PRO A 14 -2.60 11.01 12.24
CA PRO A 14 -3.97 11.38 11.88
C PRO A 14 -4.13 11.64 10.39
N ILE A 15 -5.32 11.38 9.88
CA ILE A 15 -5.61 11.59 8.46
C ILE A 15 -6.75 12.58 8.26
N THR A 16 -6.42 13.75 7.71
CA THR A 16 -7.42 14.78 7.47
C THR A 16 -7.89 14.78 6.02
N THR A 17 -6.94 14.91 5.09
CA THR A 17 -7.26 14.91 3.67
C THR A 17 -6.37 13.93 2.92
N GLY A 18 -6.91 13.37 1.84
CA GLY A 18 -6.16 12.42 1.03
C GLY A 18 -5.75 11.18 1.83
N GLY A 19 -6.67 10.24 1.94
CA GLY A 19 -6.39 9.02 2.68
C GLY A 19 -7.03 7.80 2.05
N VAL A 20 -6.67 6.62 2.55
CA VAL A 20 -7.22 5.37 2.03
C VAL A 20 -7.40 4.35 3.15
N THR A 21 -7.80 3.13 2.77
CA THR A 21 -8.00 2.07 3.74
C THR A 21 -7.55 0.72 3.18
N TYR A 22 -7.19 -0.19 4.07
CA TYR A 22 -6.73 -1.51 3.67
C TYR A 22 -6.83 -2.51 4.83
N ARG A 23 -7.64 -3.55 4.65
CA ARG A 23 -7.81 -4.56 5.68
C ARG A 23 -8.48 -3.97 6.92
N GLU A 24 -9.50 -3.14 6.69
CA GLU A 24 -10.23 -2.51 7.79
C GLU A 24 -9.30 -1.61 8.60
N GLN A 25 -8.37 -0.95 7.91
CA GLN A 25 -7.42 -0.06 8.57
C GLN A 25 -7.09 1.13 7.67
N PRO A 26 -6.94 2.31 8.29
CA PRO A 26 -6.61 3.54 7.58
C PRO A 26 -5.19 3.54 7.02
N TRP A 27 -4.96 4.31 5.96
CA TRP A 27 -3.65 4.39 5.34
C TRP A 27 -3.49 5.71 4.59
N HIS A 28 -2.32 6.34 4.77
CA HIS A 28 -2.04 7.61 4.11
C HIS A 28 -1.80 7.41 2.62
N LYS A 29 -2.17 8.41 1.82
CA LYS A 29 -2.00 8.34 0.38
C LYS A 29 -0.52 8.27 0.02
N GLU A 30 0.35 8.39 1.02
CA GLU A 30 1.78 8.33 0.80
C GLU A 30 2.41 7.17 1.57
N CYS A 31 1.62 6.56 2.45
CA CYS A 31 2.10 5.44 3.25
C CYS A 31 1.69 4.11 2.61
N PHE A 32 0.57 4.12 1.91
CA PHE A 32 0.07 2.92 1.25
C PHE A 32 0.80 2.68 -0.07
N VAL A 33 2.12 2.78 -0.02
CA VAL A 33 2.94 2.57 -1.21
C VAL A 33 3.46 1.14 -1.28
N CYS A 34 4.11 0.79 -2.39
CA CYS A 34 4.64 -0.54 -2.58
C CYS A 34 5.68 -0.86 -1.51
N THR A 35 6.04 -2.14 -1.40
CA THR A 35 7.02 -2.58 -0.42
C THR A 35 8.36 -2.89 -1.08
N ALA A 36 8.41 -2.76 -2.40
CA ALA A 36 9.64 -3.03 -3.15
C ALA A 36 10.16 -1.76 -3.81
N CYS A 37 9.24 -0.91 -4.28
CA CYS A 37 9.60 0.34 -4.94
C CYS A 37 9.04 1.53 -4.18
N ARG A 38 8.13 1.26 -3.25
CA ARG A 38 7.52 2.32 -2.45
C ARG A 38 6.72 3.28 -3.33
N LYS A 39 5.96 2.71 -4.27
CA LYS A 39 5.15 3.52 -5.18
C LYS A 39 3.74 3.69 -4.63
N GLN A 40 3.22 4.91 -4.72
CA GLN A 40 1.88 5.22 -4.24
C GLN A 40 0.85 4.29 -4.87
N LEU A 41 0.26 3.44 -4.05
CA LEU A 41 -0.76 2.50 -4.53
C LEU A 41 -2.16 3.03 -4.26
N SER A 42 -2.29 4.35 -4.22
CA SER A 42 -3.58 4.98 -3.98
C SER A 42 -4.46 4.92 -5.23
N GLY A 43 -3.98 5.52 -6.31
CA GLY A 43 -4.73 5.54 -7.55
C GLY A 43 -4.10 4.66 -8.62
N GLN A 44 -4.09 3.36 -8.38
CA GLN A 44 -3.50 2.41 -9.33
C GLN A 44 -3.78 0.97 -8.91
N ARG A 45 -3.54 0.03 -9.81
CA ARG A 45 -3.77 -1.38 -9.54
C ARG A 45 -2.71 -1.92 -8.57
N PHE A 46 -3.17 -2.65 -7.56
CA PHE A 46 -2.27 -3.22 -6.57
C PHE A 46 -2.90 -4.46 -5.92
N THR A 47 -2.04 -5.39 -5.50
CA THR A 47 -2.50 -6.62 -4.86
C THR A 47 -1.47 -7.13 -3.87
N ALA A 48 -1.94 -7.53 -2.70
CA ALA A 48 -1.06 -8.06 -1.66
C ALA A 48 -0.90 -9.57 -1.79
N ARG A 49 0.32 -10.06 -1.56
CA ARG A 49 0.61 -11.48 -1.66
C ARG A 49 0.29 -12.19 -0.35
N ASP A 50 0.86 -11.70 0.74
CA ASP A 50 0.63 -12.29 2.05
C ASP A 50 0.11 -11.24 3.03
N ASP A 51 0.94 -10.24 3.33
CA ASP A 51 0.56 -9.18 4.25
C ASP A 51 0.88 -7.82 3.66
N PHE A 52 2.02 -7.72 2.97
CA PHE A 52 2.45 -6.46 2.36
C PHE A 52 1.85 -6.32 0.96
N ALA A 53 1.76 -5.07 0.49
CA ALA A 53 1.22 -4.80 -0.83
C ALA A 53 2.34 -4.65 -1.86
N TYR A 54 2.14 -5.25 -3.03
CA TYR A 54 3.14 -5.18 -4.10
C TYR A 54 2.48 -4.82 -5.42
N CYS A 55 2.97 -3.76 -6.05
CA CYS A 55 2.44 -3.31 -7.33
C CYS A 55 2.68 -4.36 -8.42
N LEU A 56 1.67 -4.55 -9.27
CA LEU A 56 1.77 -5.52 -10.36
C LEU A 56 3.20 -5.60 -10.88
N ASN A 57 3.76 -4.45 -11.23
CA ASN A 57 5.12 -4.38 -11.75
C ASN A 57 6.07 -5.26 -10.92
N CYS A 58 6.11 -4.98 -9.61
CA CYS A 58 6.97 -5.73 -8.71
C CYS A 58 6.48 -7.17 -8.57
N PHE A 59 5.17 -7.35 -8.42
CA PHE A 59 4.59 -8.68 -8.29
C PHE A 59 5.09 -9.61 -9.38
N CYS A 60 5.21 -9.07 -10.60
CA CYS A 60 5.68 -9.86 -11.73
C CYS A 60 7.19 -9.74 -11.89
N ASP A 61 7.88 -9.43 -10.79
CA ASP A 61 9.32 -9.29 -10.80
C ASP A 61 9.96 -10.06 -9.66
N LEU A 62 9.46 -9.84 -8.45
CA LEU A 62 9.99 -10.51 -7.27
C LEU A 62 9.76 -12.02 -7.36
N TYR A 63 8.49 -12.41 -7.46
CA TYR A 63 8.13 -13.82 -7.56
C TYR A 63 8.32 -14.34 -8.98
N ALA A 64 7.66 -13.67 -9.93
CA ALA A 64 7.76 -14.05 -11.34
C ALA A 64 9.09 -13.64 -11.93
N SER A 65 9.94 -14.63 -12.19
CA SER A 65 11.26 -14.37 -12.76
C SER A 65 11.30 -14.75 -14.23
N GLY A 66 12.07 -13.99 -15.01
CA GLY A 66 12.18 -14.26 -16.44
C GLY A 66 12.74 -15.64 -16.72
N PRO A 67 11.91 -16.50 -17.33
CA PRO A 67 12.30 -17.87 -17.66
C PRO A 67 13.32 -17.92 -18.79
N SER A 68 13.69 -16.75 -19.31
CA SER A 68 14.65 -16.66 -20.39
C SER A 68 16.09 -16.63 -19.85
N SER A 69 16.36 -17.53 -18.90
CA SER A 69 17.68 -17.61 -18.29
C SER A 69 18.22 -19.05 -18.36
N GLY A 70 19.51 -19.19 -18.13
CA GLY A 70 20.13 -20.50 -18.17
C GLY A 70 21.59 -20.45 -18.60
ZN ZN B . 1.00 7.55 7.46
ZN ZN C . 6.45 -1.99 -6.65
N GLY A 1 -9.72 16.59 23.84
CA GLY A 1 -10.56 16.84 22.69
C GLY A 1 -9.95 16.32 21.40
N SER A 2 -10.29 15.08 21.05
CA SER A 2 -9.78 14.45 19.84
C SER A 2 -10.60 14.87 18.62
N SER A 3 -9.96 15.56 17.69
CA SER A 3 -10.63 16.02 16.48
C SER A 3 -10.75 14.89 15.46
N GLY A 4 -9.66 14.18 15.24
CA GLY A 4 -9.65 13.08 14.30
C GLY A 4 -9.40 11.74 14.95
N SER A 5 -10.14 10.72 14.54
CA SER A 5 -9.99 9.38 15.10
C SER A 5 -9.22 8.48 14.15
N SER A 6 -9.75 8.32 12.94
CA SER A 6 -9.12 7.47 11.92
C SER A 6 -7.75 8.02 11.55
N GLY A 7 -6.70 7.43 12.15
CA GLY A 7 -5.35 7.86 11.87
C GLY A 7 -4.53 6.79 11.19
N CYS A 8 -3.69 7.19 10.24
CA CYS A 8 -2.85 6.25 9.51
C CYS A 8 -2.19 5.26 10.46
N VAL A 9 -2.07 4.01 10.02
CA VAL A 9 -1.45 2.97 10.83
C VAL A 9 0.03 2.81 10.49
N GLN A 10 0.41 3.19 9.28
CA GLN A 10 1.79 3.09 8.84
C GLN A 10 2.71 3.92 9.72
N CYS A 11 2.56 5.24 9.64
CA CYS A 11 3.38 6.15 10.42
C CYS A 11 2.71 6.47 11.76
N LYS A 12 1.43 6.13 11.86
CA LYS A 12 0.68 6.37 13.09
C LYS A 12 0.33 7.85 13.24
N LYS A 13 -0.14 8.45 12.15
CA LYS A 13 -0.51 9.86 12.16
C LYS A 13 -1.96 10.05 11.75
N PRO A 14 -2.52 11.23 12.07
CA PRO A 14 -3.92 11.56 11.74
C PRO A 14 -4.13 11.75 10.25
N ILE A 15 -5.33 11.44 9.77
CA ILE A 15 -5.65 11.59 8.36
C ILE A 15 -6.80 12.58 8.16
N THR A 16 -6.50 13.70 7.51
CA THR A 16 -7.51 14.73 7.26
C THR A 16 -8.02 14.65 5.83
N THR A 17 -7.14 14.91 4.87
CA THR A 17 -7.51 14.87 3.46
C THR A 17 -6.63 13.89 2.69
N GLY A 18 -7.22 13.19 1.74
CA GLY A 18 -6.48 12.23 0.94
C GLY A 18 -6.03 11.04 1.74
N GLY A 19 -6.92 10.06 1.91
CA GLY A 19 -6.58 8.87 2.68
C GLY A 19 -7.21 7.62 2.09
N VAL A 20 -6.81 6.46 2.61
CA VAL A 20 -7.34 5.19 2.14
C VAL A 20 -7.44 4.18 3.28
N THR A 21 -7.91 2.98 2.96
CA THR A 21 -8.06 1.93 3.96
C THR A 21 -7.55 0.59 3.43
N TYR A 22 -7.15 -0.29 4.33
CA TYR A 22 -6.64 -1.60 3.96
C TYR A 22 -6.68 -2.56 5.15
N ARG A 23 -7.49 -3.62 5.02
CA ARG A 23 -7.64 -4.60 6.07
C ARG A 23 -8.26 -3.99 7.32
N GLU A 24 -9.32 -3.20 7.12
CA GLU A 24 -10.01 -2.56 8.23
C GLU A 24 -9.06 -1.62 8.98
N GLN A 25 -8.16 -0.99 8.24
CA GLN A 25 -7.20 -0.06 8.83
C GLN A 25 -6.92 1.11 7.91
N PRO A 26 -6.79 2.31 8.48
CA PRO A 26 -6.52 3.53 7.71
C PRO A 26 -5.12 3.56 7.13
N TRP A 27 -4.95 4.26 6.02
CA TRP A 27 -3.65 4.36 5.36
C TRP A 27 -3.53 5.67 4.58
N HIS A 28 -2.39 6.34 4.72
CA HIS A 28 -2.16 7.59 4.02
C HIS A 28 -1.95 7.36 2.53
N LYS A 29 -2.40 8.31 1.73
CA LYS A 29 -2.26 8.21 0.28
C LYS A 29 -0.79 8.15 -0.13
N GLU A 30 0.09 8.37 0.84
CA GLU A 30 1.52 8.33 0.58
C GLU A 30 2.18 7.16 1.31
N CYS A 31 1.50 6.65 2.33
CA CYS A 31 2.01 5.53 3.11
C CYS A 31 1.59 4.20 2.50
N PHE A 32 0.42 4.19 1.86
CA PHE A 32 -0.10 2.97 1.23
C PHE A 32 0.62 2.71 -0.09
N VAL A 33 1.95 2.77 -0.06
CA VAL A 33 2.75 2.53 -1.25
C VAL A 33 3.25 1.09 -1.30
N CYS A 34 3.93 0.74 -2.39
CA CYS A 34 4.46 -0.61 -2.55
C CYS A 34 5.44 -0.95 -1.43
N THR A 35 5.77 -2.23 -1.30
CA THR A 35 6.70 -2.68 -0.27
C THR A 35 8.06 -3.03 -0.88
N ALA A 36 8.17 -2.88 -2.19
CA ALA A 36 9.42 -3.17 -2.88
C ALA A 36 9.98 -1.92 -3.55
N CYS A 37 9.09 -1.08 -4.06
CA CYS A 37 9.49 0.16 -4.72
C CYS A 37 8.93 1.38 -4.00
N ARG A 38 8.00 1.13 -3.07
CA ARG A 38 7.39 2.21 -2.31
C ARG A 38 6.64 3.17 -3.23
N LYS A 39 5.86 2.61 -4.14
CA LYS A 39 5.08 3.42 -5.07
C LYS A 39 3.66 3.63 -4.57
N GLN A 40 3.20 4.87 -4.63
CA GLN A 40 1.85 5.21 -4.18
C GLN A 40 0.80 4.36 -4.90
N LEU A 41 0.37 3.29 -4.24
CA LEU A 41 -0.62 2.40 -4.82
C LEU A 41 -2.01 3.05 -4.79
N SER A 42 -2.13 4.15 -4.07
CA SER A 42 -3.39 4.86 -3.96
C SER A 42 -3.92 5.26 -5.33
N GLY A 43 -3.11 5.99 -6.08
CA GLY A 43 -3.50 6.42 -7.42
C GLY A 43 -3.16 5.40 -8.49
N GLN A 44 -3.44 4.13 -8.21
CA GLN A 44 -3.16 3.06 -9.15
C GLN A 44 -3.69 1.72 -8.64
N ARG A 45 -3.43 0.66 -9.39
CA ARG A 45 -3.88 -0.67 -9.02
C ARG A 45 -2.77 -1.45 -8.33
N PHE A 46 -3.16 -2.37 -7.45
CA PHE A 46 -2.19 -3.19 -6.73
C PHE A 46 -2.82 -4.50 -6.28
N THR A 47 -2.05 -5.29 -5.52
CA THR A 47 -2.53 -6.57 -5.02
C THR A 47 -1.57 -7.16 -4.00
N ALA A 48 -2.12 -7.65 -2.89
CA ALA A 48 -1.31 -8.23 -1.84
C ALA A 48 -1.06 -9.72 -2.10
N ARG A 49 0.16 -10.15 -1.84
CA ARG A 49 0.54 -11.56 -2.05
C ARG A 49 0.19 -12.40 -0.83
N ASP A 50 0.70 -11.99 0.33
CA ASP A 50 0.43 -12.72 1.58
C ASP A 50 -0.07 -11.77 2.66
N ASP A 51 0.76 -10.80 3.03
CA ASP A 51 0.40 -9.83 4.05
C ASP A 51 0.70 -8.40 3.58
N PHE A 52 1.81 -8.24 2.86
CA PHE A 52 2.21 -6.94 2.35
C PHE A 52 1.66 -6.71 0.95
N ALA A 53 1.63 -5.45 0.52
CA ALA A 53 1.14 -5.11 -0.80
C ALA A 53 2.28 -5.01 -1.82
N TYR A 54 2.00 -5.36 -3.06
CA TYR A 54 3.01 -5.33 -4.11
C TYR A 54 2.37 -4.96 -5.45
N CYS A 55 2.87 -3.89 -6.06
CA CYS A 55 2.35 -3.43 -7.34
C CYS A 55 2.64 -4.46 -8.45
N LEU A 56 1.65 -4.70 -9.28
CA LEU A 56 1.78 -5.65 -10.38
C LEU A 56 3.21 -5.68 -10.91
N ASN A 57 3.74 -4.49 -11.21
CA ASN A 57 5.10 -4.38 -11.73
C ASN A 57 6.07 -5.19 -10.88
N CYS A 58 6.02 -5.00 -9.58
CA CYS A 58 6.89 -5.72 -8.65
C CYS A 58 6.49 -7.18 -8.55
N PHE A 59 5.19 -7.42 -8.40
CA PHE A 59 4.67 -8.78 -8.29
C PHE A 59 5.25 -9.68 -9.37
N CYS A 60 5.32 -9.16 -10.59
CA CYS A 60 5.86 -9.92 -11.72
C CYS A 60 7.36 -9.67 -11.87
N ASP A 61 8.01 -9.34 -10.76
CA ASP A 61 9.44 -9.07 -10.78
C ASP A 61 10.15 -9.80 -9.63
N LEU A 62 9.59 -9.66 -8.43
CA LEU A 62 10.17 -10.31 -7.26
C LEU A 62 10.02 -11.83 -7.34
N TYR A 63 8.79 -12.30 -7.48
CA TYR A 63 8.52 -13.73 -7.58
C TYR A 63 8.59 -14.20 -9.03
N ALA A 64 7.77 -13.58 -9.88
CA ALA A 64 7.73 -13.93 -11.29
C ALA A 64 9.05 -13.55 -11.99
N SER A 65 9.78 -14.56 -12.43
CA SER A 65 11.06 -14.33 -13.10
C SER A 65 11.01 -14.83 -14.55
N GLY A 66 9.91 -14.53 -15.22
CA GLY A 66 9.75 -14.96 -16.61
C GLY A 66 10.21 -16.38 -16.83
N PRO A 67 10.80 -16.65 -17.99
CA PRO A 67 11.28 -17.98 -18.35
C PRO A 67 12.50 -18.40 -17.53
N SER A 68 13.00 -19.60 -17.78
CA SER A 68 14.16 -20.11 -17.07
C SER A 68 15.46 -19.65 -17.72
N SER A 69 15.50 -19.73 -19.05
CA SER A 69 16.68 -19.31 -19.79
C SER A 69 16.66 -17.81 -20.06
N GLY A 70 17.24 -17.04 -19.16
CA GLY A 70 17.28 -15.60 -19.30
C GLY A 70 18.67 -15.03 -19.14
ZN ZN B . 0.99 7.70 7.31
ZN ZN C . 6.33 -2.08 -6.58
N GLY A 1 -14.22 -0.39 21.88
CA GLY A 1 -15.03 0.21 20.83
C GLY A 1 -14.23 1.17 19.98
N SER A 2 -14.69 2.42 19.92
CA SER A 2 -14.03 3.43 19.11
C SER A 2 -14.65 4.81 19.36
N SER A 3 -13.84 5.85 19.22
CA SER A 3 -14.31 7.22 19.43
C SER A 3 -14.75 7.85 18.10
N GLY A 4 -13.90 7.73 17.09
CA GLY A 4 -14.22 8.29 15.79
C GLY A 4 -13.04 9.00 15.16
N SER A 5 -11.87 8.38 15.24
CA SER A 5 -10.65 8.97 14.68
C SER A 5 -9.96 7.98 13.74
N SER A 6 -9.92 8.32 12.45
CA SER A 6 -9.30 7.48 11.45
C SER A 6 -7.86 7.93 11.16
N GLY A 7 -6.91 7.36 11.88
CA GLY A 7 -5.52 7.71 11.69
C GLY A 7 -4.72 6.61 11.03
N CYS A 8 -3.80 7.00 10.15
CA CYS A 8 -2.97 6.03 9.44
C CYS A 8 -2.43 4.97 10.40
N VAL A 9 -2.31 3.74 9.91
CA VAL A 9 -1.80 2.65 10.73
C VAL A 9 -0.31 2.41 10.47
N GLN A 10 0.14 2.78 9.28
CA GLN A 10 1.54 2.62 8.91
C GLN A 10 2.46 3.37 9.87
N CYS A 11 2.36 4.70 9.85
CA CYS A 11 3.18 5.54 10.71
C CYS A 11 2.45 5.86 12.01
N LYS A 12 1.16 5.55 12.04
CA LYS A 12 0.34 5.80 13.22
C LYS A 12 0.10 7.30 13.41
N LYS A 13 -0.35 7.96 12.34
CA LYS A 13 -0.62 9.39 12.38
C LYS A 13 -2.04 9.69 11.90
N PRO A 14 -2.55 10.88 12.25
CA PRO A 14 -3.89 11.31 11.87
C PRO A 14 -4.00 11.59 10.37
N ILE A 15 -5.20 11.39 9.83
CA ILE A 15 -5.43 11.61 8.40
C ILE A 15 -6.52 12.66 8.19
N THR A 16 -6.14 13.81 7.66
CA THR A 16 -7.08 14.89 7.40
C THR A 16 -7.56 14.88 5.96
N THR A 17 -6.61 14.98 5.03
CA THR A 17 -6.94 14.99 3.60
C THR A 17 -6.06 14.01 2.85
N GLY A 18 -6.61 13.40 1.80
CA GLY A 18 -5.86 12.46 1.00
C GLY A 18 -5.50 11.20 1.78
N GLY A 19 -6.46 10.28 1.88
CA GLY A 19 -6.22 9.04 2.60
C GLY A 19 -6.87 7.85 1.94
N VAL A 20 -6.50 6.66 2.38
CA VAL A 20 -7.06 5.43 1.83
C VAL A 20 -7.33 4.40 2.93
N THR A 21 -7.74 3.21 2.52
CA THR A 21 -8.03 2.14 3.46
C THR A 21 -7.59 0.78 2.91
N TYR A 22 -7.10 -0.09 3.80
CA TYR A 22 -6.64 -1.41 3.40
C TYR A 22 -6.82 -2.41 4.54
N ARG A 23 -7.67 -3.40 4.31
CA ARG A 23 -7.94 -4.43 5.31
C ARG A 23 -8.66 -3.83 6.51
N GLU A 24 -9.69 -3.03 6.25
CA GLU A 24 -10.45 -2.40 7.32
C GLU A 24 -9.56 -1.52 8.19
N GLN A 25 -8.56 -0.90 7.56
CA GLN A 25 -7.63 -0.02 8.28
C GLN A 25 -7.23 1.17 7.42
N PRO A 26 -7.08 2.33 8.07
CA PRO A 26 -6.69 3.58 7.39
C PRO A 26 -5.25 3.54 6.89
N TRP A 27 -4.97 4.31 5.85
CA TRP A 27 -3.62 4.36 5.27
C TRP A 27 -3.39 5.68 4.55
N HIS A 28 -2.21 6.26 4.73
CA HIS A 28 -1.87 7.53 4.09
C HIS A 28 -1.59 7.32 2.60
N LYS A 29 -1.98 8.30 1.79
CA LYS A 29 -1.76 8.22 0.35
C LYS A 29 -0.28 8.10 0.02
N GLU A 30 0.57 8.28 1.04
CA GLU A 30 2.01 8.17 0.86
C GLU A 30 2.57 6.94 1.57
N CYS A 31 1.81 6.45 2.56
CA CYS A 31 2.23 5.27 3.32
C CYS A 31 1.81 3.99 2.61
N PHE A 32 0.66 4.05 1.94
CA PHE A 32 0.14 2.88 1.23
C PHE A 32 0.89 2.68 -0.09
N VAL A 33 2.22 2.73 -0.02
CA VAL A 33 3.06 2.55 -1.20
C VAL A 33 3.59 1.12 -1.29
N CYS A 34 4.27 0.82 -2.38
CA CYS A 34 4.83 -0.51 -2.59
C CYS A 34 5.86 -0.84 -1.51
N THR A 35 6.23 -2.12 -1.41
CA THR A 35 7.19 -2.56 -0.42
C THR A 35 8.55 -2.83 -1.06
N ALA A 36 8.62 -2.65 -2.38
CA ALA A 36 9.87 -2.88 -3.11
C ALA A 36 10.34 -1.58 -3.78
N CYS A 37 9.40 -0.79 -4.28
CA CYS A 37 9.72 0.46 -4.94
C CYS A 37 9.14 1.65 -4.18
N ARG A 38 8.26 1.35 -3.23
CA ARG A 38 7.62 2.39 -2.43
C ARG A 38 6.81 3.34 -3.31
N LYS A 39 6.01 2.76 -4.20
CA LYS A 39 5.18 3.55 -5.11
C LYS A 39 3.76 3.68 -4.56
N GLN A 40 3.25 4.91 -4.57
CA GLN A 40 1.90 5.17 -4.07
C GLN A 40 0.89 4.25 -4.74
N LEU A 41 0.30 3.35 -3.96
CA LEU A 41 -0.69 2.40 -4.46
C LEU A 41 -2.10 2.93 -4.27
N SER A 42 -2.26 4.26 -4.35
CA SER A 42 -3.55 4.89 -4.18
C SER A 42 -4.26 5.06 -5.52
N GLY A 43 -4.96 4.02 -5.95
CA GLY A 43 -5.68 4.07 -7.21
C GLY A 43 -5.41 2.86 -8.08
N GLN A 44 -4.16 2.40 -8.09
CA GLN A 44 -3.78 1.24 -8.88
C GLN A 44 -4.06 -0.05 -8.13
N ARG A 45 -3.76 -1.18 -8.76
CA ARG A 45 -3.99 -2.48 -8.15
C ARG A 45 -2.72 -2.99 -7.48
N PHE A 46 -2.80 -3.24 -6.17
CA PHE A 46 -1.65 -3.72 -5.41
C PHE A 46 -1.79 -5.22 -5.14
N THR A 47 -3.02 -5.70 -5.11
CA THR A 47 -3.28 -7.11 -4.85
C THR A 47 -2.23 -7.71 -3.92
N ALA A 48 -2.06 -7.09 -2.75
CA ALA A 48 -1.10 -7.55 -1.77
C ALA A 48 -1.04 -9.08 -1.73
N ARG A 49 0.16 -9.62 -1.75
CA ARG A 49 0.35 -11.07 -1.72
C ARG A 49 -0.16 -11.65 -0.40
N ASP A 50 0.32 -11.11 0.71
CA ASP A 50 -0.09 -11.58 2.03
C ASP A 50 -0.42 -10.41 2.94
N ASP A 51 0.59 -9.58 3.21
CA ASP A 51 0.41 -8.42 4.08
C ASP A 51 1.01 -7.17 3.44
N PHE A 52 2.11 -7.36 2.71
CA PHE A 52 2.78 -6.25 2.05
C PHE A 52 2.16 -5.96 0.69
N ALA A 53 1.92 -4.68 0.40
CA ALA A 53 1.33 -4.27 -0.87
C ALA A 53 2.39 -4.14 -1.95
N TYR A 54 2.34 -5.04 -2.93
CA TYR A 54 3.30 -5.03 -4.03
C TYR A 54 2.62 -4.63 -5.34
N CYS A 55 3.08 -3.52 -5.92
CA CYS A 55 2.52 -3.03 -7.17
C CYS A 55 2.71 -4.05 -8.29
N LEU A 56 1.68 -4.24 -9.10
CA LEU A 56 1.74 -5.18 -10.21
C LEU A 56 3.16 -5.28 -10.76
N ASN A 57 3.72 -4.14 -11.16
CA ASN A 57 5.07 -4.09 -11.70
C ASN A 57 6.01 -5.00 -10.90
N CYS A 58 6.15 -4.69 -9.61
CA CYS A 58 7.01 -5.48 -8.74
C CYS A 58 6.49 -6.90 -8.59
N PHE A 59 5.19 -7.04 -8.41
CA PHE A 59 4.56 -8.34 -8.25
C PHE A 59 5.01 -9.29 -9.35
N CYS A 60 5.13 -8.78 -10.57
CA CYS A 60 5.56 -9.58 -11.70
C CYS A 60 7.06 -9.45 -11.94
N ASP A 61 7.79 -9.15 -10.86
CA ASP A 61 9.24 -9.00 -10.94
C ASP A 61 9.93 -9.80 -9.84
N LEU A 62 9.44 -9.64 -8.61
CA LEU A 62 10.01 -10.34 -7.47
C LEU A 62 9.81 -11.85 -7.59
N TYR A 63 8.55 -12.25 -7.77
CA TYR A 63 8.22 -13.67 -7.90
C TYR A 63 8.34 -14.12 -9.35
N ALA A 64 7.57 -13.49 -10.22
CA ALA A 64 7.59 -13.81 -11.64
C ALA A 64 8.84 -13.29 -12.32
N SER A 65 9.57 -14.18 -12.98
CA SER A 65 10.80 -13.81 -13.67
C SER A 65 11.05 -14.71 -14.87
N GLY A 66 11.67 -14.16 -15.90
CA GLY A 66 11.96 -14.93 -17.09
C GLY A 66 13.26 -14.51 -17.77
N PRO A 67 14.39 -14.86 -17.15
CA PRO A 67 15.72 -14.52 -17.67
C PRO A 67 16.06 -15.30 -18.94
N SER A 68 15.12 -16.14 -19.38
CA SER A 68 15.33 -16.93 -20.59
C SER A 68 14.92 -16.15 -21.83
N SER A 69 15.87 -15.43 -22.40
CA SER A 69 15.61 -14.63 -23.60
C SER A 69 16.63 -14.94 -24.69
N GLY A 70 16.14 -15.10 -25.92
CA GLY A 70 17.02 -15.40 -27.04
C GLY A 70 17.31 -16.88 -27.16
ZN ZN B . 1.07 7.34 7.53
ZN ZN C . 6.58 -1.87 -6.70
N GLY A 1 -8.46 11.20 25.68
CA GLY A 1 -9.31 12.38 25.64
C GLY A 1 -10.43 12.25 24.63
N SER A 2 -10.12 11.73 23.46
CA SER A 2 -11.11 11.56 22.40
C SER A 2 -11.06 10.14 21.84
N SER A 3 -12.24 9.56 21.64
CA SER A 3 -12.33 8.20 21.11
C SER A 3 -13.22 8.16 19.88
N GLY A 4 -12.64 7.75 18.75
CA GLY A 4 -13.39 7.67 17.51
C GLY A 4 -12.76 8.50 16.41
N SER A 5 -11.72 7.97 15.78
CA SER A 5 -11.03 8.67 14.71
C SER A 5 -10.40 7.69 13.74
N SER A 6 -9.83 8.21 12.65
CA SER A 6 -9.19 7.38 11.64
C SER A 6 -7.80 7.90 11.31
N GLY A 7 -6.80 7.34 11.98
CA GLY A 7 -5.42 7.76 11.74
C GLY A 7 -4.59 6.68 11.07
N CYS A 8 -3.75 7.09 10.13
CA CYS A 8 -2.90 6.16 9.42
C CYS A 8 -2.28 5.13 10.37
N VAL A 9 -2.13 3.90 9.90
CA VAL A 9 -1.55 2.84 10.71
C VAL A 9 -0.07 2.65 10.39
N GLN A 10 0.32 3.04 9.18
CA GLN A 10 1.71 2.91 8.75
C GLN A 10 2.63 3.72 9.65
N CYS A 11 2.50 5.05 9.59
CA CYS A 11 3.33 5.94 10.40
C CYS A 11 2.64 6.25 11.73
N LYS A 12 1.37 5.91 11.82
CA LYS A 12 0.60 6.16 13.04
C LYS A 12 0.29 7.65 13.20
N LYS A 13 -0.23 8.26 12.13
CA LYS A 13 -0.57 9.67 12.15
C LYS A 13 -2.02 9.89 11.74
N PRO A 14 -2.57 11.06 12.09
CA PRO A 14 -3.95 11.42 11.76
C PRO A 14 -4.14 11.67 10.27
N ILE A 15 -5.35 11.40 9.78
CA ILE A 15 -5.65 11.61 8.36
C ILE A 15 -6.81 12.58 8.19
N THR A 16 -6.50 13.80 7.74
CA THR A 16 -7.51 14.82 7.54
C THR A 16 -7.94 14.88 6.07
N THR A 17 -6.99 14.66 5.17
CA THR A 17 -7.27 14.70 3.74
C THR A 17 -6.33 13.77 2.98
N GLY A 18 -6.83 13.19 1.89
CA GLY A 18 -6.03 12.28 1.09
C GLY A 18 -5.64 11.03 1.85
N GLY A 19 -6.58 10.11 2.00
CA GLY A 19 -6.32 8.88 2.71
C GLY A 19 -7.01 7.69 2.08
N VAL A 20 -6.73 6.50 2.60
CA VAL A 20 -7.33 5.27 2.08
C VAL A 20 -7.52 4.25 3.20
N THR A 21 -7.97 3.06 2.82
CA THR A 21 -8.20 1.99 3.78
C THR A 21 -7.75 0.64 3.22
N TYR A 22 -7.24 -0.22 4.10
CA TYR A 22 -6.78 -1.54 3.69
C TYR A 22 -6.83 -2.53 4.85
N ARG A 23 -7.65 -3.55 4.72
CA ARG A 23 -7.80 -4.56 5.76
C ARG A 23 -8.42 -3.96 7.02
N GLU A 24 -9.49 -3.19 6.84
CA GLU A 24 -10.18 -2.56 7.95
C GLU A 24 -9.23 -1.65 8.73
N GLN A 25 -8.32 -1.00 8.01
CA GLN A 25 -7.35 -0.10 8.62
C GLN A 25 -7.04 1.08 7.70
N PRO A 26 -6.89 2.28 8.29
CA PRO A 26 -6.59 3.50 7.54
C PRO A 26 -5.17 3.49 6.98
N TRP A 27 -4.96 4.27 5.93
CA TRP A 27 -3.65 4.36 5.28
C TRP A 27 -3.50 5.66 4.52
N HIS A 28 -2.34 6.30 4.66
CA HIS A 28 -2.07 7.56 3.99
C HIS A 28 -1.85 7.34 2.49
N LYS A 29 -2.30 8.29 1.68
CA LYS A 29 -2.14 8.20 0.23
C LYS A 29 -0.67 8.13 -0.15
N GLU A 30 0.21 8.34 0.83
CA GLU A 30 1.65 8.30 0.59
C GLU A 30 2.29 7.13 1.33
N CYS A 31 1.56 6.58 2.30
CA CYS A 31 2.06 5.45 3.09
C CYS A 31 1.66 4.13 2.44
N PHE A 32 0.49 4.11 1.82
CA PHE A 32 0.00 2.91 1.16
C PHE A 32 0.72 2.67 -0.16
N VAL A 33 2.05 2.71 -0.12
CA VAL A 33 2.86 2.50 -1.30
C VAL A 33 3.39 1.07 -1.36
N CYS A 34 4.17 0.77 -2.39
CA CYS A 34 4.74 -0.56 -2.56
C CYS A 34 5.71 -0.88 -1.44
N THR A 35 6.11 -2.15 -1.36
CA THR A 35 7.04 -2.60 -0.33
C THR A 35 8.42 -2.83 -0.91
N ALA A 36 8.55 -2.71 -2.22
CA ALA A 36 9.82 -2.90 -2.91
C ALA A 36 10.28 -1.62 -3.59
N CYS A 37 9.32 -0.87 -4.12
CA CYS A 37 9.63 0.39 -4.81
C CYS A 37 8.92 1.56 -4.14
N ARG A 38 8.23 1.28 -3.03
CA ARG A 38 7.51 2.31 -2.30
C ARG A 38 6.76 3.24 -3.26
N LYS A 39 6.00 2.63 -4.17
CA LYS A 39 5.23 3.40 -5.14
C LYS A 39 3.79 3.53 -4.70
N GLN A 40 3.30 4.77 -4.65
CA GLN A 40 1.92 5.04 -4.25
C GLN A 40 0.96 4.04 -4.90
N LEU A 41 0.26 3.27 -4.07
CA LEU A 41 -0.69 2.29 -4.57
C LEU A 41 -2.12 2.75 -4.35
N SER A 42 -2.32 4.06 -4.39
CA SER A 42 -3.65 4.64 -4.19
C SER A 42 -4.33 4.92 -5.53
N GLY A 43 -3.64 5.66 -6.39
CA GLY A 43 -4.18 5.99 -7.69
C GLY A 43 -3.81 4.97 -8.75
N GLN A 44 -3.75 3.70 -8.36
CA GLN A 44 -3.41 2.63 -9.28
C GLN A 44 -3.74 1.27 -8.68
N ARG A 45 -3.62 0.21 -9.49
CA ARG A 45 -3.91 -1.14 -9.03
C ARG A 45 -2.90 -1.59 -7.98
N PHE A 46 -3.30 -2.55 -7.16
CA PHE A 46 -2.42 -3.07 -6.11
C PHE A 46 -2.90 -4.43 -5.63
N THR A 47 -1.99 -5.40 -5.62
CA THR A 47 -2.31 -6.75 -5.18
C THR A 47 -1.35 -7.23 -4.09
N ALA A 48 -1.91 -7.73 -3.01
CA ALA A 48 -1.09 -8.23 -1.90
C ALA A 48 -0.81 -9.72 -2.05
N ARG A 49 0.42 -10.13 -1.73
CA ARG A 49 0.81 -11.53 -1.82
C ARG A 49 0.45 -12.29 -0.56
N ASP A 50 0.83 -11.75 0.59
CA ASP A 50 0.54 -12.37 1.87
C ASP A 50 0.02 -11.35 2.88
N ASP A 51 0.91 -10.43 3.28
CA ASP A 51 0.54 -9.40 4.25
C ASP A 51 0.78 -8.02 3.66
N PHE A 52 1.92 -7.84 3.01
CA PHE A 52 2.27 -6.56 2.40
C PHE A 52 1.76 -6.47 0.97
N ALA A 53 1.74 -5.26 0.42
CA ALA A 53 1.28 -5.04 -0.94
C ALA A 53 2.44 -4.81 -1.89
N TYR A 54 2.32 -5.35 -3.10
CA TYR A 54 3.38 -5.20 -4.11
C TYR A 54 2.79 -4.81 -5.46
N CYS A 55 2.96 -3.55 -5.83
CA CYS A 55 2.45 -3.05 -7.10
C CYS A 55 2.63 -4.09 -8.21
N LEU A 56 1.67 -4.16 -9.12
CA LEU A 56 1.72 -5.11 -10.23
C LEU A 56 3.17 -5.35 -10.67
N ASN A 57 3.82 -4.29 -11.13
CA ASN A 57 5.21 -4.38 -11.58
C ASN A 57 6.00 -5.31 -10.66
N CYS A 58 6.24 -4.86 -9.44
CA CYS A 58 7.00 -5.64 -8.47
C CYS A 58 6.43 -7.06 -8.35
N PHE A 59 5.12 -7.16 -8.14
CA PHE A 59 4.46 -8.45 -8.01
C PHE A 59 4.92 -9.40 -9.10
N CYS A 60 4.90 -8.93 -10.34
CA CYS A 60 5.32 -9.75 -11.48
C CYS A 60 6.81 -9.61 -11.73
N ASP A 61 7.56 -9.33 -10.67
CA ASP A 61 9.01 -9.18 -10.77
C ASP A 61 9.71 -9.99 -9.69
N LEU A 62 9.33 -9.77 -8.44
CA LEU A 62 9.93 -10.48 -7.31
C LEU A 62 9.68 -11.98 -7.42
N TYR A 63 8.42 -12.36 -7.50
CA TYR A 63 8.05 -13.77 -7.60
C TYR A 63 8.13 -14.25 -9.05
N ALA A 64 7.47 -13.52 -9.95
CA ALA A 64 7.47 -13.87 -11.36
C ALA A 64 8.74 -13.37 -12.05
N SER A 65 9.17 -14.10 -13.06
CA SER A 65 10.38 -13.74 -13.80
C SER A 65 10.04 -12.91 -15.03
N GLY A 66 9.13 -11.95 -14.85
CA GLY A 66 8.72 -11.10 -15.95
C GLY A 66 7.92 -11.84 -17.00
N PRO A 67 8.24 -11.59 -18.29
CA PRO A 67 7.55 -12.24 -19.41
C PRO A 67 7.88 -13.72 -19.52
N SER A 68 6.86 -14.56 -19.43
CA SER A 68 7.04 -16.00 -19.52
C SER A 68 6.95 -16.47 -20.96
N SER A 69 8.08 -16.51 -21.65
CA SER A 69 8.13 -16.95 -23.04
C SER A 69 9.51 -17.48 -23.39
N GLY A 70 9.55 -18.71 -23.91
CA GLY A 70 10.81 -19.32 -24.28
C GLY A 70 10.80 -20.83 -24.09
ZN ZN B . 1.00 7.58 7.29
ZN ZN C . 6.56 -1.97 -6.64
N GLY A 1 -21.89 13.79 17.33
CA GLY A 1 -21.91 14.76 16.25
C GLY A 1 -20.53 15.30 15.93
N SER A 2 -19.65 14.42 15.45
CA SER A 2 -18.28 14.82 15.12
C SER A 2 -17.57 13.69 14.37
N SER A 3 -16.56 14.06 13.60
CA SER A 3 -15.80 13.10 12.82
C SER A 3 -15.31 11.95 13.71
N GLY A 4 -14.80 10.89 13.08
CA GLY A 4 -14.31 9.76 13.84
C GLY A 4 -12.80 9.73 13.95
N SER A 5 -12.29 8.87 14.82
CA SER A 5 -10.85 8.76 15.02
C SER A 5 -10.23 7.79 14.01
N SER A 6 -9.77 8.32 12.88
CA SER A 6 -9.17 7.51 11.84
C SER A 6 -7.75 8.00 11.54
N GLY A 7 -6.77 7.34 12.13
CA GLY A 7 -5.38 7.72 11.91
C GLY A 7 -4.59 6.64 11.20
N CYS A 8 -3.71 7.05 10.29
CA CYS A 8 -2.89 6.09 9.54
C CYS A 8 -2.30 5.04 10.47
N VAL A 9 -2.21 3.81 9.97
CA VAL A 9 -1.67 2.70 10.75
C VAL A 9 -0.19 2.48 10.43
N GLN A 10 0.23 2.90 9.24
CA GLN A 10 1.62 2.74 8.82
C GLN A 10 2.55 3.48 9.75
N CYS A 11 2.47 4.81 9.74
CA CYS A 11 3.31 5.64 10.59
C CYS A 11 2.62 5.93 11.93
N LYS A 12 1.33 5.61 11.99
CA LYS A 12 0.55 5.84 13.21
C LYS A 12 0.30 7.33 13.42
N LYS A 13 -0.18 8.00 12.39
CA LYS A 13 -0.47 9.42 12.46
C LYS A 13 -1.90 9.72 12.03
N PRO A 14 -2.41 10.90 12.42
CA PRO A 14 -3.77 11.32 12.08
C PRO A 14 -3.93 11.62 10.60
N ILE A 15 -5.15 11.43 10.09
CA ILE A 15 -5.43 11.69 8.68
C ILE A 15 -6.54 12.73 8.53
N THR A 16 -6.18 13.88 7.96
CA THR A 16 -7.14 14.95 7.74
C THR A 16 -7.60 15.01 6.29
N THR A 17 -6.64 15.15 5.38
CA THR A 17 -6.95 15.21 3.96
C THR A 17 -6.11 14.22 3.17
N GLY A 18 -6.70 13.65 2.13
CA GLY A 18 -5.99 12.68 1.30
C GLY A 18 -5.64 11.42 2.07
N GLY A 19 -6.57 10.49 2.13
CA GLY A 19 -6.33 9.24 2.84
C GLY A 19 -6.98 8.05 2.17
N VAL A 20 -6.64 6.85 2.61
CA VAL A 20 -7.20 5.63 2.06
C VAL A 20 -7.41 4.57 3.13
N THR A 21 -7.86 3.39 2.71
CA THR A 21 -8.10 2.29 3.64
C THR A 21 -7.64 0.96 3.06
N TYR A 22 -7.21 0.05 3.93
CA TYR A 22 -6.74 -1.26 3.50
C TYR A 22 -6.89 -2.28 4.62
N ARG A 23 -7.74 -3.27 4.40
CA ARG A 23 -7.98 -4.31 5.40
C ARG A 23 -8.65 -3.74 6.64
N GLU A 24 -9.68 -2.94 6.44
CA GLU A 24 -10.40 -2.32 7.55
C GLU A 24 -9.47 -1.46 8.40
N GLN A 25 -8.51 -0.80 7.74
CA GLN A 25 -7.55 0.04 8.43
C GLN A 25 -7.18 1.26 7.57
N PRO A 26 -7.01 2.41 8.23
CA PRO A 26 -6.66 3.66 7.55
C PRO A 26 -5.23 3.65 7.01
N TRP A 27 -4.99 4.44 5.98
CA TRP A 27 -3.66 4.51 5.36
C TRP A 27 -3.47 5.85 4.65
N HIS A 28 -2.29 6.44 4.80
CA HIS A 28 -1.97 7.71 4.18
C HIS A 28 -1.74 7.53 2.67
N LYS A 29 -2.08 8.54 1.90
CA LYS A 29 -1.90 8.51 0.45
C LYS A 29 -0.42 8.41 0.09
N GLU A 30 0.44 8.49 1.11
CA GLU A 30 1.88 8.42 0.88
C GLU A 30 2.48 7.23 1.64
N CYS A 31 1.68 6.60 2.48
CA CYS A 31 2.12 5.46 3.25
C CYS A 31 1.70 4.16 2.59
N PHE A 32 0.55 4.18 1.92
CA PHE A 32 0.03 2.99 1.25
C PHE A 32 0.75 2.77 -0.08
N VAL A 33 2.08 2.86 -0.04
CA VAL A 33 2.90 2.68 -1.24
C VAL A 33 3.38 1.24 -1.34
N CYS A 34 4.12 0.94 -2.41
CA CYS A 34 4.65 -0.40 -2.63
C CYS A 34 5.63 -0.77 -1.53
N THR A 35 5.99 -2.06 -1.46
CA THR A 35 6.92 -2.55 -0.46
C THR A 35 8.29 -2.81 -1.06
N ALA A 36 8.41 -2.62 -2.37
CA ALA A 36 9.67 -2.83 -3.07
C ALA A 36 10.15 -1.53 -3.72
N CYS A 37 9.22 -0.78 -4.29
CA CYS A 37 9.56 0.48 -4.95
C CYS A 37 8.92 1.67 -4.21
N ARG A 38 8.08 1.36 -3.24
CA ARG A 38 7.42 2.40 -2.46
C ARG A 38 6.64 3.35 -3.37
N LYS A 39 5.87 2.78 -4.29
CA LYS A 39 5.08 3.58 -5.22
C LYS A 39 3.66 3.75 -4.72
N GLN A 40 3.12 4.96 -4.88
CA GLN A 40 1.76 5.27 -4.44
C GLN A 40 0.75 4.36 -5.13
N LEU A 41 0.18 3.44 -4.37
CA LEU A 41 -0.82 2.51 -4.91
C LEU A 41 -2.22 3.06 -4.75
N SER A 42 -2.32 4.32 -4.36
CA SER A 42 -3.61 4.97 -4.18
C SER A 42 -4.23 5.37 -5.53
N GLY A 43 -4.88 4.41 -6.17
CA GLY A 43 -5.50 4.66 -7.45
C GLY A 43 -5.34 3.51 -8.42
N GLN A 44 -4.11 3.02 -8.54
CA GLN A 44 -3.81 1.91 -9.44
C GLN A 44 -4.17 0.58 -8.79
N ARG A 45 -4.38 -0.44 -9.62
CA ARG A 45 -4.72 -1.77 -9.14
C ARG A 45 -3.51 -2.46 -8.53
N PHE A 46 -3.72 -3.19 -7.44
CA PHE A 46 -2.64 -3.90 -6.76
C PHE A 46 -3.11 -5.26 -6.27
N THR A 47 -2.16 -6.09 -5.84
CA THR A 47 -2.48 -7.42 -5.34
C THR A 47 -1.47 -7.86 -4.28
N ALA A 48 -1.94 -8.02 -3.05
CA ALA A 48 -1.08 -8.44 -1.95
C ALA A 48 -0.74 -9.92 -2.06
N ARG A 49 0.46 -10.28 -1.62
CA ARG A 49 0.91 -11.67 -1.66
C ARG A 49 0.59 -12.39 -0.36
N ASP A 50 0.99 -11.80 0.75
CA ASP A 50 0.74 -12.38 2.07
C ASP A 50 0.15 -11.34 3.02
N ASP A 51 0.93 -10.30 3.30
CA ASP A 51 0.49 -9.24 4.20
C ASP A 51 0.69 -7.87 3.57
N PHE A 52 1.83 -7.70 2.89
CA PHE A 52 2.15 -6.43 2.25
C PHE A 52 1.61 -6.41 0.81
N ALA A 53 1.67 -5.23 0.19
CA ALA A 53 1.20 -5.08 -1.18
C ALA A 53 2.35 -4.77 -2.12
N TYR A 54 2.27 -5.31 -3.33
CA TYR A 54 3.32 -5.11 -4.33
C TYR A 54 2.71 -4.78 -5.70
N CYS A 55 3.04 -3.60 -6.21
CA CYS A 55 2.52 -3.17 -7.51
C CYS A 55 2.83 -4.19 -8.59
N LEU A 56 1.88 -4.40 -9.49
CA LEU A 56 2.04 -5.36 -10.58
C LEU A 56 3.51 -5.47 -10.99
N ASN A 57 4.12 -4.32 -11.29
CA ASN A 57 5.52 -4.27 -11.69
C ASN A 57 6.37 -5.15 -10.78
N CYS A 58 6.49 -4.76 -9.52
CA CYS A 58 7.28 -5.50 -8.54
C CYS A 58 6.76 -6.92 -8.39
N PHE A 59 5.45 -7.05 -8.22
CA PHE A 59 4.82 -8.36 -8.06
C PHE A 59 5.34 -9.34 -9.12
N CYS A 60 5.43 -8.88 -10.36
CA CYS A 60 5.91 -9.71 -11.45
C CYS A 60 7.42 -9.62 -11.58
N ASP A 61 8.09 -9.36 -10.46
CA ASP A 61 9.55 -9.24 -10.45
C ASP A 61 10.15 -10.01 -9.27
N LEU A 62 9.55 -9.84 -8.10
CA LEU A 62 10.02 -10.52 -6.89
C LEU A 62 9.76 -12.01 -6.98
N TYR A 63 8.49 -12.38 -7.11
CA TYR A 63 8.10 -13.79 -7.19
C TYR A 63 8.06 -14.25 -8.64
N ALA A 64 7.16 -13.66 -9.42
CA ALA A 64 7.02 -14.01 -10.83
C ALA A 64 8.30 -13.71 -11.60
N SER A 65 8.65 -14.59 -12.54
CA SER A 65 9.86 -14.41 -13.34
C SER A 65 9.74 -15.18 -14.66
N GLY A 66 10.65 -14.90 -15.58
CA GLY A 66 10.64 -15.57 -16.87
C GLY A 66 11.67 -16.69 -16.94
N PRO A 67 11.87 -17.22 -18.15
CA PRO A 67 12.83 -18.31 -18.39
C PRO A 67 14.27 -17.85 -18.24
N SER A 68 14.49 -16.54 -18.35
CA SER A 68 15.83 -15.97 -18.22
C SER A 68 16.03 -15.35 -16.84
N SER A 69 16.52 -16.15 -15.90
CA SER A 69 16.75 -15.68 -14.55
C SER A 69 18.16 -15.09 -14.41
N GLY A 70 18.57 -14.32 -15.40
CA GLY A 70 19.89 -13.72 -15.38
C GLY A 70 20.95 -14.65 -14.80
ZN ZN B . 1.06 7.48 7.52
ZN ZN C . 6.45 -1.81 -6.70
N GLY A 1 -14.69 3.91 13.85
CA GLY A 1 -15.70 3.65 12.85
C GLY A 1 -16.36 4.92 12.36
N SER A 2 -17.68 5.02 12.56
CA SER A 2 -18.42 6.19 12.13
C SER A 2 -18.21 7.36 13.08
N SER A 3 -18.34 7.09 14.38
CA SER A 3 -18.15 8.13 15.39
C SER A 3 -16.86 7.90 16.17
N GLY A 4 -15.74 8.30 15.57
CA GLY A 4 -14.46 8.13 16.20
C GLY A 4 -13.35 8.85 15.47
N SER A 5 -12.16 8.24 15.43
CA SER A 5 -11.02 8.82 14.75
C SER A 5 -10.39 7.82 13.78
N SER A 6 -9.89 8.34 12.66
CA SER A 6 -9.27 7.50 11.64
C SER A 6 -7.85 7.98 11.33
N GLY A 7 -6.87 7.40 12.00
CA GLY A 7 -5.49 7.78 11.78
C GLY A 7 -4.68 6.69 11.11
N CYS A 8 -3.81 7.09 10.19
CA CYS A 8 -2.98 6.14 9.45
C CYS A 8 -2.40 5.09 10.41
N VAL A 9 -2.28 3.86 9.92
CA VAL A 9 -1.74 2.77 10.71
C VAL A 9 -0.26 2.55 10.41
N GLN A 10 0.16 2.96 9.21
CA GLN A 10 1.55 2.79 8.80
C GLN A 10 2.48 3.56 9.73
N CYS A 11 2.38 4.88 9.70
CA CYS A 11 3.22 5.74 10.54
C CYS A 11 2.53 6.04 11.87
N LYS A 12 1.23 5.76 11.93
CA LYS A 12 0.46 5.99 13.14
C LYS A 12 0.18 7.48 13.33
N LYS A 13 -0.28 8.14 12.26
CA LYS A 13 -0.59 9.56 12.31
C LYS A 13 -2.02 9.82 11.87
N PRO A 14 -2.54 11.01 12.23
CA PRO A 14 -3.91 11.41 11.89
C PRO A 14 -4.07 11.68 10.39
N ILE A 15 -5.28 11.46 9.88
CA ILE A 15 -5.57 11.70 8.47
C ILE A 15 -6.68 12.71 8.29
N THR A 16 -6.34 13.86 7.73
CA THR A 16 -7.32 14.92 7.50
C THR A 16 -7.78 14.93 6.04
N THR A 17 -6.82 15.06 5.13
CA THR A 17 -7.14 15.08 3.70
C THR A 17 -6.29 14.09 2.93
N GLY A 18 -6.85 13.52 1.87
CA GLY A 18 -6.12 12.56 1.06
C GLY A 18 -5.74 11.31 1.85
N GLY A 19 -6.68 10.38 1.95
CA GLY A 19 -6.43 9.15 2.69
C GLY A 19 -7.07 7.94 2.04
N VAL A 20 -6.72 6.75 2.53
CA VAL A 20 -7.27 5.51 1.99
C VAL A 20 -7.48 4.49 3.08
N THR A 21 -7.88 3.28 2.69
CA THR A 21 -8.12 2.21 3.64
C THR A 21 -7.69 0.86 3.07
N TYR A 22 -7.16 -0.01 3.93
CA TYR A 22 -6.72 -1.33 3.50
C TYR A 22 -6.84 -2.33 4.64
N ARG A 23 -7.68 -3.34 4.45
CA ARG A 23 -7.88 -4.37 5.46
C ARG A 23 -8.57 -3.79 6.70
N GLU A 24 -9.64 -3.03 6.48
CA GLU A 24 -10.37 -2.42 7.58
C GLU A 24 -9.45 -1.53 8.42
N GLN A 25 -8.51 -0.86 7.76
CA GLN A 25 -7.57 0.02 8.45
C GLN A 25 -7.22 1.22 7.58
N PRO A 26 -7.04 2.39 8.22
CA PRO A 26 -6.70 3.63 7.53
C PRO A 26 -5.28 3.61 6.98
N TRP A 27 -5.05 4.39 5.92
CA TRP A 27 -3.73 4.46 5.31
C TRP A 27 -3.56 5.79 4.57
N HIS A 28 -2.38 6.39 4.71
CA HIS A 28 -2.08 7.66 4.06
C HIS A 28 -1.84 7.46 2.56
N LYS A 29 -2.19 8.47 1.78
CA LYS A 29 -2.02 8.40 0.33
C LYS A 29 -0.55 8.30 -0.04
N GLU A 30 0.32 8.40 0.96
CA GLU A 30 1.75 8.32 0.74
C GLU A 30 2.36 7.13 1.48
N CYS A 31 1.59 6.57 2.40
CA CYS A 31 2.04 5.42 3.18
C CYS A 31 1.63 4.12 2.51
N PHE A 32 0.46 4.12 1.88
CA PHE A 32 -0.04 2.94 1.20
C PHE A 32 0.70 2.70 -0.12
N VAL A 33 2.03 2.74 -0.06
CA VAL A 33 2.85 2.53 -1.24
C VAL A 33 3.40 1.11 -1.29
N CYS A 34 4.08 0.78 -2.38
CA CYS A 34 4.65 -0.55 -2.55
C CYS A 34 5.69 -0.84 -1.47
N THR A 35 6.07 -2.10 -1.34
CA THR A 35 7.05 -2.51 -0.35
C THR A 35 8.40 -2.82 -0.99
N ALA A 36 8.45 -2.70 -2.32
CA ALA A 36 9.68 -2.97 -3.06
C ALA A 36 10.19 -1.71 -3.74
N CYS A 37 9.27 -0.85 -4.17
CA CYS A 37 9.63 0.39 -4.84
C CYS A 37 9.04 1.58 -4.11
N ARG A 38 8.09 1.33 -3.22
CA ARG A 38 7.44 2.39 -2.46
C ARG A 38 6.62 3.29 -3.36
N LYS A 39 5.85 2.68 -4.26
CA LYS A 39 5.01 3.44 -5.19
C LYS A 39 3.61 3.65 -4.62
N GLN A 40 3.16 4.90 -4.63
CA GLN A 40 1.83 5.23 -4.11
C GLN A 40 0.76 4.39 -4.79
N LEU A 41 0.33 3.33 -4.11
CA LEU A 41 -0.70 2.45 -4.64
C LEU A 41 -2.09 3.01 -4.38
N SER A 42 -2.21 4.33 -4.48
CA SER A 42 -3.49 5.00 -4.25
C SER A 42 -4.27 5.13 -5.55
N GLY A 43 -3.56 5.47 -6.63
CA GLY A 43 -4.21 5.62 -7.93
C GLY A 43 -4.24 4.32 -8.71
N GLN A 44 -3.17 3.55 -8.62
CA GLN A 44 -3.08 2.28 -9.33
C GLN A 44 -3.48 1.12 -8.43
N ARG A 45 -3.97 0.04 -9.04
CA ARG A 45 -4.40 -1.13 -8.28
C ARG A 45 -3.24 -1.71 -7.47
N PHE A 46 -3.53 -2.73 -6.67
CA PHE A 46 -2.52 -3.36 -5.84
C PHE A 46 -2.93 -4.78 -5.46
N THR A 47 -1.95 -5.68 -5.39
CA THR A 47 -2.22 -7.06 -5.03
C THR A 47 -1.19 -7.59 -4.04
N ALA A 48 -1.65 -7.92 -2.83
CA ALA A 48 -0.76 -8.43 -1.80
C ALA A 48 -0.47 -9.91 -2.01
N ARG A 49 0.76 -10.32 -1.69
CA ARG A 49 1.16 -11.71 -1.85
C ARG A 49 0.89 -12.50 -0.59
N ASP A 50 1.49 -12.09 0.52
CA ASP A 50 1.31 -12.76 1.80
C ASP A 50 0.70 -11.82 2.83
N ASP A 51 1.48 -10.82 3.24
CA ASP A 51 1.01 -9.85 4.23
C ASP A 51 1.17 -8.43 3.70
N PHE A 52 2.31 -8.16 3.05
CA PHE A 52 2.60 -6.84 2.51
C PHE A 52 2.04 -6.71 1.09
N ALA A 53 1.87 -5.47 0.65
CA ALA A 53 1.35 -5.21 -0.69
C ALA A 53 2.48 -5.08 -1.71
N TYR A 54 2.12 -5.12 -2.99
CA TYR A 54 3.12 -5.02 -4.05
C TYR A 54 2.44 -4.62 -5.37
N CYS A 55 3.00 -3.60 -6.02
CA CYS A 55 2.47 -3.12 -7.29
C CYS A 55 2.66 -4.16 -8.38
N LEU A 56 1.63 -4.34 -9.22
CA LEU A 56 1.68 -5.31 -10.30
C LEU A 56 3.09 -5.40 -10.87
N ASN A 57 3.70 -4.26 -11.13
CA ASN A 57 5.07 -4.23 -11.67
C ASN A 57 6.00 -5.10 -10.85
N CYS A 58 6.00 -4.89 -9.54
CA CYS A 58 6.85 -5.66 -8.64
C CYS A 58 6.33 -7.09 -8.47
N PHE A 59 5.02 -7.21 -8.25
CA PHE A 59 4.40 -8.52 -8.08
C PHE A 59 4.79 -9.46 -9.20
N CYS A 60 4.92 -8.91 -10.41
CA CYS A 60 5.28 -9.71 -11.57
C CYS A 60 6.78 -9.60 -11.86
N ASP A 61 7.56 -9.33 -10.80
CA ASP A 61 9.00 -9.20 -10.94
C ASP A 61 9.72 -9.95 -9.82
N LEU A 62 9.23 -9.80 -8.59
CA LEU A 62 9.82 -10.46 -7.44
C LEU A 62 9.62 -11.96 -7.52
N TYR A 63 8.38 -12.40 -7.36
CA TYR A 63 8.05 -13.82 -7.40
C TYR A 63 8.11 -14.35 -8.84
N ALA A 64 7.20 -13.86 -9.67
CA ALA A 64 7.15 -14.28 -11.07
C ALA A 64 8.40 -13.83 -11.83
N SER A 65 9.43 -14.67 -11.82
CA SER A 65 10.67 -14.36 -12.50
C SER A 65 10.70 -14.97 -13.90
N GLY A 66 11.03 -14.14 -14.90
CA GLY A 66 11.08 -14.62 -16.26
C GLY A 66 12.29 -15.49 -16.52
N PRO A 67 12.71 -15.57 -17.80
CA PRO A 67 13.86 -16.39 -18.20
C PRO A 67 15.18 -15.80 -17.72
N SER A 68 15.10 -14.70 -16.98
CA SER A 68 16.29 -14.03 -16.45
C SER A 68 16.12 -13.72 -14.97
N SER A 69 16.92 -14.38 -14.14
CA SER A 69 16.87 -14.18 -12.70
C SER A 69 17.69 -12.97 -12.29
N GLY A 70 17.34 -12.38 -11.15
CA GLY A 70 18.06 -11.21 -10.66
C GLY A 70 17.45 -10.64 -9.40
ZN ZN B . 0.98 7.50 7.41
ZN ZN C . 6.51 -1.99 -6.59
#